data_8AS6
#
_entry.id   8AS6
#
_cell.length_a   1.00
_cell.length_b   1.00
_cell.length_c   1.00
_cell.angle_alpha   90.00
_cell.angle_beta   90.00
_cell.angle_gamma   90.00
#
_symmetry.space_group_name_H-M   'P 1'
#
loop_
_entity.id
_entity.type
_entity.pdbx_description
1 polymer 'RNA-dependent RNA-polymerase L protein'
2 polymer "RNA (5'-R(*AP*CP*AP*CP*AP*GP*AP*GP*AP*CP*GP*CP*CP*C)-3')"
#
loop_
_entity_poly.entity_id
_entity_poly.type
_entity_poly.pdbx_seq_one_letter_code
_entity_poly.pdbx_strand_id
1 'polypeptide(L)'
;MNLEVLCGRINVENGLSLGEPGLYDQIYDRPGLPDLDVTVDATGVTVDIGAVPDSASQLGSSINAGLITIQLSEAYKINH
DFTFSGLSKTTDRRLSEVFPITHDGSDGMTPAVIHTRLDGTIVVVEFSTTRSHNIGGLEAAYRTKIEKYRDPISRRVDIM
ENPRVFFGVIVVSSGGVLSNMPLTQDEAEELMYRFCIANEIYTKARSMDADIELQKSEEELEAISRALSFFSLFEPNIER
VEGTFPNSEIKMLEQFLSTPADVDFITKTLKAKEVEAYADLCDSHYLKPEKTIQERLEINRCEAIDKTQDLLAGLHARSN
KQTSLNRGTVKLPPWLPKPSSESIDIKTDSGFGSLMDHGAYGELWAKCLLDVSLGNVEGVVSDPAKELDIAISDDPEKDT
PKEAKITYRRFKPALSSSARQEFSLQGVEGKKWKRMAANQKKEKESHETLSPFLDVEDIGDFLTFNNLLTDSRYGDESIQ
RAVSILLEKASAMQDTELTHALNDSFKRNLSSNVVQWSLWVSCLAQELASALKQHCRAGEFIIKKLKFWPIYVIIKPTKS
SSHIFYSLGIRKADVTRRLTGRVFSDTIDAGEWELTEFKSLKTCKLTNLVNLPCTMLNSIAFWREKLGVAPWLVRKPCSE
LREQVGLTFLISLEDKSKTEEIITLTRYTQMEGFVSPPMLPKPQKMLGKLDGPLRTKLQVYLLRKHLDCMVRIASQPFSL
IPREGRVEWGGTFHAISGRSTNLENMVNSWYIGYYKNKEESTELNALGEMYKKIVEMEEDKPSSPEFLGWGDTDSPKKHE
FSRSFLRAACSSLEREIAQRHGRQWKQNLEERVLREIGTKNILDLASMKATSNFSKDWELYSEVQTKEYHRSKLLEKMAT
LIEKGVMWYIDAVGQAWKAVLDDGCMRICLFKKNQHGGLREIYVMDANARLVQFGVETMARCVCELSPHETVANPRLKNS
IIENHGLKSARSLGPGSININSSNDAKKWNQGHYTTKLALVLCWFMPAKFHRFIWAAISMFRRKKMMVDLRFLAHLSSKS
ESRSSDPFREAMTDAFHGNRDVSWMDKGRTYIKTETGMMQGILHFTSSLLHSCVQSFYKSYFVSKLKEGYMGESISGVVD
VIEGSDDSAIMISIRPKSDMDEVRSRFFVANLLHSVKFLNPLFGIYSSEKSTVNTVYCVEYNSEFHFHRHLVRPTLRWIA
ASHQISETEALASRQEDYSNLLTQCLEGGASFSLTYLIQCAQLLHHYMLLGLCLHPLFGTFMGMLISDPDPALGFFLMDN
PAFAGGAGFRFNLWRACKTTDLGRKYAYYFNEIQGKTKGDEDYRALDATSGGTLSHSVMVYWGDRKKYQALLNRMGLPED
WVEQIDENPGVLYRRAANKKELLLKLAEKVHSPGVTSSLSKGHVVPRVVAAGVYLLSRHCFRFSSSIHGRGSTQKASLIK
LLMMSSISAMKHGGSLNPNQERMLFPQAQEYDRVCTLLEEVEHLTGKFVVRERNIVRSRIDLFQEPVDLRCKAEDLVSEV
WFGLKRTKLGPRLLKEEWDKLRASFAWLSTDPSETLRDGPFLSHVQFRNFIAHVDAKSRSVRLLGAPVKKSGGVTTISQV
VRMNFFPGFSLEAEKSLDNQERLESISILKHVLFMVLNGPYTEEYKLEMIIEAFSTLVIPQPSEVIRKSRTMTLCLLSNY
LSSRGGSILDQIERAQSGTLGGFSKPQKTFVRPGGGVGYKGKGVWTGVMEDTHVQILIDGDGTSNWLEEIRLSSDARLYD
VIESIRRLCDDLGINNRVASAYRGHCMVRLSGFKIKPASRTDGCPVRIMERGFRIRELQNPDEVKMRVRGDILNLSVTIQ
EGRVMNILSYRPRDTDISESAAAYLWSNRDLFSFGKKEPSCSWICLKTLDNWAWSHASVLLANDRKTQGIDNRAMGNIFR
DCLEGSLRKQGLMRSKLTEMVEKNVVPLTTQELVDILEEDIDFSDVIAVELSEGSLDIESIFDGAPILWSAEVEEFGEGV
VAVSYSSKYYHLTLMDQAAITMCAIMGKEGCRGLLTEKRCMAAIREQVRPFLIFLQIPEDSISWVSDQFCDSRGLDEEST
IMWG
;
A
2 'polyribonucleotide' ACACAGAGACGCCCAGAUGA P
#
loop_
_chem_comp.id
_chem_comp.type
_chem_comp.name
_chem_comp.formula
A RNA linking ADENOSINE-5'-MONOPHOSPHATE 'C10 H14 N5 O7 P'
C RNA linking CYTIDINE-5'-MONOPHOSPHATE 'C9 H14 N3 O8 P'
G RNA linking GUANOSINE-5'-MONOPHOSPHATE 'C10 H14 N5 O8 P'
U RNA linking URIDINE-5'-MONOPHOSPHATE 'C9 H13 N2 O9 P'
#
# COMPACT_ATOMS: atom_id res chain seq x y z
N MET A 1 2.06 -38.22 -24.92
CA MET A 1 1.67 -36.85 -25.24
C MET A 1 1.55 -36.65 -26.76
N ASN A 2 0.37 -36.25 -27.20
CA ASN A 2 0.11 -36.02 -28.62
C ASN A 2 -0.87 -34.87 -28.77
N LEU A 3 -0.76 -34.19 -29.90
CA LEU A 3 -1.61 -33.02 -30.14
C LEU A 3 -3.02 -33.43 -30.59
N GLU A 4 -3.18 -34.65 -31.10
CA GLU A 4 -4.47 -35.07 -31.64
C GLU A 4 -5.53 -35.19 -30.54
N VAL A 5 -5.15 -35.70 -29.36
CA VAL A 5 -6.09 -35.78 -28.26
C VAL A 5 -6.50 -34.39 -27.79
N LEU A 6 -5.54 -33.47 -27.71
CA LEU A 6 -5.84 -32.10 -27.32
C LEU A 6 -6.77 -31.42 -28.32
N CYS A 7 -6.54 -31.66 -29.62
CA CYS A 7 -7.40 -31.09 -30.65
C CYS A 7 -8.78 -31.75 -30.66
N GLY A 8 -8.86 -33.02 -30.24
CA GLY A 8 -10.15 -33.68 -30.18
C GLY A 8 -10.98 -33.33 -28.97
N ARG A 9 -10.33 -32.94 -27.87
CA ARG A 9 -11.05 -32.58 -26.65
C ARG A 9 -11.36 -31.10 -26.54
N ILE A 10 -10.80 -30.27 -27.43
CA ILE A 10 -11.01 -28.82 -27.31
C ILE A 10 -12.43 -28.47 -27.69
N ASN A 11 -13.00 -27.48 -27.01
CA ASN A 11 -14.36 -27.03 -27.25
C ASN A 11 -14.29 -25.83 -28.19
N VAL A 12 -14.70 -26.03 -29.45
CA VAL A 12 -14.66 -25.00 -30.47
C VAL A 12 -16.06 -24.76 -30.98
N GLU A 13 -16.48 -23.51 -31.02
CA GLU A 13 -17.77 -23.11 -31.53
C GLU A 13 -17.58 -22.30 -32.81
N ASN A 14 -18.63 -22.28 -33.64
CA ASN A 14 -18.57 -21.59 -34.92
C ASN A 14 -18.47 -20.08 -34.70
N GLY A 15 -17.68 -19.42 -35.55
CA GLY A 15 -17.45 -18.00 -35.42
C GLY A 15 -16.03 -17.68 -35.00
N LEU A 16 -15.86 -16.62 -34.22
CA LEU A 16 -14.54 -16.17 -33.75
C LEU A 16 -14.49 -16.38 -32.25
N SER A 17 -14.10 -17.59 -31.83
CA SER A 17 -13.92 -17.92 -30.43
C SER A 17 -12.44 -17.90 -30.10
N LEU A 18 -12.06 -17.11 -29.10
CA LEU A 18 -10.67 -16.94 -28.74
C LEU A 18 -10.34 -17.42 -27.33
N GLY A 19 -11.34 -17.72 -26.50
CA GLY A 19 -11.07 -18.19 -25.16
C GLY A 19 -10.48 -17.11 -24.28
N GLU A 20 -9.83 -17.55 -23.20
CA GLU A 20 -9.22 -16.64 -22.25
C GLU A 20 -7.87 -17.21 -21.85
N PRO A 21 -6.87 -16.36 -21.57
CA PRO A 21 -5.55 -16.86 -21.18
C PRO A 21 -5.59 -17.50 -19.80
N GLY A 22 -5.31 -18.79 -19.75
CA GLY A 22 -5.21 -19.52 -18.48
C GLY A 22 -3.75 -19.75 -18.12
N LEU A 23 -3.38 -19.29 -16.94
CA LEU A 23 -2.01 -19.39 -16.46
C LEU A 23 -1.85 -20.61 -15.56
N TYR A 24 -0.82 -21.40 -15.82
CA TYR A 24 -0.48 -22.56 -15.00
C TYR A 24 0.92 -22.35 -14.43
N ASP A 25 1.07 -22.69 -13.15
CA ASP A 25 2.33 -22.51 -12.43
C ASP A 25 3.06 -23.85 -12.33
N GLN A 26 4.23 -23.80 -11.69
CA GLN A 26 5.02 -24.99 -11.41
C GLN A 26 4.69 -25.43 -9.98
N ILE A 27 3.90 -26.50 -9.86
CA ILE A 27 3.46 -26.98 -8.57
C ILE A 27 4.05 -28.34 -8.19
N TYR A 28 4.61 -29.07 -9.14
CA TYR A 28 5.08 -30.43 -8.92
C TYR A 28 6.61 -30.47 -8.84
N ASP A 29 7.12 -31.49 -8.17
CA ASP A 29 8.55 -31.64 -7.95
C ASP A 29 9.18 -32.42 -9.11
N ARG A 30 10.07 -31.77 -9.84
CA ARG A 30 10.68 -32.39 -11.00
C ARG A 30 11.68 -33.47 -10.56
N PRO A 31 11.77 -34.59 -11.28
CA PRO A 31 12.48 -35.76 -10.74
C PRO A 31 13.98 -35.60 -10.64
N GLY A 32 14.65 -35.24 -11.74
CA GLY A 32 16.10 -35.25 -11.73
C GLY A 32 16.68 -34.40 -12.85
N LEU A 33 18.00 -34.47 -12.96
CA LEU A 33 18.76 -33.63 -13.88
C LEU A 33 19.39 -34.48 -14.96
N PRO A 34 19.02 -34.29 -16.23
CA PRO A 34 19.60 -35.09 -17.31
C PRO A 34 21.01 -34.67 -17.67
N ASP A 35 22.01 -35.22 -16.97
CA ASP A 35 23.41 -34.92 -17.24
C ASP A 35 23.74 -35.16 -18.70
N LEU A 36 24.42 -34.19 -19.31
CA LEU A 36 24.62 -34.20 -20.76
C LEU A 36 25.92 -33.48 -21.11
N ASP A 37 26.40 -33.74 -22.33
CA ASP A 37 27.65 -33.19 -22.82
C ASP A 37 27.40 -32.48 -24.15
N VAL A 38 28.02 -31.32 -24.31
CA VAL A 38 27.88 -30.52 -25.53
C VAL A 38 29.28 -30.20 -26.05
N THR A 39 29.51 -30.51 -27.33
CA THR A 39 30.78 -30.25 -27.99
C THR A 39 30.54 -29.40 -29.22
N VAL A 40 31.34 -28.34 -29.38
CA VAL A 40 31.19 -27.41 -30.49
C VAL A 40 32.15 -27.81 -31.60
N ASP A 41 31.60 -28.01 -32.80
CA ASP A 41 32.38 -28.28 -33.99
C ASP A 41 31.57 -27.78 -35.19
N ALA A 42 32.20 -27.82 -36.37
CA ALA A 42 31.54 -27.37 -37.58
C ALA A 42 30.42 -28.29 -38.04
N THR A 43 30.36 -29.52 -37.53
CA THR A 43 29.41 -30.51 -38.00
C THR A 43 28.11 -30.52 -37.19
N GLY A 44 27.98 -29.67 -36.18
CA GLY A 44 26.76 -29.62 -35.40
C GLY A 44 27.06 -29.23 -33.97
N VAL A 45 26.23 -29.73 -33.06
CA VAL A 45 26.35 -29.41 -31.64
C VAL A 45 26.57 -30.69 -30.83
N THR A 46 26.14 -31.82 -31.37
CA THR A 46 26.40 -33.16 -30.82
C THR A 46 26.00 -33.26 -29.34
N VAL A 47 24.71 -33.10 -29.09
CA VAL A 47 24.18 -33.16 -27.73
C VAL A 47 24.04 -34.63 -27.31
N ASP A 48 24.69 -34.99 -26.20
CA ASP A 48 24.70 -36.36 -25.69
C ASP A 48 23.90 -36.40 -24.39
N ILE A 49 22.59 -36.61 -24.51
CA ILE A 49 21.73 -36.66 -23.34
C ILE A 49 21.94 -37.99 -22.62
N GLY A 50 22.19 -37.91 -21.31
CA GLY A 50 22.39 -39.09 -20.50
C GLY A 50 21.08 -39.67 -19.99
N ALA A 51 21.22 -40.64 -19.07
CA ALA A 51 20.06 -41.28 -18.48
C ALA A 51 19.49 -40.38 -17.39
N VAL A 52 18.28 -39.87 -17.61
CA VAL A 52 17.67 -38.95 -16.66
C VAL A 52 17.27 -39.71 -15.39
N PRO A 53 17.53 -39.14 -14.21
CA PRO A 53 17.01 -39.76 -12.97
C PRO A 53 15.49 -39.79 -12.99
N ASP A 54 14.93 -40.87 -12.42
CA ASP A 54 13.49 -41.07 -12.42
C ASP A 54 13.07 -41.89 -11.19
N SER A 55 12.66 -41.20 -10.14
CA SER A 55 12.10 -41.85 -8.96
C SER A 55 10.58 -41.88 -8.97
N ALA A 56 9.94 -40.83 -9.45
CA ALA A 56 8.49 -40.79 -9.63
C ALA A 56 8.18 -40.64 -11.10
N SER A 57 7.14 -41.36 -11.55
CA SER A 57 6.77 -41.37 -12.96
C SER A 57 6.19 -40.02 -13.37
N GLN A 58 6.00 -39.86 -14.68
CA GLN A 58 5.46 -38.66 -15.31
C GLN A 58 6.36 -37.45 -15.12
N LEU A 59 6.06 -36.37 -15.84
CA LEU A 59 6.77 -35.09 -15.79
C LEU A 59 8.29 -35.28 -15.93
N GLY A 60 8.66 -35.94 -17.03
CA GLY A 60 10.07 -36.18 -17.29
C GLY A 60 10.40 -37.59 -17.77
N SER A 61 9.37 -38.35 -18.13
CA SER A 61 9.57 -39.69 -18.67
C SER A 61 9.63 -39.73 -20.19
N SER A 62 9.43 -38.59 -20.85
CA SER A 62 9.37 -38.53 -22.31
C SER A 62 10.72 -38.23 -22.96
N ILE A 63 11.79 -38.15 -22.19
CA ILE A 63 13.11 -37.83 -22.73
C ILE A 63 13.78 -39.11 -23.18
N ASN A 64 14.23 -39.13 -24.43
CA ASN A 64 14.91 -40.29 -25.02
C ASN A 64 16.40 -40.00 -25.13
N ALA A 65 17.22 -40.88 -24.57
CA ALA A 65 18.67 -40.73 -24.59
C ALA A 65 19.23 -41.16 -25.95
N GLY A 66 20.21 -40.42 -26.43
CA GLY A 66 20.84 -40.76 -27.70
C GLY A 66 21.73 -39.64 -28.18
N LEU A 67 22.14 -39.75 -29.45
CA LEU A 67 22.99 -38.77 -30.10
C LEU A 67 22.14 -38.00 -31.10
N ILE A 68 21.91 -36.71 -30.81
CA ILE A 68 21.18 -35.82 -31.69
C ILE A 68 21.98 -34.53 -31.83
N THR A 69 22.01 -33.98 -33.04
CA THR A 69 22.77 -32.78 -33.31
C THR A 69 21.98 -31.87 -34.25
N ILE A 70 22.34 -30.58 -34.22
CA ILE A 70 21.73 -29.56 -35.06
C ILE A 70 22.84 -28.80 -35.76
N GLN A 71 22.75 -28.66 -37.07
CA GLN A 71 23.75 -27.91 -37.82
C GLN A 71 23.70 -26.43 -37.43
N LEU A 72 24.80 -25.74 -37.69
CA LEU A 72 24.98 -24.38 -37.18
C LEU A 72 24.25 -23.34 -38.04
N SER A 73 22.98 -23.60 -38.33
CA SER A 73 22.10 -22.62 -38.95
C SER A 73 20.79 -22.47 -38.20
N GLU A 74 20.23 -23.57 -37.71
CA GLU A 74 19.05 -23.55 -36.82
C GLU A 74 19.48 -23.60 -35.36
N ALA A 75 20.40 -22.72 -34.97
CA ALA A 75 20.91 -22.68 -33.61
C ALA A 75 20.26 -21.60 -32.77
N TYR A 76 19.46 -20.73 -33.38
CA TYR A 76 18.76 -19.68 -32.64
C TYR A 76 17.41 -20.14 -32.11
N LYS A 77 16.95 -21.34 -32.46
CA LYS A 77 15.66 -21.85 -32.06
C LYS A 77 15.80 -23.25 -31.46
N ILE A 78 16.90 -23.49 -30.73
CA ILE A 78 17.07 -24.76 -30.04
C ILE A 78 16.00 -24.93 -28.98
N ASN A 79 15.65 -23.84 -28.28
CA ASN A 79 14.59 -23.90 -27.28
C ASN A 79 13.26 -24.28 -27.91
N HIS A 80 12.92 -23.63 -29.03
CA HIS A 80 11.68 -23.93 -29.74
C HIS A 80 11.69 -25.36 -30.28
N ASP A 81 12.82 -25.79 -30.82
CA ASP A 81 12.90 -27.12 -31.42
C ASP A 81 12.76 -28.22 -30.37
N PHE A 82 13.52 -28.13 -29.28
CA PHE A 82 13.51 -29.19 -28.29
CA PHE A 82 13.50 -29.20 -28.29
C PHE A 82 12.26 -29.15 -27.41
N THR A 83 11.75 -27.95 -27.11
CA THR A 83 10.59 -27.84 -26.23
C THR A 83 9.35 -28.49 -26.83
N PHE A 84 9.12 -28.29 -28.11
CA PHE A 84 7.93 -28.79 -28.78
C PHE A 84 8.25 -29.92 -29.77
N SER A 85 9.20 -30.79 -29.40
CA SER A 85 9.56 -31.91 -30.27
C SER A 85 8.39 -32.87 -30.45
N GLY A 86 7.67 -33.17 -29.37
CA GLY A 86 6.54 -34.06 -29.44
C GLY A 86 5.26 -33.45 -29.96
N LEU A 87 5.24 -32.14 -30.22
CA LEU A 87 4.06 -31.45 -30.70
C LEU A 87 4.20 -30.85 -32.08
N SER A 88 5.41 -30.50 -32.51
CA SER A 88 5.60 -29.86 -33.80
C SER A 88 5.45 -30.86 -34.93
N LYS A 89 4.21 -31.11 -35.34
CA LYS A 89 3.95 -32.02 -36.45
C LYS A 89 4.44 -31.40 -37.76
N THR A 90 5.04 -32.24 -38.61
CA THR A 90 5.59 -31.79 -39.88
C THR A 90 4.47 -31.81 -40.92
N THR A 91 3.60 -30.81 -40.84
CA THR A 91 2.52 -30.65 -41.81
C THR A 91 2.72 -29.47 -42.75
N ASP A 92 3.27 -28.36 -42.24
CA ASP A 92 3.70 -27.20 -43.05
C ASP A 92 2.59 -26.69 -43.96
N ARG A 93 1.38 -26.59 -43.41
CA ARG A 93 0.25 -26.10 -44.19
C ARG A 93 0.29 -24.59 -44.24
N ARG A 94 0.57 -24.05 -45.43
CA ARG A 94 0.50 -22.61 -45.65
C ARG A 94 -0.97 -22.17 -45.62
N LEU A 95 -1.19 -20.88 -45.34
CA LEU A 95 -2.54 -20.36 -45.22
C LEU A 95 -3.31 -20.43 -46.54
N SER A 96 -2.62 -20.54 -47.67
CA SER A 96 -3.28 -20.69 -48.96
C SER A 96 -3.69 -22.12 -49.25
N GLU A 97 -3.38 -23.07 -48.36
CA GLU A 97 -3.78 -24.46 -48.51
C GLU A 97 -5.20 -24.70 -48.00
N VAL A 98 -5.55 -24.09 -46.85
CA VAL A 98 -6.88 -24.24 -46.29
C VAL A 98 -7.82 -23.10 -46.68
N PHE A 99 -7.29 -22.01 -47.23
CA PHE A 99 -8.09 -20.91 -47.74
C PHE A 99 -7.77 -20.67 -49.20
N PRO A 100 -8.78 -20.41 -50.05
CA PRO A 100 -8.52 -20.30 -51.50
C PRO A 100 -7.55 -19.19 -51.88
N ILE A 101 -7.92 -17.93 -51.60
CA ILE A 101 -7.07 -16.78 -51.90
C ILE A 101 -7.63 -15.54 -51.20
N THR A 102 -6.74 -14.68 -50.72
CA THR A 102 -7.08 -13.33 -50.28
C THR A 102 -6.18 -12.28 -50.90
N HIS A 103 -4.90 -12.58 -51.10
CA HIS A 103 -3.90 -11.68 -51.68
C HIS A 103 -3.82 -10.37 -50.88
N ASP A 104 -3.53 -10.53 -49.58
CA ASP A 104 -3.42 -9.41 -48.65
C ASP A 104 -1.98 -9.03 -48.36
N GLY A 105 -1.02 -9.58 -49.10
CA GLY A 105 0.38 -9.29 -48.85
C GLY A 105 1.02 -10.28 -47.91
N SER A 106 0.52 -10.33 -46.68
CA SER A 106 0.99 -11.31 -45.68
C SER A 106 0.21 -12.62 -45.83
N ASP A 107 0.33 -13.20 -47.03
CA ASP A 107 -0.40 -14.40 -47.39
C ASP A 107 0.46 -15.66 -47.36
N GLY A 108 1.69 -15.58 -46.87
CA GLY A 108 2.59 -16.71 -46.90
C GLY A 108 3.08 -17.17 -45.55
N MET A 109 2.33 -16.84 -44.50
CA MET A 109 2.70 -17.22 -43.15
C MET A 109 2.05 -18.54 -42.78
N THR A 110 2.81 -19.42 -42.14
CA THR A 110 2.30 -20.73 -41.72
C THR A 110 2.24 -20.77 -40.21
N PRO A 111 1.05 -20.63 -39.60
CA PRO A 111 0.96 -20.64 -38.14
C PRO A 111 1.20 -22.03 -37.55
N ALA A 112 2.45 -22.49 -37.60
CA ALA A 112 2.88 -23.79 -37.07
C ALA A 112 2.01 -24.92 -37.59
N VAL A 113 1.29 -25.59 -36.68
CA VAL A 113 0.37 -26.67 -37.04
C VAL A 113 -1.05 -26.14 -37.00
N ILE A 114 -1.81 -26.37 -38.07
CA ILE A 114 -3.19 -25.89 -38.15
C ILE A 114 -4.12 -27.08 -38.35
N HIS A 115 -3.75 -28.21 -37.75
CA HIS A 115 -4.46 -29.47 -37.93
C HIS A 115 -5.93 -29.34 -37.54
N THR A 116 -6.80 -29.91 -38.37
CA THR A 116 -8.24 -29.81 -38.22
C THR A 116 -8.83 -31.13 -37.73
N ARG A 117 -10.10 -31.09 -37.38
CA ARG A 117 -10.83 -32.27 -36.91
C ARG A 117 -11.51 -32.95 -38.09
N LEU A 118 -12.38 -33.92 -37.79
CA LEU A 118 -13.11 -34.61 -38.85
C LEU A 118 -14.13 -33.69 -39.51
N ASP A 119 -14.83 -32.87 -38.73
CA ASP A 119 -15.89 -32.02 -39.25
C ASP A 119 -15.36 -30.66 -39.70
N GLY A 120 -14.27 -30.69 -40.49
CA GLY A 120 -13.71 -29.49 -41.11
C GLY A 120 -13.36 -28.33 -40.19
N THR A 121 -13.39 -28.54 -38.88
CA THR A 121 -13.20 -27.45 -37.93
C THR A 121 -11.72 -27.11 -37.85
N ILE A 122 -11.36 -25.96 -38.40
CA ILE A 122 -9.96 -25.56 -38.44
C ILE A 122 -9.55 -25.01 -37.07
N VAL A 123 -8.45 -25.53 -36.54
CA VAL A 123 -7.88 -25.07 -35.28
C VAL A 123 -6.44 -24.66 -35.54
N VAL A 124 -6.11 -23.40 -35.21
CA VAL A 124 -4.80 -22.83 -35.49
C VAL A 124 -4.10 -22.54 -34.17
N VAL A 125 -2.80 -22.82 -34.12
CA VAL A 125 -2.01 -22.64 -32.92
C VAL A 125 -0.56 -22.34 -33.31
N GLU A 126 0.06 -21.41 -32.59
CA GLU A 126 1.46 -21.05 -32.78
C GLU A 126 2.22 -21.35 -31.50
N PHE A 127 3.46 -21.81 -31.64
CA PHE A 127 4.30 -22.19 -30.52
C PHE A 127 5.36 -21.13 -30.28
N SER A 128 5.58 -20.78 -29.01
CA SER A 128 6.57 -19.78 -28.66
C SER A 128 7.13 -20.05 -27.29
N THR A 129 8.44 -19.82 -27.13
CA THR A 129 9.13 -19.94 -25.85
C THR A 129 9.97 -18.71 -25.61
N THR A 130 9.84 -18.12 -24.42
CA THR A 130 10.57 -16.92 -24.06
C THR A 130 11.36 -17.16 -22.78
N ARG A 131 12.48 -16.46 -22.65
CA ARG A 131 13.32 -16.52 -21.46
C ARG A 131 12.97 -15.32 -20.59
N SER A 132 11.91 -15.47 -19.79
CA SER A 132 11.45 -14.40 -18.92
C SER A 132 11.18 -14.99 -17.53
N HIS A 133 11.26 -14.13 -16.52
CA HIS A 133 11.12 -14.55 -15.13
C HIS A 133 9.85 -14.07 -14.47
N ASN A 134 9.04 -13.26 -15.14
CA ASN A 134 7.79 -12.74 -14.58
C ASN A 134 6.70 -12.83 -15.64
N ILE A 135 5.48 -12.48 -15.23
CA ILE A 135 4.36 -12.46 -16.17
C ILE A 135 4.48 -11.29 -17.15
N GLY A 136 5.35 -10.32 -16.85
CA GLY A 136 5.57 -9.21 -17.75
C GLY A 136 6.18 -9.61 -19.09
N GLY A 137 6.77 -10.80 -19.16
CA GLY A 137 7.23 -11.34 -20.42
C GLY A 137 6.19 -12.26 -21.04
N LEU A 138 5.49 -13.01 -20.21
CA LEU A 138 4.48 -13.95 -20.69
C LEU A 138 3.35 -13.23 -21.40
N GLU A 139 2.76 -12.23 -20.75
CA GLU A 139 1.67 -11.48 -21.36
C GLU A 139 2.13 -10.68 -22.56
N ALA A 140 3.37 -10.18 -22.53
CA ALA A 140 3.91 -9.46 -23.68
C ALA A 140 4.05 -10.36 -24.89
N ALA A 141 4.57 -11.57 -24.70
CA ALA A 141 4.69 -12.52 -25.80
C ALA A 141 3.32 -12.96 -26.31
N TYR A 142 2.37 -13.15 -25.38
CA TYR A 142 1.00 -13.45 -25.77
C TYR A 142 0.43 -12.36 -26.68
N ARG A 143 0.58 -11.10 -26.26
CA ARG A 143 0.05 -9.99 -27.04
C ARG A 143 0.75 -9.87 -28.40
N THR A 144 2.06 -10.11 -28.42
CA THR A 144 2.79 -10.06 -29.69
C THR A 144 2.28 -11.15 -30.64
N LYS A 145 2.06 -12.36 -30.14
CA LYS A 145 1.57 -13.44 -30.99
C LYS A 145 0.16 -13.14 -31.50
N ILE A 146 -0.72 -12.60 -30.64
CA ILE A 146 -2.07 -12.27 -31.07
C ILE A 146 -2.04 -11.18 -32.13
N GLU A 147 -1.29 -10.09 -31.87
CA GLU A 147 -1.22 -9.01 -32.83
C GLU A 147 -0.54 -9.41 -34.13
N LYS A 148 0.31 -10.44 -34.12
CA LYS A 148 0.95 -10.90 -35.34
C LYS A 148 0.09 -11.86 -36.14
N TYR A 149 -0.69 -12.73 -35.48
CA TYR A 149 -1.41 -13.77 -36.20
C TYR A 149 -2.92 -13.73 -35.94
N ARG A 150 -3.48 -12.56 -35.66
CA ARG A 150 -4.92 -12.44 -35.49
C ARG A 150 -5.62 -11.94 -36.75
N ASP A 151 -5.22 -10.78 -37.26
CA ASP A 151 -5.94 -10.19 -38.39
C ASP A 151 -5.74 -10.98 -39.69
N PRO A 152 -4.54 -11.49 -40.02
CA PRO A 152 -4.46 -12.49 -41.10
C PRO A 152 -5.46 -13.64 -40.96
N ILE A 153 -5.55 -14.26 -39.80
CA ILE A 153 -6.40 -15.44 -39.66
C ILE A 153 -7.87 -15.07 -39.49
N SER A 154 -8.17 -13.82 -39.18
CA SER A 154 -9.55 -13.37 -39.08
C SER A 154 -10.07 -12.78 -40.39
N ARG A 155 -9.18 -12.41 -41.31
CA ARG A 155 -9.61 -11.88 -42.60
C ARG A 155 -10.24 -12.96 -43.46
N ARG A 156 -9.88 -14.23 -43.26
CA ARG A 156 -10.40 -15.31 -44.08
C ARG A 156 -11.73 -15.85 -43.56
N VAL A 157 -12.22 -15.33 -42.43
CA VAL A 157 -13.44 -15.88 -41.83
C VAL A 157 -14.68 -15.34 -42.53
N ASP A 158 -14.68 -14.05 -42.88
CA ASP A 158 -15.88 -13.43 -43.43
C ASP A 158 -16.22 -13.96 -44.82
N ILE A 159 -15.21 -14.39 -45.59
CA ILE A 159 -15.48 -14.89 -46.94
C ILE A 159 -16.04 -16.30 -46.94
N MET A 160 -15.81 -17.08 -45.88
CA MET A 160 -16.25 -18.47 -45.88
C MET A 160 -17.70 -18.57 -45.41
N GLU A 161 -18.25 -19.77 -45.55
CA GLU A 161 -19.62 -20.07 -45.14
C GLU A 161 -19.57 -21.01 -43.93
N ASN A 162 -20.20 -20.58 -42.83
CA ASN A 162 -20.17 -21.22 -41.52
C ASN A 162 -18.77 -21.60 -41.05
N PRO A 163 -17.87 -20.64 -40.79
CA PRO A 163 -16.55 -21.02 -40.29
C PRO A 163 -16.60 -21.44 -38.82
N ARG A 164 -15.78 -22.42 -38.47
CA ARG A 164 -15.53 -22.81 -37.08
C ARG A 164 -14.02 -22.78 -36.87
N VAL A 165 -13.50 -21.65 -36.40
CA VAL A 165 -12.07 -21.43 -36.25
C VAL A 165 -11.76 -21.03 -34.81
N PHE A 166 -10.70 -21.61 -34.26
CA PHE A 166 -10.25 -21.31 -32.92
C PHE A 166 -8.77 -20.97 -32.96
N PHE A 167 -8.40 -19.84 -32.36
CA PHE A 167 -7.03 -19.34 -32.38
C PHE A 167 -6.51 -19.25 -30.95
N GLY A 168 -5.42 -19.94 -30.67
CA GLY A 168 -4.81 -19.91 -29.36
C GLY A 168 -3.32 -20.15 -29.48
N VAL A 169 -2.56 -19.54 -28.56
CA VAL A 169 -1.11 -19.60 -28.59
C VAL A 169 -0.61 -20.10 -27.23
N ILE A 170 0.40 -20.96 -27.25
CA ILE A 170 1.02 -21.51 -26.06
C ILE A 170 2.39 -20.87 -25.89
N VAL A 171 2.61 -20.24 -24.74
CA VAL A 171 3.89 -19.61 -24.41
C VAL A 171 4.45 -20.33 -23.19
N VAL A 172 5.66 -20.87 -23.32
CA VAL A 172 6.28 -21.67 -22.28
C VAL A 172 7.52 -20.94 -21.76
N SER A 173 7.58 -20.76 -20.45
CA SER A 173 8.74 -20.16 -19.80
C SER A 173 9.04 -20.90 -18.51
N SER A 174 10.29 -20.80 -18.06
CA SER A 174 10.73 -21.52 -16.88
C SER A 174 10.15 -20.89 -15.61
N GLY A 175 9.03 -21.43 -15.14
CA GLY A 175 8.37 -20.88 -13.97
C GLY A 175 6.87 -20.80 -14.13
N GLY A 176 6.41 -20.71 -15.38
CA GLY A 176 4.99 -20.69 -15.66
C GLY A 176 4.69 -20.82 -17.14
N VAL A 177 3.51 -21.34 -17.47
CA VAL A 177 3.08 -21.50 -18.86
C VAL A 177 1.75 -20.80 -19.04
N LEU A 178 1.64 -20.03 -20.13
CA LEU A 178 0.42 -19.29 -20.46
C LEU A 178 -0.10 -19.81 -21.78
N SER A 179 -1.38 -20.17 -21.81
CA SER A 179 -1.97 -20.80 -22.99
C SER A 179 -3.45 -20.47 -23.03
N ASN A 180 -4.14 -21.05 -24.02
CA ASN A 180 -5.56 -20.87 -24.20
C ASN A 180 -6.36 -22.16 -24.10
N MET A 181 -5.79 -23.29 -24.52
CA MET A 181 -6.47 -24.57 -24.43
C MET A 181 -6.42 -25.11 -23.00
N PRO A 182 -7.38 -25.99 -22.63
CA PRO A 182 -7.37 -26.53 -21.26
C PRO A 182 -6.30 -27.59 -21.05
N LEU A 183 -5.09 -27.14 -20.68
CA LEU A 183 -4.02 -28.05 -20.34
C LEU A 183 -4.34 -28.79 -19.05
N THR A 184 -3.71 -29.95 -18.88
CA THR A 184 -4.05 -30.88 -17.81
C THR A 184 -3.08 -30.79 -16.62
N GLN A 185 -2.20 -29.81 -16.60
CA GLN A 185 -1.21 -29.61 -15.52
C GLN A 185 -0.28 -30.82 -15.37
N ASP A 186 -0.24 -31.70 -16.36
CA ASP A 186 0.65 -32.86 -16.33
C ASP A 186 1.60 -32.81 -17.52
N GLU A 187 1.08 -32.40 -18.67
CA GLU A 187 1.90 -32.14 -19.84
C GLU A 187 2.46 -30.72 -19.86
N ALA A 188 1.86 -29.79 -19.09
CA ALA A 188 2.50 -28.50 -18.88
C ALA A 188 3.83 -28.66 -18.17
N GLU A 189 3.88 -29.57 -17.19
CA GLU A 189 5.14 -29.88 -16.53
C GLU A 189 6.14 -30.48 -17.51
N GLU A 190 5.67 -31.34 -18.42
CA GLU A 190 6.53 -31.87 -19.47
C GLU A 190 7.12 -30.76 -20.31
N LEU A 191 6.27 -29.81 -20.74
CA LEU A 191 6.74 -28.72 -21.58
C LEU A 191 7.75 -27.85 -20.84
N MET A 192 7.48 -27.54 -19.57
CA MET A 192 8.42 -26.73 -18.79
C MET A 192 9.74 -27.44 -18.57
N TYR A 193 9.69 -28.76 -18.30
CA TYR A 193 10.91 -29.53 -18.11
C TYR A 193 11.76 -29.55 -19.37
N ARG A 194 11.13 -29.81 -20.52
CA ARG A 194 11.88 -29.82 -21.77
C ARG A 194 12.40 -28.43 -22.13
N PHE A 195 11.66 -27.38 -21.77
CA PHE A 195 12.19 -26.03 -21.96
C PHE A 195 13.42 -25.79 -21.12
N CYS A 196 13.41 -26.28 -19.87
CA CYS A 196 14.58 -26.12 -19.01
C CYS A 196 15.79 -26.84 -19.60
N ILE A 197 15.58 -28.06 -20.10
CA ILE A 197 16.69 -28.81 -20.71
C ILE A 197 17.19 -28.11 -21.96
N ALA A 198 16.27 -27.58 -22.78
CA ALA A 198 16.67 -26.87 -23.99
C ALA A 198 17.42 -25.58 -23.67
N ASN A 199 17.01 -24.88 -22.62
CA ASN A 199 17.74 -23.69 -22.19
C ASN A 199 19.13 -24.07 -21.72
N GLU A 200 19.26 -25.20 -21.02
CA GLU A 200 20.58 -25.70 -20.63
C GLU A 200 21.45 -25.95 -21.86
N ILE A 201 20.88 -26.60 -22.88
CA ILE A 201 21.63 -26.91 -24.10
C ILE A 201 22.08 -25.63 -24.80
N TYR A 202 21.16 -24.67 -24.95
CA TYR A 202 21.48 -23.44 -25.65
C TYR A 202 22.51 -22.62 -24.89
N THR A 203 22.41 -22.57 -23.56
CA THR A 203 23.40 -21.84 -22.77
C THR A 203 24.77 -22.49 -22.86
N LYS A 204 24.83 -23.83 -22.83
CA LYS A 204 26.12 -24.50 -22.93
C LYS A 204 26.72 -24.34 -24.33
N ALA A 205 25.89 -24.33 -25.36
CA ALA A 205 26.40 -24.12 -26.72
C ALA A 205 26.91 -22.69 -26.90
N ARG A 206 26.19 -21.71 -26.36
CA ARG A 206 26.58 -20.31 -26.49
C ARG A 206 27.83 -19.95 -25.69
N SER A 207 28.25 -20.81 -24.75
CA SER A 207 29.35 -20.46 -23.87
C SER A 207 30.70 -20.56 -24.58
N MET A 208 31.06 -21.77 -25.01
CA MET A 208 32.36 -21.98 -25.65
C MET A 208 32.36 -21.47 -27.10
N ASP A 209 31.21 -21.55 -27.77
CA ASP A 209 31.08 -20.96 -29.09
C ASP A 209 30.77 -19.47 -28.98
N ALA A 210 30.96 -18.76 -30.08
CA ALA A 210 30.61 -17.34 -30.15
C ALA A 210 29.82 -16.96 -31.39
N ASP A 211 29.92 -17.71 -32.49
CA ASP A 211 29.21 -17.34 -33.72
C ASP A 211 27.73 -17.66 -33.64
N ILE A 212 27.36 -18.72 -32.91
CA ILE A 212 25.95 -19.10 -32.80
C ILE A 212 25.25 -18.26 -31.74
N GLU A 213 24.69 -17.13 -32.18
CA GLU A 213 23.98 -16.23 -31.27
C GLU A 213 23.05 -15.36 -32.10
N LEU A 214 21.82 -15.20 -31.64
CA LEU A 214 20.89 -14.28 -32.27
C LEU A 214 21.36 -12.85 -32.06
N GLN A 215 21.25 -12.03 -33.10
CA GLN A 215 21.58 -10.60 -32.97
C GLN A 215 20.53 -9.94 -32.09
N LYS A 216 20.91 -9.63 -30.85
CA LYS A 216 19.94 -9.12 -29.88
C LYS A 216 19.52 -7.69 -30.23
N SER A 217 20.45 -6.75 -30.17
CA SER A 217 20.18 -5.34 -30.43
C SER A 217 21.50 -4.61 -30.56
N GLU A 218 21.45 -3.45 -31.19
CA GLU A 218 22.59 -2.53 -31.16
C GLU A 218 22.69 -1.79 -29.83
N GLU A 219 21.55 -1.55 -29.17
CA GLU A 219 21.57 -0.81 -27.91
C GLU A 219 22.22 -1.62 -26.80
N GLU A 220 22.01 -2.93 -26.79
CA GLU A 220 22.55 -3.78 -25.73
C GLU A 220 23.95 -4.29 -26.08
N LEU A 221 24.81 -3.35 -26.48
CA LEU A 221 26.22 -3.66 -26.65
C LEU A 221 27.07 -2.65 -25.87
N GLU A 222 26.67 -1.39 -25.95
CA GLU A 222 27.39 -0.34 -25.22
C GLU A 222 27.24 -0.52 -23.71
N ALA A 223 26.05 -0.94 -23.27
CA ALA A 223 25.82 -1.14 -21.85
C ALA A 223 26.72 -2.25 -21.29
N ILE A 224 26.78 -3.38 -22.00
CA ILE A 224 27.62 -4.49 -21.55
C ILE A 224 29.09 -4.09 -21.59
N SER A 225 29.51 -3.37 -22.64
CA SER A 225 30.90 -2.93 -22.72
C SER A 225 31.26 -1.99 -21.58
N ARG A 226 30.38 -1.03 -21.28
CA ARG A 226 30.64 -0.08 -20.19
C ARG A 226 30.72 -0.79 -18.85
N ALA A 227 29.77 -1.69 -18.58
CA ALA A 227 29.75 -2.40 -17.30
C ALA A 227 30.99 -3.28 -17.15
N LEU A 228 31.36 -3.99 -18.22
CA LEU A 228 32.53 -4.85 -18.15
C LEU A 228 33.81 -4.04 -17.95
N SER A 229 33.93 -2.91 -18.64
CA SER A 229 35.09 -2.05 -18.48
C SER A 229 35.19 -1.51 -17.05
N PHE A 230 34.05 -1.10 -16.49
CA PHE A 230 34.05 -0.61 -15.11
C PHE A 230 34.46 -1.69 -14.13
N PHE A 231 33.83 -2.87 -14.22
CA PHE A 231 34.14 -3.93 -13.26
C PHE A 231 35.50 -4.57 -13.52
N SER A 232 36.14 -4.28 -14.64
CA SER A 232 37.52 -4.71 -14.87
C SER A 232 38.55 -3.65 -14.51
N LEU A 233 38.14 -2.38 -14.38
CA LEU A 233 39.09 -1.32 -14.06
C LEU A 233 38.86 -0.64 -12.73
N PHE A 234 37.85 -1.04 -11.95
CA PHE A 234 37.55 -0.38 -10.68
C PHE A 234 38.40 -1.01 -9.58
N GLU A 235 39.33 -0.22 -9.02
CA GLU A 235 40.13 -0.67 -7.89
C GLU A 235 39.74 0.13 -6.65
N PRO A 236 39.04 -0.46 -5.69
CA PRO A 236 38.58 0.28 -4.51
C PRO A 236 39.63 0.51 -3.44
N ASN A 237 40.89 0.18 -3.70
CA ASN A 237 42.00 0.34 -2.73
C ASN A 237 41.68 -0.39 -1.42
N ILE A 238 41.60 -1.71 -1.52
CA ILE A 238 41.24 -2.56 -0.38
C ILE A 238 42.24 -2.42 0.76
N GLU A 239 43.53 -2.24 0.45
CA GLU A 239 44.55 -2.14 1.48
C GLU A 239 44.34 -0.93 2.39
N ARG A 240 43.54 0.04 1.95
CA ARG A 240 43.19 1.19 2.78
C ARG A 240 41.86 0.96 3.50
N VAL A 241 40.98 0.17 2.89
CA VAL A 241 39.64 -0.09 3.43
C VAL A 241 39.75 -0.83 4.76
N GLU A 242 40.66 -1.82 4.82
CA GLU A 242 40.83 -2.59 6.05
C GLU A 242 41.31 -1.70 7.20
N GLY A 243 42.17 -0.74 6.93
CA GLY A 243 42.66 0.14 7.96
C GLY A 243 41.69 1.26 8.29
N THR A 244 40.76 1.54 7.38
CA THR A 244 39.80 2.62 7.60
C THR A 244 38.50 2.12 8.24
N PHE A 245 37.90 1.09 7.66
CA PHE A 245 36.65 0.56 8.21
C PHE A 245 36.94 -0.62 9.11
N PRO A 246 36.28 -0.69 10.28
CA PRO A 246 36.52 -1.83 11.18
C PRO A 246 35.96 -3.11 10.60
N ASN A 247 36.63 -4.22 10.93
CA ASN A 247 36.15 -5.58 10.65
C ASN A 247 35.86 -5.77 9.15
N SER A 248 36.88 -5.50 8.33
CA SER A 248 36.71 -5.62 6.88
C SER A 248 38.03 -6.13 6.31
N GLU A 249 38.12 -7.45 6.11
CA GLU A 249 39.30 -8.08 5.55
C GLU A 249 38.87 -9.06 4.47
N ILE A 250 39.49 -8.97 3.29
CA ILE A 250 39.15 -9.86 2.19
C ILE A 250 39.55 -11.30 2.47
N LYS A 251 40.48 -11.51 3.42
CA LYS A 251 40.83 -12.86 3.83
C LYS A 251 39.65 -13.63 4.39
N MET A 252 38.75 -12.96 5.12
CA MET A 252 37.51 -13.57 5.58
C MET A 252 36.65 -14.06 4.42
N LEU A 253 36.50 -13.25 3.37
CA LEU A 253 35.68 -13.64 2.23
C LEU A 253 36.31 -14.81 1.48
N GLU A 254 37.63 -14.77 1.25
CA GLU A 254 38.25 -15.87 0.51
C GLU A 254 38.24 -17.16 1.33
N GLN A 255 38.40 -17.06 2.64
CA GLN A 255 38.30 -18.24 3.49
C GLN A 255 36.88 -18.80 3.52
N PHE A 256 35.88 -17.91 3.53
CA PHE A 256 34.50 -18.37 3.47
C PHE A 256 34.20 -19.08 2.16
N LEU A 257 34.73 -18.55 1.05
CA LEU A 257 34.46 -19.16 -0.25
C LEU A 257 35.22 -20.46 -0.44
N SER A 258 36.43 -20.57 0.09
CA SER A 258 37.31 -21.70 -0.19
C SER A 258 37.44 -22.66 0.99
N THR A 259 36.37 -22.90 1.75
CA THR A 259 36.42 -23.86 2.85
C THR A 259 35.10 -24.61 2.94
N PRO A 260 35.12 -25.94 2.87
CA PRO A 260 33.88 -26.70 3.02
C PRO A 260 33.32 -26.58 4.43
N ALA A 261 32.00 -26.74 4.52
CA ALA A 261 31.31 -26.63 5.80
C ALA A 261 31.41 -27.94 6.56
N ASP A 262 31.82 -27.85 7.82
CA ASP A 262 32.00 -29.05 8.64
C ASP A 262 30.65 -29.65 8.99
N VAL A 263 30.55 -30.98 8.93
CA VAL A 263 29.29 -31.67 9.14
C VAL A 263 29.13 -32.14 10.59
N ASP A 264 30.24 -32.43 11.28
CA ASP A 264 30.20 -32.89 12.67
C ASP A 264 29.59 -31.83 13.59
N PHE A 265 30.02 -30.57 13.41
CA PHE A 265 29.48 -29.48 14.22
C PHE A 265 27.99 -29.30 13.95
N ILE A 266 27.58 -29.39 12.68
CA ILE A 266 26.17 -29.22 12.35
C ILE A 266 25.33 -30.32 12.96
N THR A 267 25.80 -31.57 12.89
CA THR A 267 25.03 -32.67 13.48
C THR A 267 24.94 -32.54 15.00
N LYS A 268 26.06 -32.23 15.67
CA LYS A 268 26.04 -32.12 17.12
C LYS A 268 25.17 -30.95 17.60
N THR A 269 25.30 -29.79 16.94
CA THR A 269 24.50 -28.63 17.34
C THR A 269 23.02 -28.88 17.11
N LEU A 270 22.67 -29.50 15.99
CA LEU A 270 21.27 -29.84 15.71
C LEU A 270 20.72 -30.79 16.77
N LYS A 271 21.49 -31.83 17.12
CA LYS A 271 21.00 -32.80 18.08
C LYS A 271 20.88 -32.19 19.48
N ALA A 272 21.76 -31.27 19.83
CA ALA A 272 21.67 -30.60 21.12
C ALA A 272 20.47 -29.66 21.19
N LYS A 273 20.27 -28.87 20.14
CA LYS A 273 19.17 -27.91 20.17
C LYS A 273 17.82 -28.60 20.05
N GLU A 274 17.80 -29.78 19.41
CA GLU A 274 16.56 -30.55 19.36
C GLU A 274 16.11 -30.99 20.75
N VAL A 275 17.04 -31.50 21.55
CA VAL A 275 16.65 -31.96 22.89
C VAL A 275 16.42 -30.77 23.81
N GLU A 276 17.09 -29.64 23.56
CA GLU A 276 16.76 -28.42 24.30
C GLU A 276 15.33 -27.96 24.01
N ALA A 277 14.92 -27.99 22.74
CA ALA A 277 13.55 -27.64 22.38
C ALA A 277 12.56 -28.61 22.98
N TYR A 278 12.89 -29.91 22.98
CA TYR A 278 12.00 -30.90 23.59
C TYR A 278 11.84 -30.65 25.08
N ALA A 279 12.93 -30.33 25.78
CA ALA A 279 12.84 -30.04 27.21
C ALA A 279 12.01 -28.80 27.47
N ASP A 280 12.18 -27.75 26.65
CA ASP A 280 11.36 -26.56 26.80
C ASP A 280 9.88 -26.85 26.55
N LEU A 281 9.59 -27.68 25.56
CA LEU A 281 8.19 -28.04 25.28
C LEU A 281 7.58 -28.83 26.43
N CYS A 282 8.34 -29.76 27.01
CA CYS A 282 7.83 -30.52 28.15
C CYS A 282 7.61 -29.63 29.36
N ASP A 283 8.52 -28.68 29.60
CA ASP A 283 8.41 -27.83 30.79
C ASP A 283 7.28 -26.82 30.65
N SER A 284 7.17 -26.16 29.50
CA SER A 284 6.30 -25.00 29.36
C SER A 284 4.86 -25.34 28.99
N HIS A 285 4.56 -26.60 28.68
CA HIS A 285 3.20 -27.00 28.34
C HIS A 285 2.67 -28.12 29.21
N TYR A 286 3.41 -28.49 30.26
CA TYR A 286 2.97 -29.47 31.26
C TYR A 286 2.66 -30.83 30.63
N LEU A 287 3.58 -31.30 29.79
CA LEU A 287 3.43 -32.61 29.17
C LEU A 287 3.73 -33.74 30.15
N LYS A 288 4.71 -33.54 31.04
CA LYS A 288 5.05 -34.52 32.05
C LYS A 288 4.80 -33.94 33.43
N PRO A 289 4.09 -34.65 34.32
CA PRO A 289 3.49 -35.99 34.17
C PRO A 289 2.31 -36.03 33.20
N GLU A 290 1.89 -37.23 32.82
CA GLU A 290 0.87 -37.43 31.79
C GLU A 290 -0.49 -37.06 32.36
N LYS A 291 -1.08 -36.00 31.82
CA LYS A 291 -2.37 -35.49 32.27
C LYS A 291 -3.30 -35.26 31.08
N THR A 292 -4.58 -35.51 31.30
CA THR A 292 -5.59 -35.22 30.30
C THR A 292 -5.82 -33.71 30.22
N ILE A 293 -6.40 -33.27 29.11
CA ILE A 293 -6.55 -31.83 28.93
C ILE A 293 -7.86 -31.34 29.53
N GLN A 294 -7.93 -31.36 30.86
CA GLN A 294 -8.85 -30.51 31.62
C GLN A 294 -8.05 -29.81 32.70
N GLU A 295 -7.30 -30.60 33.46
CA GLU A 295 -6.56 -30.08 34.60
C GLU A 295 -5.34 -29.28 34.17
N ARG A 296 -4.70 -29.64 33.06
CA ARG A 296 -3.60 -28.82 32.59
C ARG A 296 -4.09 -27.52 31.98
N LEU A 297 -5.29 -27.51 31.38
CA LEU A 297 -5.90 -26.25 30.97
C LEU A 297 -6.25 -25.38 32.18
N GLU A 298 -6.73 -26.00 33.25
CA GLU A 298 -6.99 -25.25 34.48
C GLU A 298 -5.71 -24.67 35.07
N ILE A 299 -4.61 -25.44 35.01
CA ILE A 299 -3.31 -24.94 35.44
C ILE A 299 -2.89 -23.76 34.58
N ASN A 300 -3.11 -23.85 33.26
CA ASN A 300 -2.79 -22.74 32.37
C ASN A 300 -3.61 -21.51 32.72
N ARG A 301 -4.89 -21.69 33.03
CA ARG A 301 -5.74 -20.55 33.38
C ARG A 301 -5.28 -19.88 34.67
N CYS A 302 -5.01 -20.68 35.71
CA CYS A 302 -4.58 -20.08 36.97
C CYS A 302 -3.20 -19.45 36.86
N GLU A 303 -2.34 -20.01 36.01
CA GLU A 303 -1.01 -19.46 35.82
C GLU A 303 -1.07 -18.15 35.03
N ALA A 304 -1.99 -18.06 34.06
CA ALA A 304 -2.23 -16.80 33.37
C ALA A 304 -2.80 -15.76 34.32
N ILE A 305 -3.67 -16.18 35.25
CA ILE A 305 -4.17 -15.25 36.27
C ILE A 305 -3.02 -14.75 37.14
N ASP A 306 -2.10 -15.65 37.49
CA ASP A 306 -0.95 -15.26 38.31
C ASP A 306 -0.08 -14.22 37.61
N LYS A 307 0.18 -14.41 36.31
CA LYS A 307 0.90 -13.37 35.57
C LYS A 307 0.11 -12.08 35.45
N THR A 308 -1.18 -12.15 35.11
CA THR A 308 -1.94 -10.94 34.85
C THR A 308 -2.25 -10.15 36.12
N GLN A 309 -2.16 -10.77 37.30
CA GLN A 309 -2.34 -10.02 38.54
C GLN A 309 -1.09 -9.29 38.98
N ASP A 310 0.07 -9.60 38.41
CA ASP A 310 1.31 -8.92 38.76
C ASP A 310 1.57 -7.68 37.93
N LEU A 311 1.02 -7.62 36.71
CA LEU A 311 1.11 -6.40 35.92
C LEU A 311 0.35 -5.26 36.58
N LEU A 312 -0.84 -5.55 37.11
CA LEU A 312 -1.60 -4.58 37.88
C LEU A 312 -1.20 -4.62 39.35
N ALA A 313 0.10 -4.64 39.56
CA ALA A 313 0.72 -4.30 40.84
C ALA A 313 2.01 -3.51 40.62
N GLY A 314 2.44 -3.36 39.38
CA GLY A 314 3.55 -2.51 39.02
C GLY A 314 3.04 -1.34 38.22
N LEU A 315 1.87 -1.51 37.60
CA LEU A 315 1.19 -0.35 37.03
C LEU A 315 0.49 0.49 38.08
N HIS A 316 0.19 -0.09 39.24
CA HIS A 316 -0.51 0.59 40.33
C HIS A 316 0.45 1.21 41.33
N ALA A 317 1.75 0.94 41.16
CA ALA A 317 2.76 1.45 42.10
C ALA A 317 3.56 2.63 41.57
N ARG A 318 3.72 2.80 40.26
CA ARG A 318 4.40 3.94 39.69
C ARG A 318 3.44 5.05 39.29
N SER A 319 2.27 5.09 39.90
CA SER A 319 1.22 6.05 39.57
C SER A 319 0.58 6.54 40.85
N ASN A 320 -0.13 7.66 40.76
CA ASN A 320 -0.95 8.09 41.88
C ASN A 320 -2.09 7.10 42.10
N LYS A 321 -2.51 6.95 43.35
CA LYS A 321 -3.43 5.89 43.74
C LYS A 321 -4.85 6.39 43.93
N GLN A 322 -5.28 7.39 43.16
CA GLN A 322 -6.64 7.86 43.23
C GLN A 322 -7.58 6.90 42.51
N THR A 323 -8.64 6.49 43.20
CA THR A 323 -9.60 5.55 42.63
C THR A 323 -10.85 6.22 42.09
N SER A 324 -10.97 7.54 42.19
CA SER A 324 -12.10 8.28 41.63
C SER A 324 -11.56 9.48 40.88
N LEU A 325 -12.10 9.70 39.68
CA LEU A 325 -11.68 10.83 38.85
C LEU A 325 -12.88 11.27 38.03
N ASN A 326 -13.05 12.59 37.90
CA ASN A 326 -14.16 13.17 37.15
C ASN A 326 -13.69 13.82 35.84
N ARG A 327 -12.72 13.20 35.19
CA ARG A 327 -12.22 13.68 33.91
C ARG A 327 -13.07 13.12 32.78
N GLY A 328 -13.44 14.00 31.85
CA GLY A 328 -14.28 13.59 30.73
C GLY A 328 -13.47 12.97 29.60
N THR A 329 -14.12 12.04 28.89
CA THR A 329 -13.47 11.37 27.77
C THR A 329 -13.57 12.21 26.50
N VAL A 330 -14.77 12.62 26.12
CA VAL A 330 -15.00 13.44 24.94
C VAL A 330 -15.04 14.90 25.36
N LYS A 331 -14.14 15.71 24.80
CA LYS A 331 -14.02 17.12 25.16
C LYS A 331 -14.93 17.99 24.31
N LEU A 332 -16.21 17.62 24.22
CA LEU A 332 -17.17 18.34 23.41
C LEU A 332 -18.55 18.21 24.04
N PRO A 333 -19.38 19.25 23.96
CA PRO A 333 -20.70 19.17 24.57
C PRO A 333 -21.61 18.24 23.81
N PRO A 334 -22.55 17.58 24.47
CA PRO A 334 -23.47 16.69 23.77
C PRO A 334 -24.75 17.39 23.30
N TRP A 335 -24.63 18.44 22.50
CA TRP A 335 -25.78 19.23 22.07
C TRP A 335 -26.22 18.80 20.68
N LEU A 336 -27.53 18.80 20.46
CA LEU A 336 -28.12 18.56 19.15
C LEU A 336 -29.12 19.66 18.82
N PRO A 337 -28.66 20.86 18.48
CA PRO A 337 -29.60 21.91 18.09
C PRO A 337 -30.19 21.64 16.71
N LYS A 338 -31.37 22.19 16.48
CA LYS A 338 -32.02 22.02 15.19
C LYS A 338 -31.35 22.93 14.16
N PRO A 339 -31.15 22.45 12.93
CA PRO A 339 -30.45 23.27 11.92
C PRO A 339 -31.28 24.43 11.39
N SER A 340 -31.25 25.56 12.07
CA SER A 340 -31.96 26.75 11.62
C SER A 340 -31.19 27.46 10.51
N SER A 341 -31.57 28.69 10.18
CA SER A 341 -30.93 29.43 9.12
C SER A 341 -30.03 30.50 9.72
N GLU A 342 -29.35 31.25 8.85
CA GLU A 342 -28.40 32.27 9.29
C GLU A 342 -29.14 33.48 9.84
N SER A 343 -29.19 33.59 11.16
CA SER A 343 -29.79 34.75 11.82
C SER A 343 -29.19 34.89 13.20
N ILE A 344 -28.69 36.09 13.50
CA ILE A 344 -28.04 36.37 14.77
C ILE A 344 -29.14 36.70 15.77
N ASP A 345 -29.40 35.76 16.68
CA ASP A 345 -30.37 35.96 17.76
C ASP A 345 -29.62 35.82 19.08
N ILE A 346 -29.03 36.93 19.54
CA ILE A 346 -28.33 36.96 20.82
C ILE A 346 -29.16 37.62 21.90
N LYS A 347 -30.34 38.15 21.57
CA LYS A 347 -31.18 38.78 22.55
C LYS A 347 -31.78 37.75 23.50
N THR A 348 -31.86 38.11 24.77
CA THR A 348 -32.30 37.20 25.84
C THR A 348 -33.46 37.81 26.59
N ASP A 349 -34.28 36.96 27.21
CA ASP A 349 -35.39 37.43 28.02
C ASP A 349 -34.88 38.22 29.22
N SER A 350 -33.85 37.72 29.90
CA SER A 350 -33.16 38.45 30.95
C SER A 350 -31.82 38.92 30.40
N GLY A 351 -31.52 40.20 30.57
CA GLY A 351 -30.35 40.81 29.98
C GLY A 351 -29.03 40.23 30.43
N PHE A 352 -27.93 40.67 29.82
CA PHE A 352 -26.62 40.13 30.14
C PHE A 352 -26.13 40.64 31.48
N GLY A 353 -26.85 40.32 32.54
CA GLY A 353 -26.43 40.64 33.90
C GLY A 353 -26.30 39.39 34.73
N SER A 354 -27.05 38.34 34.36
CA SER A 354 -26.91 37.05 35.01
C SER A 354 -25.66 36.31 34.57
N LEU A 355 -25.07 36.68 33.44
CA LEU A 355 -23.82 36.07 33.02
C LEU A 355 -22.66 36.52 33.90
N MET A 356 -22.74 37.73 34.45
CA MET A 356 -21.67 38.25 35.31
C MET A 356 -21.49 37.47 36.60
N ASP A 357 -22.51 36.73 37.05
CA ASP A 357 -22.47 36.09 38.35
C ASP A 357 -21.79 34.73 38.32
N HIS A 358 -21.91 34.00 37.21
CA HIS A 358 -21.42 32.62 37.14
C HIS A 358 -20.00 32.62 36.59
N GLY A 359 -19.01 32.55 37.49
CA GLY A 359 -17.61 32.33 37.18
C GLY A 359 -16.99 33.41 36.32
N ALA A 360 -15.93 33.00 35.61
CA ALA A 360 -15.21 33.88 34.71
C ALA A 360 -15.59 33.70 33.25
N TYR A 361 -15.98 32.49 32.87
CA TYR A 361 -16.48 32.25 31.51
C TYR A 361 -17.74 33.06 31.25
N GLY A 362 -18.63 33.13 32.24
CA GLY A 362 -19.82 33.95 32.11
C GLY A 362 -19.50 35.42 31.94
N GLU A 363 -18.51 35.92 32.69
CA GLU A 363 -18.11 37.31 32.54
C GLU A 363 -17.53 37.58 31.15
N LEU A 364 -16.68 36.68 30.66
CA LEU A 364 -16.10 36.84 29.32
C LEU A 364 -17.20 36.83 28.25
N TRP A 365 -18.14 35.89 28.36
CA TRP A 365 -19.24 35.82 27.40
C TRP A 365 -20.12 37.05 27.47
N ALA A 366 -20.34 37.58 28.67
CA ALA A 366 -21.14 38.79 28.82
C ALA A 366 -20.47 39.99 28.17
N LYS A 367 -19.16 40.17 28.39
CA LYS A 367 -18.46 41.27 27.75
C LYS A 367 -18.47 41.12 26.24
N CYS A 368 -18.29 39.88 25.75
CA CYS A 368 -18.36 39.63 24.31
C CYS A 368 -19.72 39.99 23.75
N LEU A 369 -20.80 39.65 24.46
CA LEU A 369 -22.14 39.90 23.95
C LEU A 369 -22.47 41.39 23.97
N LEU A 370 -22.04 42.12 25.01
CA LEU A 370 -22.21 43.58 24.98
C LEU A 370 -21.43 44.20 23.84
N ASP A 371 -20.21 43.70 23.57
CA ASP A 371 -19.43 44.23 22.46
C ASP A 371 -20.11 43.95 21.11
N VAL A 372 -20.67 42.76 20.95
CA VAL A 372 -21.26 42.39 19.66
C VAL A 372 -22.56 43.13 19.43
N SER A 373 -23.46 43.13 20.43
CA SER A 373 -24.78 43.73 20.24
C SER A 373 -24.68 45.24 20.07
N LEU A 374 -23.89 45.90 20.92
CA LEU A 374 -23.66 47.34 20.81
C LEU A 374 -22.36 47.60 20.05
N GLY A 375 -22.31 47.06 18.83
CA GLY A 375 -21.13 47.21 18.00
C GLY A 375 -21.44 46.87 16.56
N ASN A 376 -20.42 46.98 15.72
CA ASN A 376 -20.56 46.76 14.29
C ASN A 376 -20.27 45.30 13.99
N VAL A 377 -21.29 44.57 13.54
CA VAL A 377 -21.17 43.14 13.26
C VAL A 377 -20.73 43.01 11.80
N GLU A 378 -19.43 42.88 11.59
CA GLU A 378 -18.86 42.74 10.26
C GLU A 378 -18.06 41.46 10.07
N GLY A 379 -17.83 40.69 11.12
CA GLY A 379 -17.04 39.48 10.99
C GLY A 379 -17.64 38.25 11.65
N VAL A 380 -18.72 38.45 12.42
CA VAL A 380 -19.35 37.32 13.11
C VAL A 380 -19.96 36.36 12.10
N VAL A 381 -20.72 36.89 11.14
CA VAL A 381 -21.29 36.09 10.07
C VAL A 381 -21.04 36.81 8.74
N SER A 382 -20.66 36.05 7.72
CA SER A 382 -20.43 36.61 6.41
C SER A 382 -21.74 37.11 5.80
N ASP A 383 -21.63 38.14 4.95
CA ASP A 383 -22.80 38.76 4.34
C ASP A 383 -22.84 38.43 2.86
N PRO A 384 -23.75 37.55 2.41
CA PRO A 384 -23.81 37.22 0.98
C PRO A 384 -24.12 38.40 0.08
N ALA A 385 -24.70 39.48 0.58
CA ALA A 385 -25.08 40.60 -0.28
C ALA A 385 -23.85 41.27 -0.88
N LYS A 386 -22.86 41.59 -0.06
CA LYS A 386 -21.59 42.14 -0.55
C LYS A 386 -20.57 41.03 -0.78
N GLU A 387 -20.99 39.98 -1.49
CA GLU A 387 -20.13 38.85 -1.77
C GLU A 387 -20.16 38.54 -3.26
N LEU A 388 -21.27 38.85 -3.92
CA LEU A 388 -21.36 38.65 -5.37
C LEU A 388 -20.42 39.57 -6.12
N ASP A 389 -20.16 40.77 -5.57
CA ASP A 389 -19.43 41.80 -6.31
C ASP A 389 -18.02 41.35 -6.66
N ILE A 390 -17.34 40.68 -5.73
CA ILE A 390 -16.01 40.14 -6.04
C ILE A 390 -16.09 38.87 -6.87
N ALA A 391 -17.28 38.30 -7.03
CA ALA A 391 -17.47 37.05 -7.75
C ALA A 391 -17.97 37.23 -9.17
N ILE A 392 -18.95 38.10 -9.39
CA ILE A 392 -19.49 38.28 -10.75
C ILE A 392 -18.83 39.43 -11.49
N SER A 393 -17.99 40.23 -10.83
CA SER A 393 -17.30 41.34 -11.44
C SER A 393 -15.80 41.13 -11.33
N ASP A 394 -15.04 42.05 -11.93
CA ASP A 394 -13.58 41.98 -11.88
C ASP A 394 -13.05 42.36 -10.51
N ALA A 404 -7.27 35.92 2.22
CA ALA A 404 -6.25 36.96 2.09
C ALA A 404 -6.76 38.30 2.59
N LYS A 405 -8.08 38.47 2.60
CA LYS A 405 -8.68 39.72 3.05
C LYS A 405 -9.94 39.42 3.86
N ILE A 406 -10.09 38.18 4.34
CA ILE A 406 -11.26 37.80 5.13
C ILE A 406 -11.26 38.56 6.45
N THR A 407 -12.46 38.96 6.88
CA THR A 407 -12.64 39.82 8.04
C THR A 407 -13.08 39.02 9.25
N TYR A 408 -12.61 39.43 10.42
CA TYR A 408 -12.91 38.77 11.67
C TYR A 408 -13.20 39.82 12.73
N ARG A 409 -14.02 39.44 13.72
CA ARG A 409 -14.39 40.36 14.79
C ARG A 409 -13.43 40.14 15.96
N ARG A 410 -12.44 41.02 16.09
CA ARG A 410 -11.44 40.91 17.15
C ARG A 410 -11.80 41.90 18.26
N PHE A 411 -12.60 41.43 19.21
CA PHE A 411 -12.98 42.25 20.36
C PHE A 411 -11.96 42.10 21.48
N LYS A 412 -11.80 43.16 22.26
CA LYS A 412 -10.80 43.23 23.32
C LYS A 412 -11.50 43.47 24.65
N PRO A 413 -11.82 42.43 25.40
CA PRO A 413 -12.49 42.62 26.69
C PRO A 413 -11.51 43.11 27.75
N ALA A 414 -12.08 43.56 28.87
CA ALA A 414 -11.26 44.06 29.96
C ALA A 414 -10.70 42.92 30.81
N LEU A 415 -11.58 42.14 31.44
CA LEU A 415 -11.28 40.97 32.26
C LEU A 415 -10.53 41.31 33.54
N SER A 416 -10.75 40.50 34.58
CA SER A 416 -10.06 40.67 35.85
C SER A 416 -8.84 39.77 35.92
N SER A 417 -7.98 40.04 36.91
CA SER A 417 -6.79 39.22 37.09
C SER A 417 -7.12 37.80 37.51
N SER A 418 -8.18 37.63 38.30
CA SER A 418 -8.63 36.29 38.67
C SER A 418 -9.13 35.53 37.44
N ALA A 419 -9.91 36.21 36.60
CA ALA A 419 -10.41 35.58 35.38
C ALA A 419 -9.28 35.24 34.43
N ARG A 420 -8.31 36.15 34.29
CA ARG A 420 -7.18 35.90 33.41
C ARG A 420 -6.34 34.74 33.93
N GLN A 421 -6.17 34.64 35.25
CA GLN A 421 -5.45 33.51 35.83
C GLN A 421 -6.21 32.20 35.60
N GLU A 422 -7.54 32.23 35.75
CA GLU A 422 -8.34 31.02 35.53
C GLU A 422 -8.25 30.56 34.08
N PHE A 423 -8.21 31.52 33.15
CA PHE A 423 -7.99 31.19 31.74
C PHE A 423 -6.59 30.62 31.55
N SER A 424 -5.60 31.21 32.23
CA SER A 424 -4.21 30.80 32.08
C SER A 424 -3.95 29.41 32.64
N LEU A 425 -4.78 28.93 33.56
CA LEU A 425 -4.63 27.56 34.04
C LEU A 425 -4.87 26.55 32.92
N GLN A 426 -5.85 26.83 32.06
CA GLN A 426 -6.20 25.93 30.96
C GLN A 426 -5.35 26.16 29.72
N GLY A 427 -4.22 26.85 29.85
CA GLY A 427 -3.29 27.04 28.75
C GLY A 427 -3.46 28.32 27.96
N VAL A 428 -4.56 29.04 28.16
CA VAL A 428 -4.82 30.26 27.39
C VAL A 428 -3.92 31.37 27.87
N GLU A 429 -2.90 31.69 27.09
CA GLU A 429 -1.92 32.74 27.38
C GLU A 429 -1.25 32.40 28.72
N GLY A 430 -0.85 31.15 28.86
CA GLY A 430 -0.26 30.65 30.09
C GLY A 430 1.24 30.57 30.12
N LYS A 431 1.93 31.03 29.07
CA LYS A 431 3.39 31.02 29.10
C LYS A 431 3.93 32.05 30.07
N LYS A 432 3.29 33.22 30.16
CA LYS A 432 3.78 34.26 31.05
C LYS A 432 3.46 33.94 32.51
N TRP A 433 2.50 33.06 32.75
CA TRP A 433 2.00 32.82 34.10
C TRP A 433 2.53 31.55 34.73
N LYS A 434 3.64 31.01 34.23
CA LYS A 434 4.11 29.71 34.73
C LYS A 434 4.68 29.81 36.13
N ARG A 435 5.30 30.95 36.47
CA ARG A 435 6.10 31.03 37.70
C ARG A 435 5.23 31.05 38.94
N MET A 436 3.98 31.52 38.83
CA MET A 436 3.11 31.60 39.99
C MET A 436 2.67 30.23 40.49
N ALA A 437 2.22 30.17 41.74
CA ALA A 437 2.08 28.92 42.47
C ALA A 437 0.99 28.02 41.87
N ALA A 438 -0.14 28.59 41.47
CA ALA A 438 -1.25 27.79 41.00
C ALA A 438 -0.96 27.10 39.67
N ASN A 439 -0.04 27.64 38.88
CA ASN A 439 0.31 27.01 37.60
C ASN A 439 1.34 25.90 37.78
N GLN A 440 2.28 26.07 38.71
CA GLN A 440 3.26 25.04 38.97
C GLN A 440 2.65 23.76 39.53
N LYS A 441 1.65 23.89 40.41
CA LYS A 441 0.95 22.71 40.91
C LYS A 441 0.20 21.99 39.81
N LYS A 442 -0.45 22.76 38.92
CA LYS A 442 -1.15 22.17 37.78
C LYS A 442 -0.18 21.43 36.88
N GLU A 443 0.97 22.03 36.60
CA GLU A 443 1.98 21.38 35.75
C GLU A 443 2.53 20.12 36.41
N LYS A 444 2.76 20.17 37.73
CA LYS A 444 3.25 19.00 38.44
C LYS A 444 2.24 17.87 38.41
N GLU A 445 0.96 18.19 38.62
CA GLU A 445 -0.07 17.14 38.66
C GLU A 445 -0.35 16.57 37.27
N SER A 446 -0.19 17.39 36.21
CA SER A 446 -0.55 16.94 34.87
C SER A 446 0.34 15.80 34.36
N HIS A 447 1.51 15.60 34.94
CA HIS A 447 2.43 14.56 34.47
C HIS A 447 2.15 13.19 35.06
N GLU A 448 1.24 13.10 36.04
CA GLU A 448 1.00 11.83 36.71
C GLU A 448 0.16 10.90 35.85
N THR A 449 0.47 9.62 35.93
CA THR A 449 -0.26 8.58 35.21
C THR A 449 -1.33 7.97 36.11
N LEU A 450 -2.35 7.39 35.48
CA LEU A 450 -3.48 6.86 36.23
C LEU A 450 -3.17 5.45 36.73
N SER A 451 -4.06 4.93 37.57
CA SER A 451 -3.97 3.62 38.17
C SER A 451 -4.90 2.64 37.46
N PRO A 452 -4.48 1.39 37.29
CA PRO A 452 -5.35 0.40 36.60
C PRO A 452 -6.59 0.03 37.38
N PHE A 453 -6.65 0.31 38.68
CA PHE A 453 -7.81 0.01 39.49
C PHE A 453 -8.79 1.18 39.59
N LEU A 454 -8.65 2.16 38.70
CA LEU A 454 -9.58 3.29 38.69
C LEU A 454 -10.98 2.82 38.32
N ASP A 455 -11.99 3.43 38.95
CA ASP A 455 -13.37 3.04 38.74
C ASP A 455 -13.90 3.71 37.47
N VAL A 456 -14.04 2.94 36.41
CA VAL A 456 -14.68 3.40 35.18
C VAL A 456 -15.83 2.46 34.86
N GLU A 457 -17.05 3.00 34.92
CA GLU A 457 -18.23 2.27 34.50
C GLU A 457 -19.19 3.10 33.67
N ASP A 458 -18.95 4.40 33.54
CA ASP A 458 -19.76 5.20 32.61
C ASP A 458 -19.39 4.91 31.16
N ILE A 459 -18.12 4.56 30.91
CA ILE A 459 -17.71 4.17 29.56
C ILE A 459 -18.37 2.86 29.17
N GLY A 460 -18.38 1.89 30.08
CA GLY A 460 -19.05 0.63 29.82
C GLY A 460 -20.55 0.79 29.65
N ASP A 461 -21.16 1.71 30.39
CA ASP A 461 -22.57 2.00 30.23
C ASP A 461 -22.86 2.71 28.91
N PHE A 462 -21.92 3.52 28.43
CA PHE A 462 -22.10 4.23 27.17
C PHE A 462 -22.19 3.28 25.99
N LEU A 463 -21.36 2.24 25.97
CA LEU A 463 -21.36 1.30 24.87
C LEU A 463 -22.57 0.37 24.86
N THR A 464 -23.34 0.33 25.94
CA THR A 464 -24.51 -0.54 26.03
C THR A 464 -25.81 0.20 25.73
N PHE A 465 -26.04 1.34 26.37
CA PHE A 465 -27.26 2.12 26.20
C PHE A 465 -26.89 3.53 25.74
N ASN A 466 -26.89 3.74 24.43
CA ASN A 466 -26.66 5.07 23.87
C ASN A 466 -27.66 5.33 22.76
N ASN A 467 -28.15 6.56 22.69
CA ASN A 467 -29.06 6.95 21.62
C ASN A 467 -28.31 7.53 20.43
N LEU A 468 -27.27 6.84 19.99
CA LEU A 468 -26.50 7.30 18.86
C LEU A 468 -27.16 6.97 17.53
N LEU A 469 -28.04 5.96 17.50
CA LEU A 469 -28.63 5.49 16.27
C LEU A 469 -30.11 5.79 16.14
N THR A 470 -30.70 6.53 17.07
CA THR A 470 -32.10 6.93 16.95
C THR A 470 -32.24 7.95 15.82
N ASP A 471 -33.45 8.01 15.26
CA ASP A 471 -33.73 8.88 14.12
C ASP A 471 -34.21 10.23 14.64
N SER A 472 -33.42 11.26 14.40
CA SER A 472 -33.82 12.64 14.68
C SER A 472 -34.58 13.18 13.49
N ARG A 473 -35.72 13.81 13.73
CA ARG A 473 -36.56 14.29 12.64
C ARG A 473 -36.03 15.60 12.07
N TYR A 474 -34.79 15.59 11.58
CA TYR A 474 -34.17 16.74 10.94
C TYR A 474 -33.93 16.47 9.47
N GLY A 475 -34.81 15.69 8.85
CA GLY A 475 -34.68 15.36 7.45
C GLY A 475 -35.20 16.40 6.49
N ASP A 476 -35.71 17.51 7.00
CA ASP A 476 -36.24 18.59 6.19
C ASP A 476 -35.60 19.91 6.58
N GLU A 477 -34.28 19.91 6.70
CA GLU A 477 -33.50 21.09 7.03
C GLU A 477 -32.60 21.47 5.86
N SER A 478 -31.87 22.58 6.01
CA SER A 478 -31.16 23.18 4.89
C SER A 478 -30.07 22.26 4.36
N ILE A 479 -29.21 21.76 5.25
CA ILE A 479 -28.08 20.95 4.81
C ILE A 479 -28.57 19.61 4.26
N GLN A 480 -29.56 18.99 4.93
CA GLN A 480 -30.08 17.72 4.46
C GLN A 480 -30.79 17.87 3.12
N ARG A 481 -31.56 18.94 2.94
CA ARG A 481 -32.22 19.17 1.66
C ARG A 481 -31.22 19.44 0.55
N ALA A 482 -30.13 20.17 0.88
CA ALA A 482 -29.09 20.42 -0.12
C ALA A 482 -28.43 19.12 -0.56
N VAL A 483 -28.09 18.26 0.40
CA VAL A 483 -27.47 16.98 0.07
C VAL A 483 -28.43 16.11 -0.75
N SER A 484 -29.72 16.14 -0.39
CA SER A 484 -30.71 15.38 -1.14
C SER A 484 -30.82 15.88 -2.59
N ILE A 485 -30.83 17.20 -2.77
CA ILE A 485 -30.93 17.76 -4.12
C ILE A 485 -29.71 17.39 -4.96
N LEU A 486 -28.52 17.50 -4.36
CA LEU A 486 -27.31 17.13 -5.10
C LEU A 486 -27.28 15.65 -5.44
N LEU A 487 -27.74 14.80 -4.52
CA LEU A 487 -27.77 13.37 -4.79
C LEU A 487 -28.78 13.02 -5.88
N GLU A 488 -29.95 13.68 -5.87
CA GLU A 488 -30.94 13.45 -6.92
C GLU A 488 -30.44 13.92 -8.27
N LYS A 489 -29.72 15.05 -8.31
CA LYS A 489 -29.14 15.50 -9.56
C LYS A 489 -28.08 14.53 -10.06
N ALA A 490 -27.24 14.02 -9.17
CA ALA A 490 -26.18 13.10 -9.58
C ALA A 490 -26.75 11.77 -10.08
N SER A 491 -27.80 11.27 -9.42
CA SER A 491 -28.38 9.98 -9.78
C SER A 491 -29.58 10.17 -10.71
N ALA A 492 -29.32 10.84 -11.82
CA ALA A 492 -30.33 11.09 -12.84
C ALA A 492 -30.08 10.34 -14.14
N MET A 493 -28.87 9.87 -14.39
CA MET A 493 -28.56 9.06 -15.56
C MET A 493 -28.77 7.57 -15.31
N GLN A 494 -29.16 7.19 -14.09
CA GLN A 494 -29.37 5.79 -13.73
C GLN A 494 -30.61 5.66 -12.86
N ASP A 495 -31.68 6.34 -13.25
CA ASP A 495 -32.90 6.41 -12.45
C ASP A 495 -33.68 5.10 -12.50
N THR A 496 -33.44 4.22 -11.53
CA THR A 496 -34.15 2.95 -11.40
C THR A 496 -34.62 2.80 -9.96
N GLU A 497 -35.20 1.62 -9.66
CA GLU A 497 -35.60 1.32 -8.29
C GLU A 497 -34.40 0.97 -7.42
N LEU A 498 -33.39 0.33 -8.01
CA LEU A 498 -32.19 -0.05 -7.26
C LEU A 498 -31.45 1.17 -6.73
N THR A 499 -31.36 2.22 -7.55
CA THR A 499 -30.76 3.46 -7.09
C THR A 499 -31.61 4.12 -6.02
N HIS A 500 -32.94 4.09 -6.18
CA HIS A 500 -33.83 4.79 -5.26
C HIS A 500 -33.82 4.14 -3.88
N ALA A 501 -33.78 2.82 -3.82
CA ALA A 501 -33.76 2.14 -2.52
C ALA A 501 -32.50 2.49 -1.73
N LEU A 502 -31.35 2.47 -2.40
CA LEU A 502 -30.10 2.80 -1.71
C LEU A 502 -30.03 4.28 -1.37
N ASN A 503 -30.59 5.16 -2.20
CA ASN A 503 -30.64 6.57 -1.85
C ASN A 503 -31.52 6.79 -0.63
N ASP A 504 -32.65 6.07 -0.54
CA ASP A 504 -33.51 6.16 0.63
C ASP A 504 -32.77 5.65 1.87
N SER A 505 -32.01 4.56 1.73
CA SER A 505 -31.22 4.05 2.84
C SER A 505 -30.18 5.06 3.30
N PHE A 506 -29.48 5.70 2.37
CA PHE A 506 -28.48 6.70 2.73
C PHE A 506 -29.12 7.91 3.40
N LYS A 507 -30.27 8.36 2.89
CA LYS A 507 -30.97 9.48 3.50
C LYS A 507 -31.41 9.14 4.93
N ARG A 508 -31.88 7.91 5.14
CA ARG A 508 -32.28 7.48 6.48
C ARG A 508 -31.09 7.36 7.40
N ASN A 509 -29.93 6.92 6.90
CA ASN A 509 -28.74 6.85 7.73
C ASN A 509 -28.19 8.23 8.05
N LEU A 510 -28.40 9.20 7.17
CA LEU A 510 -27.89 10.55 7.38
C LEU A 510 -28.63 11.31 8.48
N SER A 511 -29.78 10.82 8.93
CA SER A 511 -30.59 11.52 9.93
C SER A 511 -30.52 10.84 11.30
N SER A 512 -29.37 10.26 11.63
CA SER A 512 -29.14 9.70 12.95
C SER A 512 -28.65 10.78 13.91
N ASN A 513 -28.74 10.49 15.20
CA ASN A 513 -28.24 11.43 16.20
C ASN A 513 -26.74 11.66 16.09
N VAL A 514 -25.97 10.58 15.91
CA VAL A 514 -24.51 10.72 15.84
C VAL A 514 -24.09 11.47 14.58
N VAL A 515 -24.81 11.25 13.47
CA VAL A 515 -24.45 11.94 12.24
C VAL A 515 -24.79 13.42 12.33
N GLN A 516 -25.94 13.76 12.92
CA GLN A 516 -26.32 15.15 13.09
C GLN A 516 -25.35 15.88 14.02
N TRP A 517 -24.91 15.20 15.10
CA TRP A 517 -23.91 15.79 15.98
C TRP A 517 -22.57 15.98 15.25
N SER A 518 -22.15 14.97 14.49
CA SER A 518 -20.89 15.03 13.77
C SER A 518 -20.91 16.11 12.69
N LEU A 519 -22.08 16.45 12.17
CA LEU A 519 -22.16 17.51 11.16
C LEU A 519 -21.68 18.84 11.72
N TRP A 520 -22.24 19.27 12.86
CA TRP A 520 -21.82 20.56 13.40
C TRP A 520 -20.45 20.45 14.05
N VAL A 521 -20.05 19.27 14.54
CA VAL A 521 -18.68 19.13 15.03
C VAL A 521 -17.68 19.31 13.90
N SER A 522 -17.95 18.71 12.73
CA SER A 522 -17.09 18.86 11.58
C SER A 522 -17.11 20.30 11.06
N CYS A 523 -18.26 20.96 11.12
CA CYS A 523 -18.30 22.37 10.75
C CYS A 523 -17.44 23.22 11.66
N LEU A 524 -17.50 22.96 12.97
CA LEU A 524 -16.65 23.67 13.92
C LEU A 524 -15.17 23.43 13.64
N ALA A 525 -14.79 22.18 13.38
CA ALA A 525 -13.40 21.86 13.09
C ALA A 525 -12.95 22.51 11.79
N GLN A 526 -13.83 22.52 10.77
CA GLN A 526 -13.53 23.15 9.51
C GLN A 526 -13.31 24.65 9.67
N GLU A 527 -14.14 25.29 10.51
CA GLU A 527 -14.00 26.72 10.72
C GLU A 527 -12.74 27.04 11.54
N LEU A 528 -12.38 26.14 12.47
CA LEU A 528 -11.14 26.33 13.23
C LEU A 528 -9.92 26.15 12.35
N ALA A 529 -9.99 25.27 11.35
CA ALA A 529 -8.84 25.00 10.49
C ALA A 529 -8.40 26.24 9.72
N SER A 530 -9.33 27.15 9.41
CA SER A 530 -8.99 28.38 8.72
C SER A 530 -8.61 29.51 9.67
N ALA A 531 -8.73 29.31 10.97
CA ALA A 531 -8.42 30.35 11.94
C ALA A 531 -6.99 30.29 12.46
N LEU A 532 -6.24 29.24 12.14
CA LEU A 532 -4.82 29.20 12.49
C LEU A 532 -4.01 30.24 11.76
N LYS A 533 -4.30 30.49 10.49
CA LYS A 533 -3.51 31.40 9.66
C LYS A 533 -3.68 32.87 10.03
N GLN A 534 -4.34 33.17 11.14
CA GLN A 534 -4.56 34.53 11.57
C GLN A 534 -3.88 34.78 12.92
N HIS A 535 -3.45 36.02 13.12
CA HIS A 535 -2.72 36.41 14.33
C HIS A 535 -3.45 37.56 15.01
N CYS A 536 -3.18 37.73 16.30
CA CYS A 536 -3.80 38.77 17.08
C CYS A 536 -2.86 39.19 18.20
N ARG A 537 -3.11 40.39 18.74
CA ARG A 537 -2.31 40.90 19.84
C ARG A 537 -2.74 40.27 21.15
N ALA A 538 -2.06 40.63 22.24
CA ALA A 538 -2.35 40.08 23.54
C ALA A 538 -3.69 40.59 24.05
N GLY A 539 -4.54 39.69 24.54
CA GLY A 539 -5.84 40.05 25.06
C GLY A 539 -6.96 40.06 24.05
N GLU A 540 -6.68 39.74 22.79
CA GLU A 540 -7.70 39.73 21.75
C GLU A 540 -8.36 38.36 21.64
N PHE A 541 -9.59 38.36 21.16
CA PHE A 541 -10.34 37.13 20.91
C PHE A 541 -11.20 37.34 19.67
N ILE A 542 -11.63 36.23 19.08
CA ILE A 542 -12.42 36.26 17.85
C ILE A 542 -13.77 35.59 18.12
N ILE A 543 -14.85 36.29 17.79
CA ILE A 543 -16.21 35.78 17.94
C ILE A 543 -16.81 35.56 16.56
N LYS A 544 -17.56 34.46 16.43
CA LYS A 544 -18.20 34.10 15.17
C LYS A 544 -19.32 33.11 15.45
N LYS A 545 -20.06 32.78 14.38
CA LYS A 545 -21.22 31.91 14.48
C LYS A 545 -21.14 30.84 13.39
N LEU A 546 -21.63 29.65 13.72
CA LEU A 546 -21.72 28.59 12.73
C LEU A 546 -22.82 28.91 11.72
N LYS A 547 -22.78 28.19 10.59
CA LYS A 547 -23.64 28.56 9.45
C LYS A 547 -25.09 28.13 9.68
N PHE A 548 -25.34 26.83 9.79
CA PHE A 548 -26.69 26.32 9.94
C PHE A 548 -27.11 26.13 11.40
N TRP A 549 -26.20 26.34 12.35
CA TRP A 549 -26.53 26.15 13.75
C TRP A 549 -26.18 27.41 14.54
N PRO A 550 -27.04 27.82 15.47
CA PRO A 550 -26.73 29.00 16.30
C PRO A 550 -25.81 28.67 17.47
N ILE A 551 -24.54 28.48 17.15
CA ILE A 551 -23.49 28.18 18.13
C ILE A 551 -22.39 29.21 17.95
N TYR A 552 -21.97 29.83 19.05
CA TYR A 552 -20.99 30.91 19.02
C TYR A 552 -19.66 30.43 19.60
N VAL A 553 -18.57 30.77 18.92
CA VAL A 553 -17.23 30.27 19.26
C VAL A 553 -16.34 31.47 19.55
N ILE A 554 -15.60 31.42 20.66
CA ILE A 554 -14.59 32.39 21.00
C ILE A 554 -13.22 31.76 20.76
N ILE A 555 -12.48 32.26 19.77
CA ILE A 555 -11.27 31.63 19.28
C ILE A 555 -10.06 32.45 19.70
N LYS A 556 -8.96 31.77 20.04
CA LYS A 556 -7.70 32.38 20.43
C LYS A 556 -6.57 31.75 19.62
N PRO A 557 -6.30 32.26 18.42
CA PRO A 557 -5.18 31.74 17.63
C PRO A 557 -3.85 32.07 18.28
N THR A 558 -2.83 31.21 18.08
CA THR A 558 -1.54 31.46 18.69
C THR A 558 -0.41 31.67 17.68
N LYS A 559 -0.06 30.66 16.88
CA LYS A 559 1.15 30.79 16.07
C LYS A 559 0.99 30.18 14.68
N SER A 560 -0.11 29.43 14.47
CA SER A 560 -0.46 28.68 13.26
C SER A 560 0.31 27.37 13.16
N SER A 561 1.23 27.12 14.09
CA SER A 561 1.82 25.80 14.27
C SER A 561 1.67 25.30 15.69
N SER A 562 0.97 26.04 16.55
CA SER A 562 0.74 25.67 17.94
C SER A 562 -0.75 25.49 18.19
N HIS A 563 -1.12 25.40 19.47
CA HIS A 563 -2.49 25.15 19.87
C HIS A 563 -3.40 26.31 19.47
N ILE A 564 -4.68 25.99 19.26
CA ILE A 564 -5.73 26.99 19.09
C ILE A 564 -6.82 26.69 20.10
N PHE A 565 -7.36 27.72 20.71
CA PHE A 565 -8.29 27.59 21.83
C PHE A 565 -9.68 28.07 21.42
N TYR A 566 -10.70 27.38 21.92
CA TYR A 566 -12.07 27.71 21.58
C TYR A 566 -12.97 27.46 22.78
N SER A 567 -14.08 28.21 22.82
CA SER A 567 -15.13 28.00 23.81
C SER A 567 -16.48 28.11 23.12
N LEU A 568 -17.43 27.30 23.55
CA LEU A 568 -18.72 27.18 22.89
C LEU A 568 -19.82 27.71 23.78
N GLY A 569 -20.78 28.40 23.17
CA GLY A 569 -21.92 28.95 23.89
C GLY A 569 -23.22 28.83 23.12
N ILE A 570 -24.30 28.46 23.81
CA ILE A 570 -25.60 28.28 23.18
C ILE A 570 -26.67 28.58 24.22
N ARG A 571 -27.81 29.10 23.75
CA ARG A 571 -28.94 29.33 24.63
C ARG A 571 -29.54 28.01 25.09
N LYS A 572 -30.03 27.98 26.33
CA LYS A 572 -30.53 26.74 26.89
C LYS A 572 -31.82 26.29 26.21
N ALA A 573 -32.70 27.24 25.89
CA ALA A 573 -33.95 26.90 25.22
C ALA A 573 -33.73 26.41 23.80
N ASP A 574 -32.55 26.66 23.22
CA ASP A 574 -32.25 26.25 21.86
C ASP A 574 -31.97 24.77 21.77
N VAL A 575 -31.39 24.18 22.81
CA VAL A 575 -30.96 22.78 22.78
C VAL A 575 -32.18 21.88 22.86
N THR A 576 -32.62 21.37 21.71
CA THR A 576 -33.80 20.51 21.68
C THR A 576 -33.51 19.13 22.25
N ARG A 577 -32.39 18.53 21.85
CA ARG A 577 -32.05 17.18 22.26
C ARG A 577 -30.58 17.09 22.65
N ARG A 578 -30.28 16.14 23.52
CA ARG A 578 -28.92 15.88 23.95
C ARG A 578 -28.61 14.39 23.79
N LEU A 579 -27.32 14.08 23.69
CA LEU A 579 -26.87 12.70 23.63
C LEU A 579 -26.81 12.10 25.03
N THR A 580 -27.01 10.79 25.10
CA THR A 580 -27.07 10.08 26.37
C THR A 580 -25.71 9.46 26.68
N GLY A 581 -25.20 9.72 27.87
CA GLY A 581 -23.94 9.16 28.32
C GLY A 581 -23.22 10.13 29.22
N ARG A 582 -22.30 9.57 30.01
CA ARG A 582 -21.46 10.35 30.92
C ARG A 582 -20.01 10.38 30.48
N VAL A 583 -19.77 10.37 29.17
CA VAL A 583 -18.42 10.43 28.62
C VAL A 583 -18.08 11.82 28.11
N PHE A 584 -18.95 12.80 28.33
CA PHE A 584 -18.75 14.16 27.86
C PHE A 584 -18.30 15.05 29.01
N SER A 585 -17.53 16.08 28.68
CA SER A 585 -17.01 16.99 29.69
C SER A 585 -18.12 17.88 30.23
N ASP A 586 -17.92 18.36 31.46
CA ASP A 586 -18.91 19.18 32.13
C ASP A 586 -19.00 20.57 31.49
N THR A 587 -20.16 21.20 31.64
CA THR A 587 -20.44 22.50 31.05
C THR A 587 -20.85 23.49 32.13
N ILE A 588 -20.64 24.77 31.85
CA ILE A 588 -21.00 25.85 32.76
C ILE A 588 -22.43 26.27 32.51
N ASP A 589 -23.24 26.30 33.56
CA ASP A 589 -24.65 26.70 33.47
C ASP A 589 -24.74 28.13 33.96
N ALA A 590 -24.69 29.08 33.02
CA ALA A 590 -24.71 30.51 33.32
C ALA A 590 -26.08 31.06 32.93
N GLY A 591 -27.01 31.01 33.87
CA GLY A 591 -28.36 31.48 33.59
C GLY A 591 -29.02 30.63 32.53
N GLU A 592 -29.59 31.28 31.52
CA GLU A 592 -30.13 30.59 30.35
C GLU A 592 -29.11 30.54 29.22
N TRP A 593 -27.91 30.04 29.56
CA TRP A 593 -26.82 29.92 28.60
C TRP A 593 -25.95 28.76 29.05
N GLU A 594 -25.54 27.92 28.09
CA GLU A 594 -24.64 26.81 28.37
C GLU A 594 -23.27 27.12 27.75
N LEU A 595 -22.24 27.11 28.58
CA LEU A 595 -20.89 27.51 28.18
C LEU A 595 -19.92 26.36 28.40
N THR A 596 -18.78 26.45 27.73
CA THR A 596 -17.78 25.38 27.73
C THR A 596 -16.42 25.96 28.07
N GLU A 597 -15.64 25.21 28.84
CA GLU A 597 -14.28 25.61 29.18
C GLU A 597 -13.42 25.73 27.92
N PHE A 598 -12.31 26.45 28.07
CA PHE A 598 -11.36 26.58 26.97
C PHE A 598 -10.68 25.24 26.71
N LYS A 599 -10.70 24.80 25.46
CA LYS A 599 -10.09 23.54 25.06
C LYS A 599 -9.11 23.79 23.92
N SER A 600 -8.07 22.97 23.85
CA SER A 600 -7.01 23.10 22.88
C SER A 600 -7.18 22.08 21.75
N LEU A 601 -6.51 22.37 20.63
CA LEU A 601 -6.60 21.53 19.45
C LEU A 601 -5.50 21.90 18.47
N LYS A 602 -4.76 20.91 17.99
CA LYS A 602 -3.62 21.16 17.10
C LYS A 602 -4.04 21.02 15.64
N THR A 603 -3.08 21.24 14.74
CA THR A 603 -3.35 21.12 13.31
C THR A 603 -3.42 19.67 12.85
N CYS A 604 -2.76 18.75 13.56
CA CYS A 604 -2.78 17.34 13.17
C CYS A 604 -4.00 16.61 13.71
N LYS A 605 -4.74 17.21 14.63
CA LYS A 605 -5.97 16.63 15.16
C LYS A 605 -7.21 17.20 14.51
N LEU A 606 -7.05 18.03 13.47
CA LEU A 606 -8.16 18.53 12.67
C LEU A 606 -8.43 17.66 11.46
N THR A 607 -8.15 16.37 11.53
CA THR A 607 -8.41 15.44 10.45
C THR A 607 -9.52 14.45 10.76
N ASN A 608 -9.52 13.87 11.96
CA ASN A 608 -10.59 12.97 12.34
C ASN A 608 -11.88 13.71 12.68
N LEU A 609 -11.81 15.01 12.95
CA LEU A 609 -13.00 15.78 13.26
C LEU A 609 -13.71 16.28 12.00
N VAL A 610 -12.94 16.65 10.97
CA VAL A 610 -13.55 17.07 9.70
C VAL A 610 -14.21 15.88 9.02
N ASN A 611 -13.60 14.70 9.10
CA ASN A 611 -14.10 13.51 8.44
C ASN A 611 -15.06 12.71 9.31
N LEU A 612 -15.47 13.24 10.46
CA LEU A 612 -16.28 12.47 11.40
C LEU A 612 -17.63 11.99 10.84
N PRO A 613 -18.48 12.82 10.20
CA PRO A 613 -19.77 12.29 9.73
C PRO A 613 -19.64 11.20 8.70
N CYS A 614 -18.64 11.31 7.81
CA CYS A 614 -18.45 10.31 6.78
C CYS A 614 -18.02 8.98 7.38
N THR A 615 -17.09 9.01 8.35
CA THR A 615 -16.68 7.78 9.02
C THR A 615 -17.83 7.18 9.81
N MET A 616 -18.68 8.00 10.42
CA MET A 616 -19.84 7.48 11.14
C MET A 616 -20.80 6.77 10.20
N LEU A 617 -21.07 7.37 9.03
CA LEU A 617 -21.94 6.74 8.05
C LEU A 617 -21.35 5.42 7.55
N ASN A 618 -20.04 5.41 7.26
CA ASN A 618 -19.40 4.19 6.80
C ASN A 618 -19.45 3.10 7.86
N SER A 619 -19.23 3.45 9.13
CA SER A 619 -19.30 2.47 10.21
C SER A 619 -20.70 1.89 10.34
N ILE A 620 -21.72 2.75 10.25
CA ILE A 620 -23.10 2.28 10.35
C ILE A 620 -23.40 1.28 9.23
N ALA A 621 -23.07 1.64 7.99
CA ALA A 621 -23.37 0.76 6.86
C ALA A 621 -22.60 -0.55 6.95
N PHE A 622 -21.31 -0.48 7.29
CA PHE A 622 -20.47 -1.66 7.35
C PHE A 622 -20.96 -2.64 8.41
N TRP A 623 -21.24 -2.15 9.61
CA TRP A 623 -21.68 -3.07 10.65
C TRP A 623 -23.11 -3.54 10.42
N ARG A 624 -23.95 -2.74 9.76
CA ARG A 624 -25.29 -3.20 9.42
C ARG A 624 -25.25 -4.36 8.45
N GLU A 625 -24.38 -4.30 7.43
CA GLU A 625 -24.33 -5.46 6.54
C GLU A 625 -23.66 -6.65 7.23
N LYS A 626 -22.64 -6.39 8.06
CA LYS A 626 -21.91 -7.49 8.67
C LYS A 626 -22.74 -8.20 9.74
N LEU A 627 -23.76 -7.54 10.29
CA LEU A 627 -24.71 -8.23 11.14
C LEU A 627 -25.83 -8.91 10.34
N GLY A 628 -25.85 -8.74 9.03
CA GLY A 628 -26.81 -9.41 8.18
C GLY A 628 -28.08 -8.63 7.89
N VAL A 629 -28.19 -7.39 8.36
CA VAL A 629 -29.39 -6.60 8.16
C VAL A 629 -29.40 -6.06 6.74
N ALA A 630 -30.53 -6.22 6.05
CA ALA A 630 -30.66 -5.77 4.67
C ALA A 630 -30.65 -4.24 4.60
N PRO A 631 -30.09 -3.68 3.52
CA PRO A 631 -30.01 -2.21 3.43
C PRO A 631 -31.34 -1.54 3.10
N TRP A 632 -32.31 -2.26 2.55
CA TRP A 632 -33.58 -1.68 2.15
C TRP A 632 -34.67 -1.88 3.20
N LEU A 633 -34.33 -2.41 4.36
CA LEU A 633 -35.30 -2.68 5.42
C LEU A 633 -35.01 -1.79 6.63
N VAL A 634 -35.97 -1.75 7.54
CA VAL A 634 -35.84 -1.01 8.78
C VAL A 634 -36.00 -1.99 9.95
N ARG A 635 -35.09 -1.89 10.91
CA ARG A 635 -35.13 -2.77 12.08
C ARG A 635 -34.70 -1.98 13.31
N LYS A 636 -35.22 -2.38 14.45
CA LYS A 636 -34.78 -1.81 15.71
C LYS A 636 -33.32 -2.18 15.93
N PRO A 637 -32.46 -1.22 16.27
CA PRO A 637 -31.02 -1.50 16.34
C PRO A 637 -30.67 -2.50 17.43
N CYS A 638 -29.88 -3.50 17.07
CA CYS A 638 -29.48 -4.55 18.00
C CYS A 638 -28.39 -4.06 18.94
N SER A 639 -28.10 -4.86 19.95
CA SER A 639 -27.09 -4.52 20.94
C SER A 639 -25.66 -4.74 20.44
N GLU A 640 -25.49 -5.41 19.30
CA GLU A 640 -24.16 -5.59 18.72
C GLU A 640 -23.74 -4.39 17.88
N LEU A 641 -24.67 -3.84 17.10
CA LEU A 641 -24.36 -2.68 16.26
C LEU A 641 -24.02 -1.46 17.10
N ARG A 642 -24.75 -1.25 18.21
CA ARG A 642 -24.53 -0.08 19.05
C ARG A 642 -23.15 -0.11 19.69
N GLU A 643 -22.69 -1.29 20.15
CA GLU A 643 -21.38 -1.38 20.78
C GLU A 643 -20.27 -1.03 19.80
N GLN A 644 -20.33 -1.59 18.59
CA GLN A 644 -19.32 -1.30 17.58
C GLN A 644 -19.32 0.16 17.16
N VAL A 645 -20.51 0.73 16.95
CA VAL A 645 -20.59 2.14 16.57
C VAL A 645 -20.04 3.03 17.69
N GLY A 646 -20.39 2.74 18.94
CA GLY A 646 -19.89 3.52 20.05
C GLY A 646 -18.39 3.41 20.22
N LEU A 647 -17.84 2.20 20.00
CA LEU A 647 -16.40 2.02 20.07
C LEU A 647 -15.70 2.82 18.99
N THR A 648 -16.22 2.78 17.76
CA THR A 648 -15.65 3.60 16.68
C THR A 648 -15.71 5.08 17.02
N PHE A 649 -16.84 5.52 17.57
CA PHE A 649 -17.02 6.92 17.94
C PHE A 649 -16.00 7.35 18.99
N LEU A 650 -15.84 6.55 20.04
CA LEU A 650 -14.90 6.89 21.11
C LEU A 650 -13.45 6.87 20.62
N ILE A 651 -13.09 5.90 19.77
CA ILE A 651 -11.71 5.83 19.29
C ILE A 651 -11.42 7.01 18.36
N SER A 652 -12.39 7.38 17.52
CA SER A 652 -12.18 8.52 16.64
C SER A 652 -12.06 9.82 17.42
N LEU A 653 -12.87 9.98 18.47
CA LEU A 653 -12.88 11.26 19.18
C LEU A 653 -11.77 11.40 20.22
N GLU A 654 -11.12 10.31 20.61
CA GLU A 654 -10.02 10.43 21.56
C GLU A 654 -8.71 10.78 20.86
N ASP A 655 -8.33 9.98 19.85
CA ASP A 655 -7.20 10.27 18.97
C ASP A 655 -5.88 10.37 19.75
N LYS A 656 -5.50 9.24 20.35
CA LYS A 656 -4.25 9.15 21.09
C LYS A 656 -3.48 7.93 20.63
N SER A 657 -2.15 7.99 20.80
CA SER A 657 -1.28 6.96 20.24
C SER A 657 -1.41 5.63 20.97
N LYS A 658 -1.39 5.66 22.30
CA LYS A 658 -1.40 4.40 23.04
C LYS A 658 -2.76 3.72 22.98
N THR A 659 -3.83 4.48 22.77
CA THR A 659 -5.15 3.87 22.62
C THR A 659 -5.20 2.93 21.43
N GLU A 660 -4.49 3.28 20.35
CA GLU A 660 -4.36 2.42 19.18
C GLU A 660 -3.60 1.13 19.49
N GLU A 661 -2.56 1.18 20.31
CA GLU A 661 -1.72 0.00 20.55
C GLU A 661 -2.44 -1.08 21.34
N ILE A 662 -3.27 -0.71 22.31
CA ILE A 662 -3.96 -1.71 23.11
C ILE A 662 -4.94 -2.51 22.25
N ILE A 663 -5.58 -1.85 21.29
CA ILE A 663 -6.48 -2.57 20.40
C ILE A 663 -5.72 -3.29 19.30
N THR A 664 -4.58 -2.73 18.87
CA THR A 664 -3.76 -3.43 17.88
C THR A 664 -3.21 -4.73 18.42
N LEU A 665 -2.77 -4.74 19.66
CA LEU A 665 -2.24 -5.96 20.29
C LEU A 665 -3.33 -6.77 20.97
N THR A 666 -4.41 -7.04 20.25
CA THR A 666 -5.35 -8.08 20.64
C THR A 666 -5.48 -9.13 19.55
N ARG A 667 -4.99 -8.85 18.34
CA ARG A 667 -4.91 -9.86 17.30
C ARG A 667 -4.05 -11.02 17.75
N TYR A 668 -2.81 -10.74 18.18
CA TYR A 668 -1.90 -11.79 18.61
C TYR A 668 -2.38 -12.47 19.88
N THR A 669 -3.17 -11.77 20.70
CA THR A 669 -3.81 -12.41 21.83
C THR A 669 -4.86 -13.41 21.36
N GLN A 670 -5.59 -13.08 20.30
CA GLN A 670 -6.71 -13.92 19.86
C GLN A 670 -6.35 -14.92 18.78
N MET A 671 -5.17 -14.82 18.15
CA MET A 671 -4.74 -15.91 17.29
C MET A 671 -4.37 -17.15 18.09
N GLU A 672 -4.02 -16.97 19.37
CA GLU A 672 -3.96 -18.10 20.29
C GLU A 672 -5.38 -18.61 20.52
N GLY A 673 -5.53 -19.89 20.80
CA GLY A 673 -6.86 -20.47 20.84
C GLY A 673 -7.16 -21.18 19.54
N PHE A 674 -6.44 -20.82 18.49
CA PHE A 674 -6.39 -21.61 17.27
C PHE A 674 -5.33 -22.70 17.34
N VAL A 675 -4.59 -22.77 18.44
CA VAL A 675 -3.53 -23.75 18.62
C VAL A 675 -4.13 -25.06 19.07
N SER A 676 -3.77 -26.15 18.39
CA SER A 676 -4.29 -27.48 18.64
C SER A 676 -3.38 -28.25 19.59
N PRO A 677 -3.90 -29.31 20.22
CA PRO A 677 -3.05 -30.19 21.03
C PRO A 677 -1.95 -30.82 20.21
N PRO A 678 -0.81 -31.20 20.84
CA PRO A 678 -0.51 -31.19 22.28
C PRO A 678 -0.16 -29.81 22.81
N MET A 679 0.06 -28.87 21.89
CA MET A 679 0.41 -27.51 22.29
C MET A 679 -0.78 -26.82 22.94
N LEU A 680 -0.51 -26.07 23.98
CA LEU A 680 -1.49 -25.30 24.73
C LEU A 680 -1.48 -23.85 24.29
N PRO A 681 -2.63 -23.17 24.32
CA PRO A 681 -2.62 -21.73 24.05
C PRO A 681 -1.98 -20.97 25.19
N LYS A 682 -1.02 -20.11 24.86
CA LYS A 682 -0.26 -19.35 25.85
C LYS A 682 -0.36 -17.87 25.51
N PRO A 683 -1.51 -17.23 25.78
CA PRO A 683 -1.63 -15.80 25.50
C PRO A 683 -0.86 -14.91 26.48
N GLN A 684 -0.35 -15.45 27.58
CA GLN A 684 0.39 -14.65 28.56
C GLN A 684 1.83 -14.44 28.11
N LYS A 685 1.95 -13.93 26.88
CA LYS A 685 3.25 -13.67 26.27
C LYS A 685 3.30 -12.23 25.80
N MET A 686 2.13 -11.59 25.68
CA MET A 686 2.03 -10.20 25.28
C MET A 686 1.96 -9.25 26.47
N LEU A 687 2.12 -9.76 27.69
CA LEU A 687 2.11 -8.90 28.87
C LEU A 687 3.32 -7.98 28.92
N GLY A 688 4.40 -8.32 28.22
CA GLY A 688 5.55 -7.46 28.16
C GLY A 688 5.41 -6.26 27.24
N LYS A 689 4.32 -6.21 26.47
CA LYS A 689 4.05 -5.06 25.61
C LYS A 689 3.05 -4.10 26.22
N LEU A 690 2.14 -4.58 27.05
CA LEU A 690 1.15 -3.73 27.72
C LEU A 690 1.66 -3.22 29.06
N ASP A 691 2.86 -2.65 29.05
CA ASP A 691 3.49 -2.09 30.25
C ASP A 691 3.86 -0.65 29.93
N GLY A 692 2.91 0.26 30.13
CA GLY A 692 3.12 1.65 29.83
C GLY A 692 2.23 2.54 30.67
N PRO A 693 2.45 3.85 30.57
CA PRO A 693 1.63 4.79 31.34
C PRO A 693 0.18 4.80 30.89
N LEU A 694 -0.72 5.02 31.86
CA LEU A 694 -2.15 5.16 31.60
C LEU A 694 -2.53 6.62 31.86
N ARG A 695 -3.11 7.27 30.87
CA ARG A 695 -3.36 8.70 30.94
C ARG A 695 -4.79 9.10 30.63
N THR A 696 -5.67 8.14 30.33
CA THR A 696 -7.06 8.43 30.01
C THR A 696 -7.92 7.33 30.60
N LYS A 697 -9.15 7.68 30.99
CA LYS A 697 -10.06 6.69 31.55
C LYS A 697 -10.49 5.64 30.54
N LEU A 698 -10.32 5.91 29.23
CA LEU A 698 -10.64 4.89 28.24
C LEU A 698 -9.57 3.81 28.18
N GLN A 699 -8.30 4.19 28.36
CA GLN A 699 -7.21 3.22 28.29
C GLN A 699 -7.31 2.21 29.42
N VAL A 700 -7.74 2.65 30.60
CA VAL A 700 -7.90 1.73 31.73
C VAL A 700 -8.98 0.68 31.41
N TYR A 701 -10.10 1.14 30.87
CA TYR A 701 -11.18 0.23 30.49
C TYR A 701 -10.73 -0.75 29.42
N LEU A 702 -9.99 -0.26 28.41
CA LEU A 702 -9.52 -1.13 27.34
C LEU A 702 -8.52 -2.16 27.88
N LEU A 703 -7.64 -1.74 28.79
CA LEU A 703 -6.68 -2.66 29.39
C LEU A 703 -7.38 -3.74 30.21
N ARG A 704 -8.38 -3.37 31.00
CA ARG A 704 -9.10 -4.37 31.79
C ARG A 704 -9.83 -5.36 30.90
N LYS A 705 -10.48 -4.88 29.83
CA LYS A 705 -11.15 -5.78 28.90
C LYS A 705 -10.16 -6.70 28.18
N HIS A 706 -8.99 -6.16 27.81
CA HIS A 706 -7.98 -6.98 27.17
C HIS A 706 -7.46 -8.06 28.10
N LEU A 707 -7.27 -7.75 29.38
CA LEU A 707 -6.84 -8.78 30.32
C LEU A 707 -7.94 -9.82 30.55
N ASP A 708 -9.20 -9.38 30.55
CA ASP A 708 -10.29 -10.34 30.67
C ASP A 708 -10.30 -11.34 29.52
N CYS A 709 -10.18 -10.84 28.29
CA CYS A 709 -10.13 -11.77 27.16
C CYS A 709 -8.83 -12.57 27.14
N MET A 710 -7.75 -12.02 27.70
CA MET A 710 -6.50 -12.76 27.85
C MET A 710 -6.70 -13.99 28.72
N VAL A 711 -7.40 -13.84 29.85
CA VAL A 711 -7.68 -14.99 30.70
C VAL A 711 -8.67 -15.93 30.02
N ARG A 712 -9.66 -15.38 29.33
CA ARG A 712 -10.70 -16.21 28.70
C ARG A 712 -10.11 -17.10 27.61
N ILE A 713 -9.16 -16.59 26.83
CA ILE A 713 -8.53 -17.40 25.79
C ILE A 713 -7.74 -18.54 26.41
N ALA A 714 -6.99 -18.26 27.47
CA ALA A 714 -6.19 -19.30 28.13
C ALA A 714 -7.07 -20.34 28.80
N SER A 715 -8.29 -19.95 29.21
CA SER A 715 -9.18 -20.91 29.87
C SER A 715 -9.58 -22.05 28.93
N GLN A 716 -9.90 -21.72 27.68
CA GLN A 716 -10.29 -22.74 26.70
C GLN A 716 -10.02 -22.21 25.30
N PRO A 717 -9.65 -23.07 24.36
CA PRO A 717 -9.41 -22.60 22.99
C PRO A 717 -10.66 -22.62 22.12
N PHE A 718 -10.53 -22.18 20.88
CA PHE A 718 -11.64 -22.24 19.93
C PHE A 718 -11.84 -23.68 19.46
N SER A 719 -13.08 -24.13 19.44
CA SER A 719 -13.39 -25.49 19.01
C SER A 719 -13.23 -25.62 17.50
N LEU A 720 -13.12 -26.86 17.04
CA LEU A 720 -13.05 -27.19 15.63
C LEU A 720 -14.18 -28.16 15.31
N ILE A 721 -15.05 -27.76 14.39
CA ILE A 721 -16.25 -28.54 14.07
C ILE A 721 -16.26 -28.89 12.60
N PRO A 722 -15.69 -30.04 12.20
CA PRO A 722 -15.75 -30.46 10.79
C PRO A 722 -17.10 -31.06 10.46
N ARG A 723 -17.92 -30.31 9.72
CA ARG A 723 -19.26 -30.79 9.36
C ARG A 723 -19.20 -31.72 8.15
N GLU A 724 -18.82 -31.18 7.00
CA GLU A 724 -18.56 -31.99 5.81
C GLU A 724 -17.75 -31.15 4.83
N GLY A 725 -16.57 -31.65 4.45
CA GLY A 725 -15.73 -30.99 3.47
C GLY A 725 -15.14 -29.67 3.87
N ARG A 726 -15.66 -29.02 4.93
CA ARG A 726 -15.19 -27.73 5.40
C ARG A 726 -15.18 -27.75 6.93
N VAL A 727 -14.15 -27.17 7.51
CA VAL A 727 -14.01 -27.09 8.96
C VAL A 727 -14.45 -25.72 9.43
N GLU A 728 -15.14 -25.67 10.56
CA GLU A 728 -15.66 -24.43 11.12
C GLU A 728 -15.24 -24.32 12.57
N TRP A 729 -14.98 -23.09 13.01
CA TRP A 729 -14.56 -22.81 14.36
C TRP A 729 -15.69 -22.19 15.16
N GLY A 730 -15.96 -22.73 16.34
CA GLY A 730 -16.99 -22.21 17.22
C GLY A 730 -16.41 -21.80 18.55
N GLY A 731 -16.90 -20.68 19.07
CA GLY A 731 -16.41 -20.15 20.33
C GLY A 731 -15.77 -18.78 20.18
N THR A 732 -15.81 -18.24 18.96
CA THR A 732 -15.24 -16.93 18.69
C THR A 732 -16.06 -15.83 19.37
N PHE A 733 -15.38 -14.76 19.75
CA PHE A 733 -16.02 -13.68 20.48
C PHE A 733 -15.25 -12.39 20.26
N HIS A 734 -15.95 -11.26 20.32
CA HIS A 734 -15.30 -9.96 20.22
C HIS A 734 -14.34 -9.77 21.39
N ALA A 735 -13.20 -9.14 21.12
CA ALA A 735 -12.18 -9.02 22.15
C ALA A 735 -12.63 -8.06 23.24
N ILE A 736 -12.77 -6.78 22.94
CA ILE A 736 -13.36 -5.87 23.92
C ILE A 736 -14.84 -5.62 23.64
N SER A 737 -15.66 -6.67 23.78
CA SER A 737 -17.09 -6.49 23.93
C SER A 737 -17.65 -7.58 24.84
N GLY A 738 -16.95 -8.71 24.88
CA GLY A 738 -17.42 -9.90 25.57
C GLY A 738 -18.47 -10.70 24.83
N ARG A 739 -18.93 -10.25 23.67
CA ARG A 739 -20.05 -10.87 22.97
C ARG A 739 -19.57 -11.85 21.92
N SER A 740 -20.39 -12.85 21.63
CA SER A 740 -20.05 -13.93 20.73
C SER A 740 -20.58 -13.66 19.33
N THR A 741 -19.70 -13.78 18.33
CA THR A 741 -20.05 -13.60 16.92
C THR A 741 -19.42 -14.70 16.07
N ASN A 742 -19.48 -14.52 14.75
CA ASN A 742 -18.89 -15.47 13.82
C ASN A 742 -17.41 -15.13 13.60
N LEU A 743 -16.80 -15.74 12.60
CA LEU A 743 -15.35 -15.65 12.43
C LEU A 743 -14.92 -14.34 11.77
N GLU A 744 -15.65 -13.90 10.74
CA GLU A 744 -15.20 -12.72 9.99
C GLU A 744 -15.35 -11.44 10.81
N ASN A 745 -16.41 -11.34 11.62
CA ASN A 745 -16.55 -10.18 12.50
C ASN A 745 -15.43 -10.11 13.52
N MET A 746 -15.09 -11.26 14.10
CA MET A 746 -13.98 -11.32 15.05
C MET A 746 -12.65 -11.01 14.38
N VAL A 747 -12.48 -11.40 13.11
CA VAL A 747 -11.23 -11.11 12.42
C VAL A 747 -11.09 -9.62 12.15
N ASN A 748 -12.14 -8.99 11.62
CA ASN A 748 -12.02 -7.59 11.23
C ASN A 748 -12.39 -6.61 12.34
N SER A 749 -12.72 -7.10 13.54
CA SER A 749 -12.80 -6.22 14.69
C SER A 749 -11.45 -5.93 15.32
N TRP A 750 -10.38 -6.58 14.84
CA TRP A 750 -9.03 -6.26 15.28
C TRP A 750 -8.51 -4.95 14.71
N TYR A 751 -9.20 -4.37 13.72
CA TYR A 751 -8.72 -3.19 13.02
C TYR A 751 -9.54 -1.95 13.34
N ILE A 752 -10.29 -1.96 14.45
CA ILE A 752 -11.00 -0.75 14.87
C ILE A 752 -10.02 0.34 15.27
N GLY A 753 -8.83 -0.04 15.71
CA GLY A 753 -7.83 0.94 16.08
C GLY A 753 -7.23 1.71 14.92
N TYR A 754 -7.57 1.37 13.68
CA TYR A 754 -7.06 2.06 12.51
C TYR A 754 -7.81 3.36 12.22
N TYR A 755 -8.86 3.66 12.97
CA TYR A 755 -9.54 4.94 12.79
C TYR A 755 -8.72 6.11 13.32
N LYS A 756 -7.72 5.84 14.15
CA LYS A 756 -6.81 6.88 14.62
C LYS A 756 -5.89 7.30 13.48
N ASN A 757 -5.66 8.61 13.37
CA ASN A 757 -4.90 9.15 12.25
C ASN A 757 -3.43 8.73 12.34
N LYS A 758 -2.90 8.27 11.21
CA LYS A 758 -1.48 7.91 11.15
C LYS A 758 -0.58 9.12 11.31
N GLU A 759 -0.92 10.23 10.63
CA GLU A 759 -0.02 11.38 10.50
C GLU A 759 -0.21 12.31 11.69
N GLU A 760 0.51 12.02 12.78
CA GLU A 760 0.62 12.92 13.91
C GLU A 760 2.05 13.45 13.98
N SER A 761 2.17 14.77 14.08
CA SER A 761 3.47 15.39 14.29
C SER A 761 4.01 15.02 15.67
N THR A 762 5.33 14.89 15.76
CA THR A 762 6.00 14.51 16.99
C THR A 762 6.61 15.73 17.65
N GLU A 763 6.31 15.94 18.92
CA GLU A 763 6.88 17.04 19.66
C GLU A 763 8.35 16.78 19.97
N LEU A 764 9.07 17.86 20.31
CA LEU A 764 10.45 17.71 20.77
C LEU A 764 10.54 16.96 22.09
N ASN A 765 9.42 16.86 22.82
CA ASN A 765 9.41 16.11 24.08
C ASN A 765 9.52 14.62 23.83
N ALA A 766 8.87 14.13 22.77
CA ALA A 766 8.78 12.70 22.47
C ALA A 766 9.78 12.24 21.42
N LEU A 767 10.72 13.10 21.04
CA LEU A 767 11.68 12.74 19.99
C LEU A 767 12.75 11.77 20.47
N GLY A 768 12.98 11.69 21.78
CA GLY A 768 14.05 10.85 22.29
C GLY A 768 13.78 9.37 22.31
N GLU A 769 12.53 8.96 22.08
CA GLU A 769 12.22 7.53 22.08
C GLU A 769 12.74 6.84 20.83
N MET A 770 12.69 7.52 19.68
CA MET A 770 13.20 6.91 18.46
C MET A 770 14.71 6.75 18.51
N TYR A 771 15.42 7.65 19.20
CA TYR A 771 16.86 7.46 19.37
C TYR A 771 17.15 6.30 20.32
N LYS A 772 16.28 6.07 21.32
CA LYS A 772 16.41 4.90 22.16
C LYS A 772 16.21 3.62 21.35
N LYS A 773 15.22 3.61 20.47
CA LYS A 773 14.98 2.45 19.62
C LYS A 773 16.14 2.22 18.66
N ILE A 774 16.73 3.31 18.13
CA ILE A 774 17.87 3.19 17.24
C ILE A 774 19.08 2.64 17.98
N VAL A 775 19.39 3.22 19.15
CA VAL A 775 20.53 2.77 19.92
C VAL A 775 20.04 2.01 21.14
N GLU A 776 19.87 0.69 20.97
CA GLU A 776 19.58 -0.22 22.07
C GLU A 776 20.40 -1.49 21.99
N MET A 777 20.87 -1.88 20.81
CA MET A 777 21.63 -3.10 20.60
C MET A 777 23.13 -2.83 20.55
N GLU A 778 23.54 -1.58 20.69
CA GLU A 778 24.94 -1.20 20.54
C GLU A 778 25.78 -1.60 21.75
N GLU A 779 25.19 -1.68 22.93
CA GLU A 779 25.93 -2.07 24.12
C GLU A 779 26.28 -3.56 24.13
N ASP A 780 25.73 -4.35 23.21
CA ASP A 780 25.97 -5.78 23.15
C ASP A 780 27.01 -6.15 22.10
N LYS A 781 27.81 -5.19 21.66
CA LYS A 781 28.83 -5.46 20.65
C LYS A 781 29.90 -6.38 21.23
N PRO A 782 30.29 -7.43 20.53
CA PRO A 782 31.34 -8.33 21.05
C PRO A 782 32.68 -7.63 21.16
N SER A 783 33.44 -8.01 22.19
CA SER A 783 34.74 -7.38 22.42
C SER A 783 35.75 -7.82 21.35
N SER A 784 35.83 -9.11 21.08
CA SER A 784 36.76 -9.65 20.10
C SER A 784 35.98 -10.29 18.96
N PRO A 785 36.11 -9.80 17.74
CA PRO A 785 35.35 -10.39 16.63
C PRO A 785 36.02 -11.66 16.11
N GLU A 786 35.47 -12.79 16.54
CA GLU A 786 35.89 -14.11 16.10
C GLU A 786 34.66 -14.90 15.66
N PHE A 787 33.51 -14.50 16.20
CA PHE A 787 32.23 -15.13 15.88
C PHE A 787 31.41 -14.28 14.93
N LEU A 788 32.02 -13.26 14.34
CA LEU A 788 31.34 -12.34 13.42
C LEU A 788 31.62 -12.70 11.96
N GLY A 789 31.95 -13.96 11.69
CA GLY A 789 32.20 -14.39 10.33
C GLY A 789 33.48 -15.19 10.16
N TRP A 790 34.09 -15.60 11.28
CA TRP A 790 35.35 -16.33 11.25
C TRP A 790 35.23 -17.79 11.68
N GLY A 791 34.39 -18.09 12.67
CA GLY A 791 34.32 -19.44 13.19
C GLY A 791 32.92 -19.96 13.46
N ASP A 792 32.81 -20.95 14.34
CA ASP A 792 31.55 -21.61 14.64
C ASP A 792 31.31 -21.60 16.14
N THR A 793 30.04 -21.62 16.53
CA THR A 793 29.68 -21.56 17.95
C THR A 793 28.41 -22.38 18.17
N ASP A 794 28.42 -23.22 19.20
CA ASP A 794 27.21 -23.96 19.57
C ASP A 794 26.18 -23.00 20.15
N SER A 795 26.60 -22.10 21.02
CA SER A 795 25.71 -21.15 21.69
C SER A 795 26.27 -19.74 21.49
N PRO A 796 25.98 -19.13 20.34
CA PRO A 796 26.51 -17.78 20.07
C PRO A 796 25.84 -16.73 20.94
N LYS A 797 26.59 -15.67 21.21
CA LYS A 797 26.08 -14.53 21.96
C LYS A 797 25.25 -13.65 21.04
N LYS A 798 24.94 -12.44 21.49
CA LYS A 798 24.17 -11.51 20.69
C LYS A 798 25.00 -10.99 19.52
N HIS A 799 24.32 -10.68 18.42
CA HIS A 799 24.90 -10.21 17.15
C HIS A 799 25.83 -11.23 16.49
N GLU A 800 25.89 -12.45 17.01
CA GLU A 800 26.82 -13.45 16.53
C GLU A 800 26.10 -14.52 15.73
N PHE A 801 26.84 -15.16 14.83
CA PHE A 801 26.31 -16.20 13.97
C PHE A 801 27.39 -17.25 13.71
N SER A 802 26.99 -18.34 13.05
CA SER A 802 27.88 -19.46 12.78
C SER A 802 28.20 -19.51 11.29
N ARG A 803 29.48 -19.57 10.95
CA ARG A 803 29.90 -19.59 9.56
C ARG A 803 29.48 -20.88 8.86
N SER A 804 29.58 -22.02 9.56
CA SER A 804 29.21 -23.29 8.96
C SER A 804 27.74 -23.32 8.59
N PHE A 805 26.87 -22.81 9.48
CA PHE A 805 25.44 -22.82 9.20
C PHE A 805 25.09 -21.84 8.10
N LEU A 806 25.79 -20.71 8.02
CA LEU A 806 25.57 -19.77 6.92
C LEU A 806 25.93 -20.39 5.58
N ARG A 807 27.07 -21.09 5.53
CA ARG A 807 27.46 -21.77 4.29
C ARG A 807 26.48 -22.89 3.96
N ALA A 808 25.98 -23.60 4.97
CA ALA A 808 25.00 -24.65 4.73
C ALA A 808 23.70 -24.10 4.16
N ALA A 809 23.25 -22.95 4.67
CA ALA A 809 22.04 -22.32 4.13
C ALA A 809 22.27 -21.83 2.70
N CYS A 810 23.44 -21.24 2.44
CA CYS A 810 23.74 -20.78 1.08
C CYS A 810 23.79 -21.95 0.10
N SER A 811 24.36 -23.09 0.53
CA SER A 811 24.37 -24.26 -0.33
C SER A 811 22.97 -24.85 -0.50
N SER A 812 22.14 -24.77 0.54
CA SER A 812 20.79 -25.31 0.44
C SER A 812 19.93 -24.49 -0.52
N LEU A 813 20.11 -23.17 -0.53
CA LEU A 813 19.46 -22.37 -1.59
C LEU A 813 20.39 -22.24 -2.79
N GLU A 814 20.80 -23.39 -3.32
CA GLU A 814 21.39 -23.46 -4.65
C GLU A 814 20.77 -24.66 -5.35
N ARG A 815 20.39 -25.66 -4.56
CA ARG A 815 19.70 -26.84 -5.04
C ARG A 815 18.20 -26.63 -5.21
N GLU A 816 17.69 -25.45 -4.85
CA GLU A 816 16.35 -25.04 -5.24
C GLU A 816 16.35 -24.06 -6.41
N ILE A 817 17.52 -23.54 -6.77
CA ILE A 817 17.65 -22.68 -7.93
C ILE A 817 18.07 -23.46 -9.16
N ALA A 818 19.06 -24.35 -9.02
CA ALA A 818 19.51 -25.14 -10.15
C ALA A 818 18.50 -26.19 -10.59
N GLN A 819 17.56 -26.56 -9.73
CA GLN A 819 16.54 -27.53 -10.09
C GLN A 819 15.38 -26.91 -10.87
N ARG A 820 15.27 -25.59 -10.90
CA ARG A 820 14.25 -24.92 -11.70
C ARG A 820 14.80 -24.21 -12.92
N HIS A 821 15.89 -23.45 -12.77
CA HIS A 821 16.46 -22.68 -13.86
C HIS A 821 17.65 -23.37 -14.50
N GLY A 822 17.92 -24.62 -14.15
CA GLY A 822 18.99 -25.38 -14.75
C GLY A 822 20.34 -25.16 -14.08
N ARG A 823 21.30 -25.99 -14.49
CA ARG A 823 22.65 -25.94 -13.93
C ARG A 823 23.45 -24.74 -14.43
N GLN A 824 23.00 -24.06 -15.48
CA GLN A 824 23.70 -22.91 -16.03
C GLN A 824 22.82 -21.68 -15.79
N TRP A 825 22.96 -21.09 -14.60
CA TRP A 825 22.23 -19.88 -14.24
C TRP A 825 23.11 -18.71 -13.86
N LYS A 826 24.36 -18.97 -13.46
CA LYS A 826 25.26 -17.87 -13.09
C LYS A 826 25.60 -17.00 -14.30
N GLN A 827 25.78 -17.63 -15.47
CA GLN A 827 26.08 -16.86 -16.68
C GLN A 827 24.92 -15.96 -17.07
N ASN A 828 23.69 -16.50 -17.03
CA ASN A 828 22.52 -15.70 -17.35
C ASN A 828 22.32 -14.59 -16.33
N LEU A 829 22.56 -14.88 -15.04
CA LEU A 829 22.46 -13.86 -14.02
C LEU A 829 23.49 -12.75 -14.25
N GLU A 830 24.72 -13.12 -14.61
CA GLU A 830 25.74 -12.12 -14.91
C GLU A 830 25.33 -11.25 -16.08
N GLU A 831 24.82 -11.86 -17.15
CA GLU A 831 24.40 -11.09 -18.32
C GLU A 831 23.26 -10.13 -17.97
N ARG A 832 22.27 -10.60 -17.21
CA ARG A 832 21.14 -9.75 -16.85
C ARG A 832 21.60 -8.60 -15.95
N VAL A 833 22.48 -8.88 -14.99
CA VAL A 833 22.96 -7.82 -14.10
C VAL A 833 23.78 -6.79 -14.87
N LEU A 834 24.65 -7.25 -15.77
CA LEU A 834 25.43 -6.30 -16.56
C LEU A 834 24.54 -5.44 -17.45
N ARG A 835 23.53 -6.06 -18.08
CA ARG A 835 22.61 -5.29 -18.91
C ARG A 835 21.83 -4.28 -18.08
N GLU A 836 21.36 -4.69 -16.89
CA GLU A 836 20.54 -3.80 -16.08
C GLU A 836 21.36 -2.63 -15.54
N ILE A 837 22.59 -2.89 -15.10
CA ILE A 837 23.43 -1.80 -14.58
C ILE A 837 23.86 -0.87 -15.70
N GLY A 838 24.24 -1.42 -16.85
CA GLY A 838 24.75 -0.59 -17.92
C GLY A 838 23.71 0.23 -18.65
N THR A 839 22.44 -0.09 -18.49
CA THR A 839 21.37 0.60 -19.22
C THR A 839 20.76 1.75 -18.44
N LYS A 840 21.23 2.01 -17.23
CA LYS A 840 20.68 3.07 -16.39
C LYS A 840 21.46 4.36 -16.59
N ASN A 841 20.73 5.44 -16.86
CA ASN A 841 21.31 6.77 -16.93
C ASN A 841 21.00 7.53 -15.65
N ILE A 842 21.71 8.65 -15.45
CA ILE A 842 21.54 9.44 -14.24
C ILE A 842 20.19 10.15 -14.24
N LEU A 843 19.56 10.26 -15.40
CA LEU A 843 18.24 10.89 -15.47
C LEU A 843 17.17 9.97 -14.89
N ASP A 844 17.42 8.66 -14.87
CA ASP A 844 16.52 7.74 -14.18
C ASP A 844 16.53 8.00 -12.68
N LEU A 845 17.63 8.55 -12.17
CA LEU A 845 17.73 9.00 -10.79
C LEU A 845 17.07 10.37 -10.63
N ALA A 846 17.41 11.07 -9.54
CA ALA A 846 16.91 12.42 -9.25
C ALA A 846 15.41 12.43 -9.05
N SER A 847 14.94 11.58 -8.14
CA SER A 847 13.54 11.55 -7.76
C SER A 847 13.27 12.60 -6.68
N MET A 848 12.06 12.52 -6.10
CA MET A 848 11.65 13.51 -5.11
C MET A 848 12.22 13.19 -3.72
N LYS A 849 12.99 12.12 -3.61
CA LYS A 849 13.56 11.75 -2.32
C LYS A 849 14.59 12.78 -1.86
N ALA A 850 14.73 12.90 -0.54
CA ALA A 850 15.56 13.94 0.04
C ALA A 850 16.92 13.39 0.48
N THR A 851 17.97 14.15 0.20
CA THR A 851 19.31 13.84 0.67
C THR A 851 19.61 14.56 1.99
N SER A 852 20.87 14.55 2.41
CA SER A 852 21.27 15.25 3.63
C SER A 852 22.56 16.01 3.36
N ASN A 853 22.73 17.13 4.07
CA ASN A 853 23.88 18.00 3.90
C ASN A 853 24.87 17.90 5.05
N PHE A 854 24.77 16.88 5.89
CA PHE A 854 25.63 16.70 7.06
C PHE A 854 26.95 16.08 6.59
N SER A 855 27.85 16.94 6.12
CA SER A 855 29.14 16.42 5.65
C SER A 855 30.24 16.52 6.68
N LYS A 856 30.68 17.73 7.01
CA LYS A 856 31.72 17.90 8.03
C LYS A 856 31.51 19.10 8.95
N ASP A 857 30.82 20.15 8.52
CA ASP A 857 30.79 21.38 9.30
C ASP A 857 29.75 21.32 10.41
N TRP A 858 28.72 20.49 10.25
CA TRP A 858 27.68 20.32 11.26
C TRP A 858 28.05 19.19 12.22
N GLU A 859 29.26 19.26 12.78
CA GLU A 859 29.78 18.18 13.62
C GLU A 859 30.00 18.61 15.06
N LEU A 860 30.62 19.76 15.29
CA LEU A 860 30.75 20.32 16.62
C LEU A 860 29.51 21.16 16.92
N TYR A 861 28.93 20.96 18.10
CA TYR A 861 27.71 21.68 18.43
C TYR A 861 27.95 23.17 18.60
N SER A 862 29.05 23.56 19.22
CA SER A 862 29.31 24.97 19.49
C SER A 862 29.98 25.65 18.31
N GLU A 863 29.44 25.44 17.12
CA GLU A 863 29.69 26.23 15.93
C GLU A 863 28.41 26.57 15.20
N VAL A 864 27.43 25.66 15.19
CA VAL A 864 26.23 25.81 14.40
C VAL A 864 25.05 26.27 15.26
N GLN A 865 25.32 26.92 16.40
CA GLN A 865 24.25 27.40 17.26
C GLN A 865 23.38 28.43 16.57
N THR A 866 24.00 29.32 15.80
CA THR A 866 23.27 30.35 15.06
C THR A 866 22.84 29.89 13.68
N LYS A 867 23.13 28.64 13.31
CA LYS A 867 22.80 28.12 11.99
C LYS A 867 21.68 27.10 12.09
N GLU A 868 20.77 27.14 11.12
CA GLU A 868 19.65 26.21 11.05
C GLU A 868 19.89 25.27 9.88
N TYR A 869 19.71 23.98 10.12
CA TYR A 869 20.10 22.94 9.17
C TYR A 869 18.93 22.53 8.30
N HIS A 870 19.16 22.46 7.00
CA HIS A 870 18.15 22.05 6.02
C HIS A 870 18.59 20.76 5.33
N ARG A 871 17.61 20.05 4.78
CA ARG A 871 17.92 18.93 3.90
C ARG A 871 18.07 19.43 2.48
N SER A 872 18.08 18.51 1.51
CA SER A 872 18.21 18.88 0.10
C SER A 872 17.38 17.89 -0.71
N LYS A 873 17.59 17.91 -2.02
CA LYS A 873 16.93 16.97 -2.93
C LYS A 873 17.95 16.45 -3.93
N LEU A 874 17.68 15.27 -4.47
CA LEU A 874 18.59 14.64 -5.41
C LEU A 874 18.66 15.38 -6.74
N LEU A 875 17.68 16.24 -7.03
CA LEU A 875 17.63 16.92 -8.33
C LEU A 875 18.86 17.79 -8.54
N GLU A 876 19.19 18.62 -7.56
CA GLU A 876 20.35 19.50 -7.71
C GLU A 876 21.65 18.70 -7.68
N LYS A 877 21.67 17.58 -6.94
CA LYS A 877 22.89 16.79 -6.83
C LYS A 877 23.17 15.99 -8.10
N MET A 878 22.16 15.72 -8.93
CA MET A 878 22.44 15.22 -10.27
C MET A 878 22.56 16.33 -11.32
N ALA A 879 21.94 17.49 -11.07
CA ALA A 879 22.11 18.61 -11.99
C ALA A 879 23.54 19.13 -12.00
N THR A 880 24.18 19.16 -10.84
CA THR A 880 25.58 19.57 -10.79
C THR A 880 26.49 18.55 -11.48
N LEU A 881 26.12 17.26 -11.44
CA LEU A 881 26.88 16.26 -12.17
C LEU A 881 26.66 16.40 -13.67
N ILE A 882 25.45 16.79 -14.08
CA ILE A 882 25.20 17.07 -15.49
C ILE A 882 26.03 18.25 -15.96
N GLU A 883 26.08 19.32 -15.16
CA GLU A 883 26.86 20.49 -15.54
C GLU A 883 28.34 20.18 -15.59
N LYS A 884 28.83 19.42 -14.60
CA LYS A 884 30.21 18.92 -14.69
C LYS A 884 30.35 17.96 -15.86
N GLY A 885 29.36 17.11 -16.06
CA GLY A 885 29.24 16.31 -17.27
C GLY A 885 29.46 14.82 -17.08
N VAL A 886 28.37 14.09 -16.87
CA VAL A 886 28.31 12.65 -16.90
C VAL A 886 26.98 12.25 -17.52
N MET A 887 26.98 11.18 -18.30
CA MET A 887 25.76 10.74 -18.96
C MET A 887 25.26 9.39 -18.49
N TRP A 888 26.10 8.59 -17.83
CA TRP A 888 25.72 7.24 -17.42
C TRP A 888 26.00 7.09 -15.93
N TYR A 889 25.18 6.25 -15.28
CA TYR A 889 25.33 6.02 -13.85
C TYR A 889 26.64 5.33 -13.53
N ILE A 890 27.17 4.55 -14.48
CA ILE A 890 28.35 3.74 -14.21
C ILE A 890 29.59 4.63 -14.09
N ASP A 891 29.50 5.87 -14.56
CA ASP A 891 30.67 6.75 -14.51
C ASP A 891 30.74 7.50 -13.18
N ALA A 892 29.59 7.83 -12.61
CA ALA A 892 29.58 8.68 -11.40
C ALA A 892 29.95 7.89 -10.16
N VAL A 893 29.84 6.56 -10.21
CA VAL A 893 29.96 5.75 -9.00
C VAL A 893 31.40 5.72 -8.50
N GLY A 894 32.38 5.84 -9.40
CA GLY A 894 33.76 5.88 -8.98
C GLY A 894 34.09 7.12 -8.17
N GLN A 895 33.61 8.28 -8.61
CA GLN A 895 33.79 9.51 -7.85
C GLN A 895 33.07 9.44 -6.51
N ALA A 896 31.89 8.81 -6.50
CA ALA A 896 31.16 8.64 -5.24
C ALA A 896 31.96 7.79 -4.26
N TRP A 897 32.55 6.70 -4.75
CA TRP A 897 33.37 5.85 -3.87
C TRP A 897 34.60 6.60 -3.37
N LYS A 898 35.23 7.39 -4.24
CA LYS A 898 36.39 8.17 -3.81
C LYS A 898 36.00 9.18 -2.73
N ALA A 899 34.84 9.84 -2.90
CA ALA A 899 34.38 10.79 -1.90
C ALA A 899 34.07 10.11 -0.57
N VAL A 900 33.46 8.93 -0.63
CA VAL A 900 33.16 8.20 0.61
C VAL A 900 34.44 7.74 1.29
N LEU A 901 35.42 7.28 0.52
CA LEU A 901 36.65 6.75 1.11
C LEU A 901 37.51 7.87 1.69
N ASP A 902 37.54 9.03 1.05
CA ASP A 902 38.38 10.12 1.54
C ASP A 902 37.90 10.62 2.90
N ASP A 903 36.60 10.88 3.03
CA ASP A 903 35.99 11.23 4.31
C ASP A 903 35.45 9.94 4.91
N GLY A 904 36.27 9.29 5.73
CA GLY A 904 36.03 7.90 6.08
C GLY A 904 34.86 7.65 6.98
N CYS A 905 33.66 7.89 6.47
CA CYS A 905 32.41 7.65 7.19
C CYS A 905 31.29 7.60 6.17
N MET A 906 30.06 7.53 6.69
CA MET A 906 28.86 7.52 5.85
C MET A 906 27.74 8.19 6.64
N ARG A 907 27.12 9.20 6.04
CA ARG A 907 26.35 10.20 6.76
C ARG A 907 24.85 9.90 6.69
N ILE A 908 24.19 9.93 7.85
CA ILE A 908 22.76 9.69 7.97
C ILE A 908 22.14 10.82 8.76
N CYS A 909 20.98 11.29 8.31
CA CYS A 909 20.15 12.20 9.08
C CYS A 909 18.82 11.53 9.39
N LEU A 910 18.23 11.89 10.52
CA LEU A 910 17.01 11.26 11.00
C LEU A 910 15.87 12.28 10.94
N PHE A 911 14.77 11.88 10.30
CA PHE A 911 13.62 12.78 10.11
C PHE A 911 12.36 11.92 10.03
N LYS A 912 11.68 11.78 11.17
CA LYS A 912 10.42 11.04 11.21
C LYS A 912 9.21 11.96 11.10
N LYS A 913 9.00 12.82 12.11
CA LYS A 913 7.86 13.74 12.19
C LYS A 913 6.52 13.03 11.95
N ASN A 914 6.46 11.75 12.32
CA ASN A 914 5.27 10.92 12.10
C ASN A 914 5.20 9.78 13.11
N GLN A 915 4.34 8.81 12.87
CA GLN A 915 4.23 7.65 13.74
C GLN A 915 3.67 6.44 13.00
N GLU A 921 10.51 4.15 10.86
CA GLU A 921 11.05 5.50 10.74
C GLU A 921 11.72 5.72 9.38
N ILE A 922 12.47 6.81 9.27
CA ILE A 922 13.11 7.19 8.01
C ILE A 922 14.59 7.43 8.27
N TYR A 923 15.44 6.86 7.40
CA TYR A 923 16.88 7.09 7.42
C TYR A 923 17.26 7.71 6.08
N VAL A 924 17.26 9.04 5.99
CA VAL A 924 17.72 9.68 4.77
C VAL A 924 19.24 9.54 4.68
N MET A 925 19.76 9.59 3.46
CA MET A 925 21.14 9.22 3.22
C MET A 925 21.77 10.19 2.21
N ASP A 926 23.08 10.34 2.30
CA ASP A 926 23.81 11.23 1.41
C ASP A 926 23.76 10.71 -0.04
N ALA A 927 23.98 11.64 -0.97
CA ALA A 927 23.85 11.31 -2.39
C ALA A 927 24.88 10.29 -2.84
N ASN A 928 26.13 10.43 -2.38
CA ASN A 928 27.18 9.49 -2.78
C ASN A 928 26.88 8.08 -2.29
N ALA A 929 26.37 7.96 -1.06
CA ALA A 929 25.98 6.65 -0.54
C ALA A 929 24.83 6.06 -1.33
N ARG A 930 23.88 6.91 -1.78
CA ARG A 930 22.80 6.43 -2.62
C ARG A 930 23.33 5.89 -3.94
N LEU A 931 24.27 6.61 -4.56
CA LEU A 931 24.86 6.15 -5.81
C LEU A 931 25.59 4.83 -5.62
N VAL A 932 26.30 4.68 -4.50
CA VAL A 932 27.03 3.44 -4.24
C VAL A 932 26.06 2.28 -4.03
N GLN A 933 25.01 2.49 -3.23
CA GLN A 933 24.13 1.40 -2.85
C GLN A 933 23.11 1.04 -3.92
N PHE A 934 22.90 1.90 -4.92
CA PHE A 934 21.97 1.56 -5.99
C PHE A 934 22.43 0.32 -6.75
N GLY A 935 23.72 0.21 -7.02
CA GLY A 935 24.23 -0.96 -7.72
C GLY A 935 24.07 -2.23 -6.90
N VAL A 936 24.27 -2.15 -5.59
CA VAL A 936 24.12 -3.32 -4.73
C VAL A 936 22.66 -3.77 -4.68
N GLU A 937 21.73 -2.81 -4.59
CA GLU A 937 20.31 -3.18 -4.63
C GLU A 937 19.93 -3.78 -5.97
N THR A 938 20.49 -3.26 -7.07
CA THR A 938 20.25 -3.83 -8.38
C THR A 938 20.76 -5.27 -8.47
N MET A 939 21.95 -5.52 -7.91
CA MET A 939 22.50 -6.87 -7.92
C MET A 939 21.66 -7.83 -7.08
N ALA A 940 21.18 -7.38 -5.92
CA ALA A 940 20.40 -8.25 -5.06
C ALA A 940 19.02 -8.54 -5.63
N ARG A 941 18.42 -7.55 -6.32
CA ARG A 941 17.09 -7.74 -6.88
C ARG A 941 17.07 -8.82 -7.96
N CYS A 942 18.11 -8.87 -8.79
CA CYS A 942 18.18 -9.87 -9.84
C CYS A 942 18.34 -11.28 -9.28
N VAL A 943 18.84 -11.41 -8.06
CA VAL A 943 18.96 -12.72 -7.42
C VAL A 943 17.67 -13.10 -6.70
N CYS A 944 17.00 -12.12 -6.09
CA CYS A 944 15.75 -12.42 -5.39
C CYS A 944 14.66 -12.94 -6.33
N GLU A 945 14.69 -12.56 -7.60
CA GLU A 945 13.68 -13.01 -8.55
C GLU A 945 13.94 -14.43 -9.05
N LEU A 946 15.06 -15.05 -8.68
CA LEU A 946 15.36 -16.42 -9.03
C LEU A 946 15.04 -17.40 -7.91
N SER A 947 14.42 -16.93 -6.83
CA SER A 947 14.15 -17.75 -5.66
C SER A 947 12.74 -18.31 -5.71
N PRO A 948 12.55 -19.62 -5.49
CA PRO A 948 11.21 -20.22 -5.56
C PRO A 948 10.19 -19.62 -4.61
N HIS A 949 10.59 -19.27 -3.39
CA HIS A 949 9.67 -18.89 -2.33
C HIS A 949 9.99 -17.52 -1.73
N GLU A 950 10.21 -16.52 -2.57
CA GLU A 950 10.58 -15.18 -2.13
C GLU A 950 9.63 -14.18 -2.77
N THR A 951 8.85 -13.48 -1.96
CA THR A 951 7.64 -12.83 -2.43
C THR A 951 7.75 -11.32 -2.62
N VAL A 952 8.69 -10.63 -1.96
CA VAL A 952 8.71 -9.18 -2.07
C VAL A 952 9.30 -8.74 -3.40
N ALA A 953 10.00 -9.64 -4.08
CA ALA A 953 10.44 -9.40 -5.45
C ALA A 953 9.56 -10.08 -6.48
N ASN A 954 8.78 -11.08 -6.08
CA ASN A 954 7.84 -11.78 -6.96
C ASN A 954 6.44 -11.59 -6.40
N PRO A 955 5.73 -10.55 -6.83
CA PRO A 955 4.42 -10.25 -6.24
C PRO A 955 3.38 -11.36 -6.40
N ARG A 956 3.45 -12.16 -7.47
CA ARG A 956 2.42 -13.17 -7.70
C ARG A 956 2.50 -14.33 -6.73
N LEU A 957 3.60 -14.45 -5.97
CA LEU A 957 3.83 -15.63 -5.15
C LEU A 957 3.08 -15.61 -3.83
N LYS A 958 2.53 -14.48 -3.40
CA LYS A 958 1.81 -14.46 -2.14
C LYS A 958 0.52 -15.28 -2.22
N ASN A 959 -0.18 -15.18 -3.35
CA ASN A 959 -1.45 -15.87 -3.54
C ASN A 959 -1.30 -17.22 -4.23
N SER A 960 -0.08 -17.60 -4.64
CA SER A 960 0.11 -18.76 -5.51
C SER A 960 0.99 -19.84 -4.89
N ILE A 961 1.24 -19.80 -3.59
CA ILE A 961 2.00 -20.87 -2.94
C ILE A 961 1.28 -21.48 -1.75
N ILE A 962 0.37 -20.77 -1.09
CA ILE A 962 -0.45 -21.39 -0.06
C ILE A 962 -1.61 -22.13 -0.71
N GLU A 963 -2.16 -21.58 -1.80
CA GLU A 963 -3.25 -22.23 -2.49
C GLU A 963 -2.81 -23.50 -3.21
N ASN A 964 -1.58 -23.54 -3.70
CA ASN A 964 -1.07 -24.72 -4.39
C ASN A 964 -0.59 -25.80 -3.44
N HIS A 965 -0.58 -25.54 -2.13
CA HIS A 965 -0.21 -26.57 -1.17
C HIS A 965 -1.24 -27.69 -1.14
N GLY A 966 -2.52 -27.34 -1.31
CA GLY A 966 -3.56 -28.35 -1.29
C GLY A 966 -3.47 -29.33 -2.44
N LEU A 967 -3.09 -28.84 -3.63
CA LEU A 967 -2.95 -29.73 -4.78
C LEU A 967 -1.84 -30.75 -4.57
N LYS A 968 -0.70 -30.31 -4.04
CA LYS A 968 0.39 -31.23 -3.73
C LYS A 968 -0.02 -32.22 -2.65
N SER A 969 -0.65 -31.72 -1.59
CA SER A 969 -1.07 -32.59 -0.49
C SER A 969 -2.15 -33.57 -0.91
N ALA A 970 -2.91 -33.25 -1.95
CA ALA A 970 -3.92 -34.17 -2.46
C ALA A 970 -3.34 -35.20 -3.41
N ARG A 971 -2.47 -34.80 -4.33
CA ARG A 971 -1.90 -35.78 -5.26
C ARG A 971 -0.93 -36.71 -4.54
N SER A 972 0.00 -36.15 -3.76
CA SER A 972 1.10 -36.95 -3.24
C SER A 972 0.65 -37.87 -2.12
N LEU A 973 -0.21 -37.37 -1.23
CA LEU A 973 -0.63 -38.14 -0.06
C LEU A 973 -1.90 -38.93 -0.36
N GLY A 974 -2.98 -38.25 -0.69
CA GLY A 974 -4.22 -38.90 -1.00
C GLY A 974 -5.43 -38.19 -0.41
N PRO A 975 -6.52 -38.93 -0.22
CA PRO A 975 -7.73 -38.33 0.32
C PRO A 975 -7.86 -38.18 1.83
N GLY A 976 -7.68 -36.95 2.29
CA GLY A 976 -7.71 -36.65 3.70
C GLY A 976 -6.33 -36.53 4.30
N SER A 977 -5.89 -35.30 4.55
CA SER A 977 -4.56 -35.06 5.07
C SER A 977 -4.63 -33.96 6.11
N ILE A 978 -3.98 -34.16 7.26
CA ILE A 978 -3.99 -33.19 8.34
C ILE A 978 -2.90 -32.15 8.05
N ASN A 979 -3.31 -30.97 7.63
CA ASN A 979 -2.37 -29.87 7.40
C ASN A 979 -2.07 -29.20 8.74
N ILE A 980 -0.83 -28.78 8.92
CA ILE A 980 -0.39 -28.11 10.14
C ILE A 980 0.47 -26.92 9.76
N ASN A 981 0.03 -25.72 10.10
CA ASN A 981 0.71 -24.49 9.74
C ASN A 981 1.37 -23.86 10.97
N SER A 982 2.26 -22.91 10.72
CA SER A 982 2.95 -22.21 11.81
C SER A 982 3.40 -20.84 11.29
N SER A 983 2.66 -19.80 11.65
CA SER A 983 3.07 -18.45 11.33
C SER A 983 4.27 -18.04 12.18
N ASN A 984 5.19 -17.30 11.59
CA ASN A 984 6.40 -16.90 12.30
C ASN A 984 6.79 -15.50 11.86
N ASP A 985 6.99 -14.64 12.86
CA ASP A 985 7.52 -13.30 12.60
C ASP A 985 8.66 -13.07 13.57
N ALA A 986 9.54 -12.14 13.23
CA ALA A 986 10.82 -12.00 13.89
C ALA A 986 10.84 -10.78 14.80
N LYS A 987 11.82 -10.76 15.70
CA LYS A 987 12.10 -9.60 16.54
C LYS A 987 12.83 -8.56 15.72
N LYS A 988 13.57 -7.68 16.39
CA LYS A 988 14.03 -6.45 15.77
C LYS A 988 15.01 -6.76 14.64
N TRP A 989 14.42 -6.94 13.45
CA TRP A 989 15.13 -7.31 12.24
C TRP A 989 16.20 -6.28 11.89
N ASN A 990 15.84 -5.01 11.90
CA ASN A 990 16.81 -3.94 11.77
C ASN A 990 17.68 -3.89 13.02
N GLN A 991 18.85 -3.26 12.88
CA GLN A 991 19.85 -3.09 13.94
C GLN A 991 20.17 -4.40 14.67
N GLY A 992 19.94 -5.52 13.99
CA GLY A 992 20.18 -6.84 14.55
C GLY A 992 20.91 -7.74 13.57
N HIS A 993 21.14 -7.24 12.36
CA HIS A 993 21.88 -7.95 11.33
C HIS A 993 23.23 -7.27 11.17
N TYR A 994 24.31 -8.04 11.32
CA TYR A 994 25.63 -7.55 10.99
C TYR A 994 25.83 -7.62 9.48
N THR A 995 26.51 -6.61 8.93
CA THR A 995 26.61 -6.49 7.49
C THR A 995 27.51 -7.55 6.86
N THR A 996 28.36 -8.21 7.65
CA THR A 996 29.20 -9.27 7.11
C THR A 996 28.36 -10.44 6.61
N LYS A 997 27.27 -10.77 7.33
CA LYS A 997 26.35 -11.80 6.87
C LYS A 997 25.82 -11.48 5.48
N LEU A 998 25.32 -10.26 5.30
CA LEU A 998 24.76 -9.85 4.02
C LEU A 998 25.82 -9.87 2.92
N ALA A 999 27.03 -9.41 3.25
CA ALA A 999 28.11 -9.40 2.27
C ALA A 999 28.46 -10.81 1.81
N LEU A 1000 28.58 -11.75 2.76
CA LEU A 1000 28.94 -13.12 2.39
C LEU A 1000 27.82 -13.80 1.61
N VAL A 1001 26.56 -13.62 2.04
CA VAL A 1001 25.45 -14.23 1.33
C VAL A 1001 25.33 -13.68 -0.09
N LEU A 1002 25.52 -12.37 -0.26
CA LEU A 1002 25.45 -11.80 -1.60
C LEU A 1002 26.62 -12.24 -2.46
N CYS A 1003 27.83 -12.31 -1.90
CA CYS A 1003 28.99 -12.67 -2.69
C CYS A 1003 29.04 -14.16 -3.01
N TRP A 1004 28.26 -14.98 -2.29
CA TRP A 1004 28.19 -16.40 -2.66
C TRP A 1004 27.52 -16.59 -4.02
N PHE A 1005 26.61 -15.70 -4.41
CA PHE A 1005 25.84 -15.85 -5.62
C PHE A 1005 26.38 -15.03 -6.79
N MET A 1006 27.45 -14.28 -6.60
CA MET A 1006 28.01 -13.42 -7.64
C MET A 1006 29.14 -14.10 -8.38
N PRO A 1007 29.39 -13.70 -9.62
CA PRO A 1007 30.65 -14.07 -10.28
C PRO A 1007 31.84 -13.42 -9.58
N ALA A 1008 33.03 -13.85 -9.99
CA ALA A 1008 34.26 -13.39 -9.36
C ALA A 1008 34.53 -11.91 -9.58
N LYS A 1009 33.86 -11.26 -10.54
CA LYS A 1009 34.10 -9.84 -10.79
C LYS A 1009 33.29 -8.92 -9.88
N PHE A 1010 32.14 -9.37 -9.39
CA PHE A 1010 31.35 -8.59 -8.43
C PHE A 1010 31.66 -9.02 -7.00
N HIS A 1011 32.93 -8.96 -6.63
CA HIS A 1011 33.33 -9.31 -5.27
C HIS A 1011 33.97 -8.16 -4.54
N ARG A 1012 35.00 -7.53 -5.12
CA ARG A 1012 35.64 -6.39 -4.49
C ARG A 1012 34.67 -5.21 -4.36
N PHE A 1013 33.88 -4.97 -5.41
CA PHE A 1013 32.91 -3.88 -5.38
C PHE A 1013 31.88 -4.07 -4.29
N ILE A 1014 31.30 -5.28 -4.18
CA ILE A 1014 30.27 -5.52 -3.20
C ILE A 1014 30.85 -5.52 -1.79
N TRP A 1015 32.05 -6.06 -1.62
CA TRP A 1015 32.71 -6.01 -0.31
C TRP A 1015 32.93 -4.56 0.14
N ALA A 1016 33.49 -3.73 -0.75
CA ALA A 1016 33.74 -2.34 -0.39
C ALA A 1016 32.45 -1.57 -0.15
N ALA A 1017 31.42 -1.83 -0.96
CA ALA A 1017 30.16 -1.10 -0.81
C ALA A 1017 29.45 -1.47 0.47
N ILE A 1018 29.47 -2.76 0.84
CA ILE A 1018 28.83 -3.19 2.08
C ILE A 1018 29.62 -2.70 3.29
N SER A 1019 30.95 -2.68 3.20
CA SER A 1019 31.76 -2.35 4.38
C SER A 1019 31.57 -0.91 4.82
N MET A 1020 31.06 -0.04 3.95
CA MET A 1020 30.83 1.34 4.34
C MET A 1020 29.68 1.48 5.32
N PHE A 1021 28.80 0.49 5.41
CA PHE A 1021 27.66 0.54 6.31
C PHE A 1021 28.04 0.31 7.76
N ARG A 1022 29.28 -0.06 8.04
CA ARG A 1022 29.67 -0.55 9.34
C ARG A 1022 30.25 0.56 10.24
N ARG A 1023 30.37 1.78 9.72
CA ARG A 1023 30.73 2.94 10.55
C ARG A 1023 29.77 4.07 10.16
N LYS A 1024 28.71 4.22 10.94
CA LYS A 1024 27.63 5.15 10.65
C LYS A 1024 27.77 6.41 11.50
N LYS A 1025 27.03 7.45 11.11
CA LYS A 1025 26.99 8.70 11.85
C LYS A 1025 25.61 9.32 11.64
N MET A 1026 24.70 9.05 12.57
CA MET A 1026 23.34 9.56 12.50
C MET A 1026 23.28 10.91 13.19
N MET A 1027 22.66 11.90 12.53
CA MET A 1027 22.58 13.25 13.05
C MET A 1027 21.23 13.44 13.73
N VAL A 1028 21.25 13.98 14.94
CA VAL A 1028 20.03 14.20 15.70
C VAL A 1028 19.63 15.67 15.56
N ASP A 1029 18.38 15.96 15.93
CA ASP A 1029 17.81 17.29 15.69
C ASP A 1029 18.51 18.36 16.52
N LEU A 1030 18.73 19.53 15.91
CA LEU A 1030 19.42 20.61 16.60
C LEU A 1030 18.55 21.22 17.68
N ARG A 1031 17.24 21.30 17.45
CA ARG A 1031 16.34 21.83 18.47
C ARG A 1031 16.25 20.91 19.68
N PHE A 1032 16.52 19.62 19.47
CA PHE A 1032 16.65 18.71 20.61
C PHE A 1032 17.90 19.05 21.43
N LEU A 1033 19.00 19.40 20.76
CA LEU A 1033 20.24 19.72 21.47
C LEU A 1033 20.21 21.09 22.11
N ALA A 1034 19.38 22.00 21.59
CA ALA A 1034 19.26 23.33 22.20
C ALA A 1034 18.69 23.23 23.61
N HIS A 1035 17.70 22.35 23.81
CA HIS A 1035 17.10 22.13 25.12
C HIS A 1035 17.77 20.99 25.87
N LEU A 1036 19.03 20.69 25.57
CA LEU A 1036 19.75 19.61 26.23
C LEU A 1036 21.05 20.12 26.83
N SER A 1037 21.64 21.13 26.20
CA SER A 1037 22.85 21.73 26.74
C SER A 1037 22.58 22.52 28.01
N SER A 1038 21.40 23.12 28.13
CA SER A 1038 21.07 23.92 29.31
C SER A 1038 20.95 23.06 30.55
N LYS A 1039 20.31 21.90 30.45
CA LYS A 1039 20.10 21.03 31.60
C LYS A 1039 21.35 20.20 31.83
N SER A 1040 22.08 20.50 32.91
CA SER A 1040 23.32 19.81 33.22
C SER A 1040 23.05 18.38 33.68
N GLU A 1041 22.26 18.22 34.74
CA GLU A 1041 21.94 16.93 35.31
C GLU A 1041 20.46 16.64 35.14
N SER A 1042 20.13 15.38 34.90
CA SER A 1042 18.75 14.98 34.71
C SER A 1042 18.18 14.31 35.96
N ARG A 1043 16.91 14.56 36.22
CA ARG A 1043 16.18 13.95 37.31
C ARG A 1043 15.21 12.88 36.84
N SER A 1044 15.29 12.48 35.58
CA SER A 1044 14.35 11.51 35.01
C SER A 1044 14.58 10.13 35.60
N SER A 1045 13.51 9.34 35.64
CA SER A 1045 13.55 7.97 36.14
C SER A 1045 13.71 6.96 35.01
N ASP A 1046 14.34 7.38 33.91
CA ASP A 1046 14.60 6.52 32.77
C ASP A 1046 16.10 6.39 32.57
N PRO A 1047 16.60 5.18 32.29
CA PRO A 1047 18.05 5.01 32.12
C PRO A 1047 18.61 5.70 30.90
N PHE A 1048 17.91 5.64 29.76
CA PHE A 1048 18.43 6.25 28.54
C PHE A 1048 18.48 7.77 28.66
N ARG A 1049 17.45 8.38 29.25
CA ARG A 1049 17.46 9.82 29.45
C ARG A 1049 18.58 10.25 30.39
N GLU A 1050 18.83 9.45 31.43
CA GLU A 1050 19.90 9.73 32.38
C GLU A 1050 21.27 9.54 31.74
N ALA A 1051 21.39 8.66 30.75
CA ALA A 1051 22.67 8.34 30.13
C ALA A 1051 23.03 9.28 28.98
N MET A 1052 22.03 9.72 28.21
CA MET A 1052 22.27 10.55 27.04
C MET A 1052 22.84 11.92 27.41
N THR A 1053 22.28 12.55 28.45
CA THR A 1053 22.78 13.85 28.85
C THR A 1053 24.18 13.77 29.43
N ASP A 1054 24.51 12.68 30.14
CA ASP A 1054 25.87 12.50 30.62
C ASP A 1054 26.84 12.24 29.48
N ALA A 1055 26.41 11.49 28.46
CA ALA A 1055 27.26 11.26 27.31
C ALA A 1055 27.52 12.56 26.56
N PHE A 1056 26.50 13.40 26.42
CA PHE A 1056 26.68 14.67 25.71
C PHE A 1056 27.54 15.63 26.50
N HIS A 1057 27.29 15.77 27.80
CA HIS A 1057 28.03 16.75 28.59
C HIS A 1057 29.45 16.27 28.88
N GLY A 1058 29.61 15.00 29.23
CA GLY A 1058 30.93 14.46 29.48
C GLY A 1058 31.07 13.73 30.79
N ASN A 1059 29.97 13.59 31.53
CA ASN A 1059 30.01 12.87 32.80
C ASN A 1059 30.31 11.39 32.58
N ARG A 1060 29.76 10.81 31.52
CA ARG A 1060 30.01 9.42 31.16
C ARG A 1060 30.82 9.36 29.87
N ASP A 1061 31.38 8.18 29.61
CA ASP A 1061 32.11 7.89 28.38
C ASP A 1061 31.38 6.75 27.70
N VAL A 1062 30.40 7.09 26.87
CA VAL A 1062 29.49 6.12 26.27
C VAL A 1062 29.94 5.83 24.86
N SER A 1063 29.78 4.57 24.44
CA SER A 1063 30.33 4.08 23.19
C SER A 1063 29.55 4.50 21.95
N TRP A 1064 28.59 5.44 22.05
CA TRP A 1064 27.92 5.90 20.85
C TRP A 1064 27.79 7.42 20.75
N MET A 1065 28.37 8.18 21.68
CA MET A 1065 28.40 9.63 21.56
C MET A 1065 29.68 10.16 22.21
N ASP A 1066 30.15 11.30 21.69
CA ASP A 1066 31.33 11.97 22.22
C ASP A 1066 30.91 13.21 23.00
N LYS A 1067 31.91 13.97 23.45
CA LYS A 1067 31.66 15.15 24.28
C LYS A 1067 31.53 16.36 23.37
N GLY A 1068 30.30 16.89 23.26
CA GLY A 1068 30.04 18.09 22.50
C GLY A 1068 29.68 17.87 21.05
N ARG A 1069 29.80 16.65 20.53
CA ARG A 1069 29.42 16.38 19.15
C ARG A 1069 27.91 16.29 19.02
N THR A 1070 27.42 16.46 17.79
CA THR A 1070 26.00 16.49 17.52
C THR A 1070 25.53 15.29 16.69
N TYR A 1071 26.27 14.18 16.73
CA TYR A 1071 25.88 12.98 16.00
C TYR A 1071 25.91 11.78 16.93
N ILE A 1072 25.45 10.65 16.41
CA ILE A 1072 25.44 9.39 17.12
C ILE A 1072 26.17 8.36 16.29
N LYS A 1073 27.16 7.70 16.88
CA LYS A 1073 27.91 6.65 16.21
C LYS A 1073 27.25 5.30 16.43
N THR A 1074 27.26 4.46 15.40
CA THR A 1074 26.72 3.12 15.50
C THR A 1074 27.44 2.23 14.49
N GLU A 1075 27.87 1.05 14.93
CA GLU A 1075 28.56 0.10 14.06
C GLU A 1075 27.70 -1.12 13.75
N THR A 1076 27.12 -1.75 14.76
CA THR A 1076 26.33 -2.96 14.58
C THR A 1076 24.91 -2.57 14.19
N GLY A 1077 24.55 -2.78 12.93
CA GLY A 1077 23.19 -2.50 12.51
C GLY A 1077 22.97 -2.25 11.04
N MET A 1078 21.82 -2.70 10.55
CA MET A 1078 21.30 -2.42 9.23
C MET A 1078 20.31 -1.24 9.36
N MET A 1079 19.75 -0.78 8.25
CA MET A 1079 18.71 0.24 8.29
C MET A 1079 17.45 -0.30 7.64
N GLN A 1080 16.31 0.20 8.10
CA GLN A 1080 15.07 0.00 7.39
C GLN A 1080 15.13 0.76 6.06
N GLY A 1081 14.59 0.14 5.00
CA GLY A 1081 14.65 0.78 3.71
C GLY A 1081 15.81 0.32 2.85
N ILE A 1082 16.92 1.08 2.90
CA ILE A 1082 18.07 1.00 2.00
C ILE A 1082 18.49 -0.42 1.65
N LEU A 1083 18.74 -1.25 2.66
CA LEU A 1083 19.07 -2.66 2.45
C LEU A 1083 17.78 -3.46 2.64
N HIS A 1084 17.14 -3.79 1.52
CA HIS A 1084 15.84 -4.44 1.52
C HIS A 1084 15.86 -5.83 0.90
N PHE A 1085 16.48 -5.98 -0.27
CA PHE A 1085 16.47 -7.27 -0.96
C PHE A 1085 17.51 -8.22 -0.42
N THR A 1086 18.62 -7.72 0.12
CA THR A 1086 19.63 -8.59 0.68
C THR A 1086 19.12 -9.34 1.91
N SER A 1087 18.33 -8.66 2.75
CA SER A 1087 17.71 -9.31 3.89
C SER A 1087 16.74 -10.40 3.45
N SER A 1088 15.96 -10.14 2.40
CA SER A 1088 15.06 -11.15 1.87
C SER A 1088 15.83 -12.35 1.34
N LEU A 1089 16.96 -12.11 0.68
CA LEU A 1089 17.79 -13.20 0.18
C LEU A 1089 18.36 -14.03 1.33
N LEU A 1090 18.84 -13.38 2.39
CA LEU A 1090 19.38 -14.11 3.54
C LEU A 1090 18.31 -14.95 4.22
N HIS A 1091 17.12 -14.37 4.43
CA HIS A 1091 16.06 -15.13 5.07
C HIS A 1091 15.53 -16.23 4.16
N SER A 1092 15.62 -16.05 2.84
CA SER A 1092 15.29 -17.13 1.92
C SER A 1092 16.27 -18.29 2.04
N CYS A 1093 17.57 -17.98 2.18
CA CYS A 1093 18.55 -19.02 2.43
C CYS A 1093 18.23 -19.78 3.71
N VAL A 1094 17.90 -19.04 4.77
CA VAL A 1094 17.60 -19.67 6.07
C VAL A 1094 16.38 -20.57 5.96
N GLN A 1095 15.33 -20.10 5.27
CA GLN A 1095 14.12 -20.88 5.14
C GLN A 1095 14.31 -22.09 4.24
N SER A 1096 15.17 -22.00 3.23
CA SER A 1096 15.51 -23.18 2.44
C SER A 1096 16.24 -24.22 3.29
N PHE A 1097 17.13 -23.76 4.17
CA PHE A 1097 17.77 -24.69 5.10
C PHE A 1097 16.74 -25.37 6.00
N TYR A 1098 15.78 -24.60 6.52
CA TYR A 1098 14.74 -25.21 7.35
C TYR A 1098 13.92 -26.23 6.57
N LYS A 1099 13.57 -25.91 5.33
CA LYS A 1099 12.78 -26.84 4.52
C LYS A 1099 13.54 -28.13 4.26
N SER A 1100 14.83 -28.01 3.92
CA SER A 1100 15.65 -29.21 3.70
C SER A 1100 15.78 -30.04 4.96
N TYR A 1101 15.97 -29.39 6.11
CA TYR A 1101 16.11 -30.11 7.37
C TYR A 1101 14.81 -30.81 7.76
N PHE A 1102 13.66 -30.15 7.54
CA PHE A 1102 12.38 -30.78 7.85
C PHE A 1102 12.11 -31.96 6.95
N VAL A 1103 12.44 -31.85 5.67
CA VAL A 1103 12.28 -32.98 4.74
C VAL A 1103 13.18 -34.13 5.18
N SER A 1104 14.40 -33.81 5.61
CA SER A 1104 15.32 -34.83 6.10
C SER A 1104 14.76 -35.55 7.33
N LYS A 1105 14.18 -34.79 8.26
CA LYS A 1105 13.65 -35.40 9.48
C LYS A 1105 12.40 -36.22 9.19
N LEU A 1106 11.60 -35.82 8.19
CA LEU A 1106 10.42 -36.58 7.86
C LEU A 1106 10.77 -37.91 7.19
N LYS A 1107 11.96 -37.98 6.58
CA LYS A 1107 12.43 -39.25 6.03
C LYS A 1107 12.68 -40.26 7.14
N GLU A 1108 13.26 -39.81 8.26
CA GLU A 1108 13.29 -40.60 9.46
C GLU A 1108 11.95 -40.49 10.19
N GLY A 1109 11.93 -40.97 11.43
CA GLY A 1109 10.69 -40.88 12.18
C GLY A 1109 10.82 -41.15 13.66
N TYR A 1110 9.67 -41.43 14.28
CA TYR A 1110 9.64 -41.75 15.70
C TYR A 1110 10.36 -43.05 16.01
N MET A 1111 10.21 -44.06 15.16
CA MET A 1111 10.85 -45.36 15.35
C MET A 1111 11.39 -45.92 14.05
N GLY A 1112 12.06 -45.09 13.26
CA GLY A 1112 12.59 -45.54 11.99
C GLY A 1112 11.57 -45.67 10.89
N GLU A 1113 10.32 -45.26 11.14
CA GLU A 1113 9.27 -45.30 10.14
C GLU A 1113 9.11 -43.92 9.53
N SER A 1114 9.09 -43.86 8.20
CA SER A 1114 9.02 -42.60 7.47
C SER A 1114 7.59 -42.10 7.45
N ILE A 1115 7.38 -40.89 7.95
CA ILE A 1115 6.07 -40.23 7.92
C ILE A 1115 5.98 -39.46 6.61
N SER A 1116 5.10 -39.91 5.71
CA SER A 1116 4.98 -39.27 4.42
C SER A 1116 4.31 -37.91 4.54
N GLY A 1117 4.90 -36.91 3.91
CA GLY A 1117 4.35 -35.57 3.96
C GLY A 1117 5.17 -34.63 3.11
N VAL A 1118 4.58 -33.46 2.87
CA VAL A 1118 5.21 -32.41 2.07
C VAL A 1118 5.34 -31.16 2.91
N VAL A 1119 6.40 -30.39 2.64
CA VAL A 1119 6.71 -29.17 3.37
C VAL A 1119 6.73 -28.02 2.38
N ASP A 1120 5.99 -26.96 2.71
CA ASP A 1120 5.98 -25.74 1.91
C ASP A 1120 6.43 -24.56 2.76
N VAL A 1121 7.14 -23.64 2.13
CA VAL A 1121 7.71 -22.49 2.81
C VAL A 1121 7.39 -21.24 2.00
N ILE A 1122 6.92 -20.20 2.68
CA ILE A 1122 6.69 -18.90 2.05
C ILE A 1122 7.46 -17.85 2.84
N GLU A 1123 8.18 -16.98 2.12
CA GLU A 1123 9.08 -16.04 2.75
C GLU A 1123 8.96 -14.67 2.06
N GLY A 1124 9.03 -13.62 2.89
CA GLY A 1124 9.02 -12.26 2.39
C GLY A 1124 10.29 -11.48 2.69
N SER A 1125 10.19 -10.54 3.63
CA SER A 1125 11.36 -9.83 4.13
C SER A 1125 11.41 -9.77 5.65
N ASP A 1126 10.26 -9.82 6.30
CA ASP A 1126 10.18 -9.77 7.76
C ASP A 1126 9.26 -10.83 8.36
N ASP A 1127 8.37 -11.42 7.59
CA ASP A 1127 7.37 -12.35 8.08
C ASP A 1127 7.42 -13.59 7.19
N SER A 1128 7.07 -14.74 7.77
CA SER A 1128 7.18 -16.00 7.07
C SER A 1128 6.19 -17.00 7.65
N ALA A 1129 6.05 -18.13 6.97
CA ALA A 1129 5.14 -19.18 7.40
C ALA A 1129 5.66 -20.53 6.91
N ILE A 1130 5.24 -21.59 7.60
CA ILE A 1130 5.63 -22.95 7.26
C ILE A 1130 4.36 -23.81 7.24
N MET A 1131 4.23 -24.62 6.19
CA MET A 1131 3.07 -25.50 6.03
C MET A 1131 3.55 -26.95 5.93
N ILE A 1132 2.91 -27.83 6.69
CA ILE A 1132 3.22 -29.26 6.69
C ILE A 1132 1.91 -30.04 6.70
N SER A 1133 1.81 -31.05 5.84
CA SER A 1133 0.65 -31.94 5.79
C SER A 1133 1.11 -33.38 5.80
N ILE A 1134 0.40 -34.23 6.55
CA ILE A 1134 0.77 -35.62 6.73
C ILE A 1134 -0.46 -36.50 6.52
N ARG A 1135 -0.24 -37.80 6.29
CA ARG A 1135 -1.32 -38.76 6.13
C ARG A 1135 -1.13 -39.93 7.08
N PRO A 1136 -1.62 -39.84 8.33
CA PRO A 1136 -1.39 -40.94 9.28
C PRO A 1136 -2.16 -42.22 8.97
N LYS A 1137 -3.49 -42.14 8.81
CA LYS A 1137 -4.37 -43.32 8.66
C LYS A 1137 -4.22 -44.32 9.81
N SER A 1138 -3.98 -43.81 11.02
CA SER A 1138 -3.99 -44.61 12.24
C SER A 1138 -4.07 -43.68 13.45
N ASP A 1139 -4.96 -43.97 14.41
CA ASP A 1139 -5.21 -43.05 15.51
C ASP A 1139 -3.99 -42.90 16.41
N MET A 1140 -3.34 -44.01 16.76
CA MET A 1140 -2.09 -43.93 17.52
C MET A 1140 -1.03 -43.21 16.71
N ASP A 1141 -0.93 -43.54 15.41
CA ASP A 1141 -0.02 -42.82 14.55
C ASP A 1141 -0.46 -41.38 14.34
N GLU A 1142 -1.77 -41.10 14.37
CA GLU A 1142 -2.24 -39.71 14.38
C GLU A 1142 -1.61 -38.94 15.54
N VAL A 1143 -1.75 -39.48 16.75
CA VAL A 1143 -1.25 -38.80 17.95
C VAL A 1143 0.26 -38.61 17.87
N ARG A 1144 0.98 -39.68 17.54
CA ARG A 1144 2.44 -39.59 17.60
C ARG A 1144 3.00 -38.74 16.47
N SER A 1145 2.40 -38.81 15.28
CA SER A 1145 2.83 -37.97 14.17
C SER A 1145 2.57 -36.49 14.45
N ARG A 1146 1.41 -36.18 15.03
CA ARG A 1146 1.14 -34.78 15.37
C ARG A 1146 2.09 -34.28 16.45
N PHE A 1147 2.43 -35.14 17.41
CA PHE A 1147 3.42 -34.74 18.42
C PHE A 1147 4.78 -34.49 17.78
N PHE A 1148 5.19 -35.36 16.86
CA PHE A 1148 6.47 -35.18 16.18
C PHE A 1148 6.51 -33.88 15.38
N VAL A 1149 5.42 -33.58 14.65
CA VAL A 1149 5.38 -32.36 13.85
C VAL A 1149 5.34 -31.12 14.74
N ALA A 1150 4.63 -31.20 15.87
CA ALA A 1150 4.59 -30.08 16.79
C ALA A 1150 5.97 -29.79 17.37
N ASN A 1151 6.71 -30.84 17.75
CA ASN A 1151 8.07 -30.63 18.23
C ASN A 1151 8.96 -30.06 17.12
N LEU A 1152 8.80 -30.55 15.90
CA LEU A 1152 9.60 -30.09 14.78
C LEU A 1152 9.36 -28.60 14.50
N LEU A 1153 8.11 -28.16 14.60
CA LEU A 1153 7.80 -26.75 14.42
C LEU A 1153 8.21 -25.90 15.61
N HIS A 1154 8.23 -26.49 16.82
CA HIS A 1154 8.68 -25.73 17.98
C HIS A 1154 10.18 -25.52 17.98
N SER A 1155 10.93 -26.40 17.30
CA SER A 1155 12.38 -26.27 17.26
C SER A 1155 12.88 -25.04 16.50
N VAL A 1156 12.03 -24.38 15.72
CA VAL A 1156 12.48 -23.26 14.88
C VAL A 1156 12.93 -22.09 15.75
N LYS A 1157 12.26 -21.88 16.88
CA LYS A 1157 12.63 -20.79 17.78
C LYS A 1157 14.05 -20.97 18.31
N PHE A 1158 14.43 -22.21 18.63
CA PHE A 1158 15.79 -22.47 19.10
C PHE A 1158 16.80 -22.50 17.97
N LEU A 1159 16.40 -22.89 16.77
CA LEU A 1159 17.34 -22.93 15.65
C LEU A 1159 17.58 -21.57 15.03
N ASN A 1160 16.69 -20.60 15.26
CA ASN A 1160 16.87 -19.27 14.65
C ASN A 1160 18.12 -18.52 15.09
N PRO A 1161 18.49 -18.44 16.37
CA PRO A 1161 19.64 -17.57 16.74
C PRO A 1161 20.98 -18.01 16.18
N LEU A 1162 21.09 -19.21 15.60
CA LEU A 1162 22.33 -19.60 14.94
C LEU A 1162 22.61 -18.77 13.70
N PHE A 1163 21.58 -18.18 13.10
CA PHE A 1163 21.73 -17.35 11.91
C PHE A 1163 21.65 -15.87 12.22
N GLY A 1164 21.68 -15.48 13.49
CA GLY A 1164 21.47 -14.10 13.87
C GLY A 1164 20.06 -13.61 13.61
N ILE A 1165 19.06 -14.47 13.87
CA ILE A 1165 17.65 -14.14 13.68
C ILE A 1165 16.92 -14.48 14.97
N TYR A 1166 16.10 -13.54 15.45
CA TYR A 1166 15.43 -13.69 16.74
C TYR A 1166 13.92 -13.76 16.52
N SER A 1167 13.30 -14.83 16.97
CA SER A 1167 11.86 -14.98 16.85
C SER A 1167 11.14 -14.05 17.81
N SER A 1168 10.01 -13.50 17.35
CA SER A 1168 9.24 -12.55 18.12
C SER A 1168 8.30 -13.29 19.07
N GLU A 1169 7.56 -12.53 19.89
CA GLU A 1169 6.53 -13.08 20.75
C GLU A 1169 5.16 -13.05 20.09
N LYS A 1170 5.08 -12.61 18.84
CA LYS A 1170 3.83 -12.51 18.10
C LYS A 1170 3.68 -13.62 17.07
N SER A 1171 4.39 -14.73 17.24
CA SER A 1171 4.34 -15.85 16.31
C SER A 1171 3.43 -16.94 16.86
N THR A 1172 2.52 -17.42 16.02
CA THR A 1172 1.61 -18.49 16.38
C THR A 1172 2.13 -19.79 15.78
N VAL A 1173 2.33 -20.80 16.63
CA VAL A 1173 2.98 -22.03 16.24
C VAL A 1173 2.01 -23.18 16.39
N ASN A 1174 2.08 -24.14 15.46
CA ASN A 1174 1.31 -25.38 15.48
C ASN A 1174 -0.20 -25.11 15.39
N THR A 1175 -0.65 -24.54 14.28
CA THR A 1175 -2.05 -24.33 14.00
C THR A 1175 -2.45 -25.21 12.82
N VAL A 1176 -3.64 -25.81 12.89
CA VAL A 1176 -3.99 -26.86 11.94
C VAL A 1176 -4.45 -26.28 10.61
N TYR A 1177 -5.58 -25.59 10.59
CA TYR A 1177 -6.14 -25.07 9.35
C TYR A 1177 -6.19 -23.56 9.32
N CYS A 1178 -5.13 -22.90 9.79
CA CYS A 1178 -5.07 -21.45 9.78
C CYS A 1178 -3.63 -20.99 9.58
N VAL A 1179 -3.47 -19.97 8.75
CA VAL A 1179 -2.17 -19.34 8.51
C VAL A 1179 -2.42 -17.95 7.94
N GLU A 1180 -1.64 -16.98 8.40
CA GLU A 1180 -1.71 -15.63 7.87
C GLU A 1180 -0.30 -15.20 7.48
N TYR A 1181 -0.16 -14.62 6.29
CA TYR A 1181 1.17 -14.29 5.79
C TYR A 1181 1.53 -12.82 5.92
N ASN A 1182 0.80 -11.92 5.24
CA ASN A 1182 1.12 -10.50 5.41
C ASN A 1182 0.09 -9.83 6.30
N SER A 1183 -1.13 -9.76 5.81
CA SER A 1183 -2.34 -9.69 6.64
C SER A 1183 -3.44 -10.30 5.75
N GLU A 1184 -3.55 -11.63 5.83
CA GLU A 1184 -4.41 -12.36 4.91
C GLU A 1184 -4.63 -13.73 5.53
N PHE A 1185 -5.84 -13.99 6.00
CA PHE A 1185 -6.11 -15.14 6.84
C PHE A 1185 -6.74 -16.25 6.00
N HIS A 1186 -6.28 -17.48 6.23
CA HIS A 1186 -6.51 -18.59 5.32
C HIS A 1186 -7.26 -19.74 5.99
N PHE A 1187 -8.37 -19.44 6.66
CA PHE A 1187 -9.05 -20.47 7.44
C PHE A 1187 -9.68 -21.51 6.53
N HIS A 1188 -8.89 -22.54 6.19
CA HIS A 1188 -9.26 -23.60 5.25
C HIS A 1188 -9.64 -23.02 3.89
N ARG A 1189 -10.94 -22.96 3.60
CA ARG A 1189 -11.44 -22.45 2.33
C ARG A 1189 -12.19 -21.15 2.49
N HIS A 1190 -11.77 -20.32 3.45
CA HIS A 1190 -12.51 -19.14 3.86
C HIS A 1190 -11.58 -17.94 3.99
N LEU A 1191 -10.85 -17.63 2.91
CA LEU A 1191 -9.97 -16.48 2.86
C LEU A 1191 -10.66 -15.21 3.33
N VAL A 1192 -10.10 -14.58 4.36
CA VAL A 1192 -10.66 -13.37 4.96
C VAL A 1192 -9.63 -12.25 4.85
N ARG A 1193 -10.05 -11.11 4.31
CA ARG A 1193 -9.28 -9.89 4.41
C ARG A 1193 -10.04 -8.87 5.23
N PRO A 1194 -9.34 -8.06 6.03
CA PRO A 1194 -10.04 -7.03 6.81
C PRO A 1194 -10.46 -5.84 5.96
N THR A 1195 -11.75 -5.76 5.65
CA THR A 1195 -12.25 -4.64 4.83
C THR A 1195 -12.24 -3.34 5.63
N LEU A 1196 -12.31 -3.42 6.95
CA LEU A 1196 -12.34 -2.23 7.79
C LEU A 1196 -11.05 -1.43 7.66
N ARG A 1197 -9.93 -2.09 7.37
CA ARG A 1197 -8.66 -1.39 7.21
C ARG A 1197 -8.71 -0.41 6.04
N TRP A 1198 -9.34 -0.81 4.94
CA TRP A 1198 -9.46 0.06 3.78
C TRP A 1198 -10.67 0.98 3.83
N ILE A 1199 -11.71 0.61 4.57
CA ILE A 1199 -12.82 1.52 4.80
C ILE A 1199 -12.39 2.69 5.66
N ALA A 1200 -11.56 2.43 6.67
CA ALA A 1200 -11.08 3.48 7.56
C ALA A 1200 -10.13 4.46 6.87
N ALA A 1201 -9.57 4.09 5.72
CA ALA A 1201 -8.67 4.95 4.97
C ALA A 1201 -9.25 5.35 3.62
N SER A 1202 -10.58 5.43 3.53
CA SER A 1202 -11.21 5.77 2.27
C SER A 1202 -10.98 7.22 1.88
N HIS A 1203 -10.93 8.12 2.88
CA HIS A 1203 -10.74 9.55 2.63
C HIS A 1203 -9.31 9.93 2.98
N GLN A 1204 -8.39 9.54 2.09
CA GLN A 1204 -6.98 9.86 2.21
C GLN A 1204 -6.49 10.51 0.93
N ILE A 1205 -7.24 11.50 0.45
CA ILE A 1205 -6.94 12.14 -0.81
C ILE A 1205 -5.66 12.94 -0.72
N SER A 1206 -5.00 13.11 -1.87
CA SER A 1206 -3.78 13.89 -1.97
C SER A 1206 -4.09 15.27 -2.53
N GLU A 1207 -3.10 16.15 -2.48
CA GLU A 1207 -3.27 17.52 -2.95
C GLU A 1207 -3.09 17.55 -4.47
N THR A 1208 -4.16 17.87 -5.18
CA THR A 1208 -4.15 18.03 -6.63
C THR A 1208 -4.72 19.41 -6.97
N GLU A 1209 -4.41 19.88 -8.17
CA GLU A 1209 -4.83 21.20 -8.64
C GLU A 1209 -6.13 21.17 -9.42
N ALA A 1210 -6.25 20.27 -10.40
CA ALA A 1210 -7.48 20.17 -11.17
C ALA A 1210 -8.59 19.58 -10.32
N LEU A 1211 -9.81 20.11 -10.51
CA LEU A 1211 -10.96 19.59 -9.77
C LEU A 1211 -11.42 18.23 -10.28
N ALA A 1212 -11.10 17.89 -11.53
CA ALA A 1212 -11.40 16.56 -12.04
C ALA A 1212 -10.38 15.53 -11.60
N SER A 1213 -9.26 15.95 -11.01
CA SER A 1213 -8.28 15.02 -10.48
C SER A 1213 -8.59 14.57 -9.06
N ARG A 1214 -9.56 15.20 -8.40
CA ARG A 1214 -10.00 14.73 -7.09
C ARG A 1214 -10.83 13.46 -7.21
N GLN A 1215 -11.71 13.40 -8.20
CA GLN A 1215 -12.59 12.24 -8.35
C GLN A 1215 -11.83 11.00 -8.80
N GLU A 1216 -10.72 11.19 -9.53
CA GLU A 1216 -9.87 10.04 -9.87
C GLU A 1216 -9.27 9.41 -8.61
N ASP A 1217 -8.77 10.25 -7.69
CA ASP A 1217 -8.26 9.73 -6.42
C ASP A 1217 -9.37 9.12 -5.58
N TYR A 1218 -10.56 9.71 -5.63
CA TYR A 1218 -11.69 9.14 -4.91
C TYR A 1218 -12.03 7.74 -5.43
N SER A 1219 -12.03 7.57 -6.75
CA SER A 1219 -12.31 6.25 -7.33
C SER A 1219 -11.18 5.26 -7.02
N ASN A 1220 -9.94 5.74 -7.02
CA ASN A 1220 -8.81 4.88 -6.67
C ASN A 1220 -8.93 4.39 -5.23
N LEU A 1221 -9.39 5.26 -4.33
CA LEU A 1221 -9.61 4.83 -2.95
C LEU A 1221 -10.87 3.97 -2.81
N LEU A 1222 -11.82 4.15 -3.72
CA LEU A 1222 -13.07 3.38 -3.65
C LEU A 1222 -12.87 1.94 -4.13
N THR A 1223 -12.04 1.72 -5.14
CA THR A 1223 -11.90 0.36 -5.67
C THR A 1223 -11.17 -0.57 -4.71
N GLN A 1224 -10.26 -0.04 -3.89
CA GLN A 1224 -9.46 -0.88 -3.01
C GLN A 1224 -10.30 -1.52 -1.91
N CYS A 1225 -11.31 -0.81 -1.40
CA CYS A 1225 -12.18 -1.42 -0.40
C CYS A 1225 -13.06 -2.50 -1.02
N LEU A 1226 -13.45 -2.32 -2.29
CA LEU A 1226 -14.19 -3.36 -2.99
C LEU A 1226 -13.33 -4.61 -3.17
N GLU A 1227 -12.06 -4.43 -3.52
CA GLU A 1227 -11.16 -5.57 -3.64
C GLU A 1227 -10.89 -6.24 -2.29
N GLY A 1228 -11.19 -5.58 -1.17
CA GLY A 1228 -10.97 -6.11 0.15
C GLY A 1228 -12.11 -6.92 0.73
N GLY A 1229 -13.13 -7.24 -0.05
CA GLY A 1229 -14.23 -8.06 0.42
C GLY A 1229 -15.55 -7.33 0.54
N ALA A 1230 -15.60 -6.05 0.20
CA ALA A 1230 -16.84 -5.29 0.29
C ALA A 1230 -17.81 -5.72 -0.81
N SER A 1231 -19.10 -5.53 -0.55
CA SER A 1231 -20.13 -5.83 -1.53
C SER A 1231 -20.30 -4.63 -2.46
N PHE A 1232 -21.36 -4.64 -3.28
CA PHE A 1232 -21.62 -3.54 -4.18
C PHE A 1232 -22.52 -2.48 -3.54
N SER A 1233 -23.46 -2.89 -2.70
CA SER A 1233 -24.26 -1.93 -1.95
C SER A 1233 -23.39 -1.13 -0.98
N LEU A 1234 -22.45 -1.80 -0.32
CA LEU A 1234 -21.51 -1.09 0.55
C LEU A 1234 -20.68 -0.10 -0.23
N THR A 1235 -20.21 -0.49 -1.42
CA THR A 1235 -19.40 0.41 -2.23
C THR A 1235 -20.21 1.61 -2.69
N TYR A 1236 -21.49 1.42 -3.03
CA TYR A 1236 -22.34 2.55 -3.40
C TYR A 1236 -22.55 3.49 -2.23
N LEU A 1237 -22.76 2.94 -1.02
CA LEU A 1237 -22.92 3.79 0.15
C LEU A 1237 -21.64 4.54 0.49
N ILE A 1238 -20.49 3.89 0.32
CA ILE A 1238 -19.20 4.55 0.55
C ILE A 1238 -19.01 5.67 -0.47
N GLN A 1239 -19.47 5.46 -1.71
CA GLN A 1239 -19.40 6.52 -2.70
C GLN A 1239 -20.31 7.69 -2.34
N CYS A 1240 -21.47 7.42 -1.75
CA CYS A 1240 -22.32 8.51 -1.27
C CYS A 1240 -21.64 9.30 -0.16
N ALA A 1241 -20.97 8.61 0.76
CA ALA A 1241 -20.21 9.30 1.79
C ALA A 1241 -19.07 10.12 1.18
N GLN A 1242 -18.43 9.60 0.13
CA GLN A 1242 -17.40 10.36 -0.56
C GLN A 1242 -17.97 11.58 -1.26
N LEU A 1243 -19.19 11.48 -1.78
CA LEU A 1243 -19.89 12.65 -2.31
C LEU A 1243 -20.05 13.72 -1.24
N LEU A 1244 -20.50 13.32 -0.05
CA LEU A 1244 -20.63 14.28 1.05
C LEU A 1244 -19.29 14.90 1.41
N HIS A 1245 -18.23 14.10 1.45
CA HIS A 1245 -16.90 14.62 1.78
C HIS A 1245 -16.41 15.61 0.72
N HIS A 1246 -16.62 15.29 -0.55
CA HIS A 1246 -16.21 16.18 -1.64
C HIS A 1246 -16.94 17.51 -1.56
N TYR A 1247 -18.25 17.48 -1.31
CA TYR A 1247 -18.98 18.74 -1.24
C TYR A 1247 -18.70 19.50 0.05
N MET A 1248 -18.27 18.80 1.11
CA MET A 1248 -17.86 19.51 2.31
C MET A 1248 -16.55 20.25 2.09
N LEU A 1249 -15.56 19.60 1.49
CA LEU A 1249 -14.33 20.31 1.17
C LEU A 1249 -14.47 21.28 0.01
N LEU A 1250 -15.59 21.25 -0.71
CA LEU A 1250 -15.87 22.28 -1.71
C LEU A 1250 -16.50 23.54 -1.09
N GLY A 1251 -16.85 23.49 0.19
CA GLY A 1251 -17.37 24.67 0.87
C GLY A 1251 -18.84 24.63 1.20
N LEU A 1252 -19.35 23.47 1.60
CA LEU A 1252 -20.78 23.33 1.88
C LEU A 1252 -21.23 24.19 3.05
N CYS A 1253 -20.45 24.19 4.14
CA CYS A 1253 -20.82 24.90 5.36
C CYS A 1253 -19.70 25.83 5.80
N LEU A 1254 -18.99 26.42 4.84
CA LEU A 1254 -17.93 27.36 5.14
C LEU A 1254 -18.14 28.67 4.38
N HIS A 1255 -18.69 28.57 3.16
CA HIS A 1255 -18.92 29.70 2.29
C HIS A 1255 -20.40 30.07 2.29
N PRO A 1256 -20.72 31.37 2.36
CA PRO A 1256 -22.14 31.77 2.33
C PRO A 1256 -22.76 31.71 0.96
N LEU A 1257 -21.96 31.81 -0.11
CA LEU A 1257 -22.47 31.81 -1.48
C LEU A 1257 -22.46 30.40 -2.08
N PHE A 1258 -23.06 29.44 -1.39
CA PHE A 1258 -23.12 28.08 -1.88
C PHE A 1258 -24.47 27.72 -2.51
N GLY A 1259 -25.55 28.37 -2.09
CA GLY A 1259 -26.85 28.08 -2.67
C GLY A 1259 -26.93 28.48 -4.14
N THR A 1260 -26.39 29.64 -4.48
CA THR A 1260 -26.35 30.08 -5.88
C THR A 1260 -25.47 29.15 -6.71
N PHE A 1261 -24.30 28.78 -6.19
CA PHE A 1261 -23.40 27.89 -6.91
C PHE A 1261 -24.04 26.53 -7.15
N MET A 1262 -24.72 25.98 -6.15
CA MET A 1262 -25.40 24.70 -6.32
C MET A 1262 -26.55 24.81 -7.30
N GLY A 1263 -27.38 25.85 -7.17
CA GLY A 1263 -28.52 25.99 -8.05
C GLY A 1263 -28.12 26.19 -9.50
N MET A 1264 -27.00 26.86 -9.73
CA MET A 1264 -26.47 27.01 -11.08
C MET A 1264 -25.67 25.80 -11.53
N LEU A 1265 -25.21 24.96 -10.60
CA LEU A 1265 -24.60 23.68 -10.97
C LEU A 1265 -25.64 22.66 -11.38
N ILE A 1266 -26.89 22.84 -10.94
CA ILE A 1266 -27.98 21.99 -11.41
C ILE A 1266 -28.15 22.14 -12.92
N SER A 1267 -27.95 23.35 -13.43
CA SER A 1267 -28.11 23.64 -14.85
C SER A 1267 -26.84 23.39 -15.65
N ASP A 1268 -25.75 22.94 -15.03
CA ASP A 1268 -24.51 22.72 -15.78
C ASP A 1268 -23.62 21.68 -15.09
N PRO A 1269 -23.91 20.39 -15.25
CA PRO A 1269 -23.05 19.36 -14.65
C PRO A 1269 -21.74 19.24 -15.40
N ASP A 1270 -20.62 19.36 -14.67
CA ASP A 1270 -19.29 19.25 -15.26
C ASP A 1270 -18.28 18.86 -14.20
N PRO A 1271 -17.65 17.69 -14.31
CA PRO A 1271 -16.68 17.26 -13.30
C PRO A 1271 -15.49 18.19 -13.13
N ALA A 1272 -15.00 18.79 -14.23
CA ALA A 1272 -13.90 19.74 -14.12
C ALA A 1272 -14.34 21.06 -13.51
N LEU A 1273 -15.65 21.31 -13.42
CA LEU A 1273 -16.18 22.50 -12.80
C LEU A 1273 -16.65 22.24 -11.37
N GLY A 1274 -16.45 21.02 -10.86
CA GLY A 1274 -16.84 20.70 -9.50
C GLY A 1274 -18.13 19.92 -9.37
N PHE A 1275 -18.30 18.88 -10.18
CA PHE A 1275 -19.45 17.99 -10.11
C PHE A 1275 -18.95 16.57 -9.85
N PHE A 1276 -19.65 15.86 -8.97
CA PHE A 1276 -19.26 14.53 -8.56
C PHE A 1276 -20.15 13.50 -9.24
N LEU A 1277 -19.55 12.58 -9.99
CA LEU A 1277 -20.27 11.57 -10.74
C LEU A 1277 -20.38 10.29 -9.93
N MET A 1278 -21.59 9.75 -9.83
CA MET A 1278 -21.81 8.48 -9.15
C MET A 1278 -21.73 7.36 -10.19
N ASP A 1279 -22.12 6.16 -9.82
CA ASP A 1279 -22.10 5.05 -10.77
C ASP A 1279 -23.27 4.11 -10.48
N ASN A 1280 -23.36 3.05 -11.28
CA ASN A 1280 -24.47 2.11 -11.18
C ASN A 1280 -24.41 1.38 -9.84
N PRO A 1281 -25.49 1.34 -9.07
CA PRO A 1281 -25.43 0.69 -7.76
C PRO A 1281 -25.65 -0.81 -7.82
N ALA A 1282 -25.10 -1.44 -8.83
CA ALA A 1282 -24.95 -2.90 -8.88
C ALA A 1282 -23.54 -3.31 -9.28
N PHE A 1283 -22.94 -2.60 -10.23
CA PHE A 1283 -21.52 -2.71 -10.53
C PHE A 1283 -20.83 -1.47 -9.99
N ALA A 1284 -20.65 -1.44 -8.67
CA ALA A 1284 -20.41 -0.17 -7.98
C ALA A 1284 -18.94 0.24 -7.94
N GLY A 1285 -18.01 -0.69 -8.11
CA GLY A 1285 -16.61 -0.31 -7.97
C GLY A 1285 -15.70 -0.70 -9.10
N GLY A 1286 -16.13 -1.65 -9.94
CA GLY A 1286 -15.26 -2.14 -10.99
C GLY A 1286 -14.97 -1.09 -12.05
N ALA A 1287 -15.99 -0.34 -12.45
CA ALA A 1287 -15.82 0.70 -13.46
C ALA A 1287 -15.14 1.91 -12.85
N GLY A 1288 -14.12 2.42 -13.53
CA GLY A 1288 -13.37 3.55 -13.06
C GLY A 1288 -14.04 4.87 -13.39
N PHE A 1289 -13.22 5.93 -13.38
CA PHE A 1289 -13.74 7.26 -13.70
C PHE A 1289 -13.99 7.42 -15.19
N ARG A 1290 -13.25 6.72 -16.02
CA ARG A 1290 -13.43 6.83 -17.47
C ARG A 1290 -14.80 6.31 -17.90
N PHE A 1291 -15.26 5.21 -17.31
CA PHE A 1291 -16.56 4.67 -17.63
C PHE A 1291 -17.68 5.64 -17.23
N ASN A 1292 -17.53 6.26 -16.06
CA ASN A 1292 -18.49 7.25 -15.58
C ASN A 1292 -18.53 8.46 -16.50
N LEU A 1293 -17.34 8.91 -16.93
CA LEU A 1293 -17.26 10.03 -17.87
C LEU A 1293 -17.92 9.68 -19.20
N TRP A 1294 -17.71 8.45 -19.68
CA TRP A 1294 -18.32 8.02 -20.92
C TRP A 1294 -19.84 8.01 -20.83
N ARG A 1295 -20.37 7.45 -19.74
CA ARG A 1295 -21.82 7.42 -19.57
C ARG A 1295 -22.39 8.83 -19.41
N ALA A 1296 -21.67 9.71 -18.70
CA ALA A 1296 -22.14 11.08 -18.53
C ALA A 1296 -22.16 11.82 -19.86
N CYS A 1297 -21.12 11.66 -20.68
CA CYS A 1297 -21.08 12.37 -21.95
C CYS A 1297 -22.03 11.77 -22.99
N LYS A 1298 -22.42 10.51 -22.83
CA LYS A 1298 -23.38 9.90 -23.75
C LYS A 1298 -24.80 9.88 -23.18
N THR A 1299 -25.03 10.47 -22.02
CA THR A 1299 -26.38 10.48 -21.45
C THR A 1299 -26.95 11.87 -21.25
N THR A 1300 -26.13 12.85 -20.88
CA THR A 1300 -26.67 14.17 -20.57
C THR A 1300 -25.98 15.27 -21.37
N ASP A 1301 -26.21 16.53 -20.98
CA ASP A 1301 -25.76 17.70 -21.73
C ASP A 1301 -24.24 17.83 -21.77
N LEU A 1302 -23.49 17.00 -21.04
CA LEU A 1302 -22.04 17.12 -21.01
C LEU A 1302 -21.44 16.87 -22.40
N GLY A 1303 -21.91 15.82 -23.09
CA GLY A 1303 -21.39 15.54 -24.42
C GLY A 1303 -21.77 16.60 -25.43
N ARG A 1304 -23.00 17.11 -25.35
CA ARG A 1304 -23.44 18.15 -26.25
C ARG A 1304 -22.67 19.45 -26.03
N LYS A 1305 -22.43 19.80 -24.77
CA LYS A 1305 -21.66 21.01 -24.48
C LYS A 1305 -20.21 20.86 -24.89
N TYR A 1306 -19.66 19.65 -24.76
CA TYR A 1306 -18.25 19.42 -25.05
C TYR A 1306 -17.93 19.52 -26.54
N ALA A 1307 -18.95 19.52 -27.41
CA ALA A 1307 -18.72 19.56 -28.85
C ALA A 1307 -17.99 20.82 -29.30
N TYR A 1308 -18.11 21.93 -28.56
CA TYR A 1308 -17.42 23.16 -28.94
C TYR A 1308 -15.91 23.00 -28.88
N TYR A 1309 -15.39 22.05 -28.11
CA TYR A 1309 -13.95 21.85 -28.10
C TYR A 1309 -13.43 21.19 -29.37
N PHE A 1310 -14.33 20.84 -30.30
CA PHE A 1310 -13.95 20.40 -31.64
C PHE A 1310 -14.84 21.01 -32.71
N ASN A 1311 -15.63 22.03 -32.37
CA ASN A 1311 -16.50 22.69 -33.33
C ASN A 1311 -16.31 24.20 -33.30
N GLU A 1312 -15.93 24.72 -32.13
CA GLU A 1312 -15.69 26.17 -31.98
C GLU A 1312 -14.24 26.54 -32.27
N ILE A 1313 -13.30 25.64 -31.97
CA ILE A 1313 -11.89 25.89 -32.24
C ILE A 1313 -11.40 25.15 -33.49
N GLN A 1314 -12.33 24.67 -34.33
CA GLN A 1314 -11.94 23.96 -35.53
C GLN A 1314 -11.24 24.85 -36.55
N GLY A 1315 -11.46 26.16 -36.49
CA GLY A 1315 -10.79 27.08 -37.40
C GLY A 1315 -9.44 27.54 -36.89
N LEU A 1334 -9.95 16.06 -19.51
CA LEU A 1334 -9.62 17.39 -20.01
C LEU A 1334 -10.17 18.47 -19.08
N SER A 1335 -9.28 19.17 -18.39
CA SER A 1335 -9.65 20.23 -17.46
C SER A 1335 -8.88 21.50 -17.79
N HIS A 1336 -9.57 22.63 -17.72
CA HIS A 1336 -8.97 23.93 -18.01
C HIS A 1336 -9.00 24.87 -16.82
N SER A 1337 -9.37 24.38 -15.63
CA SER A 1337 -9.42 25.18 -14.42
C SER A 1337 -8.30 24.71 -13.49
N VAL A 1338 -7.15 25.37 -13.59
CA VAL A 1338 -5.98 25.01 -12.79
C VAL A 1338 -5.92 25.93 -11.58
N MET A 1339 -5.88 25.34 -10.39
CA MET A 1339 -5.73 26.10 -9.17
C MET A 1339 -4.30 26.61 -9.02
N VAL A 1340 -4.15 27.68 -8.24
CA VAL A 1340 -2.84 28.24 -7.98
C VAL A 1340 -2.11 27.52 -6.84
N TYR A 1341 -2.86 26.87 -5.95
CA TYR A 1341 -2.26 26.17 -4.81
C TYR A 1341 -2.13 24.67 -5.09
N ARG A 1345 2.29 27.84 -1.41
CA ARG A 1345 3.26 27.74 -2.50
C ARG A 1345 4.30 28.84 -2.40
N LYS A 1346 5.41 28.55 -1.71
CA LYS A 1346 6.48 29.51 -1.52
C LYS A 1346 7.87 28.93 -1.75
N LYS A 1347 8.00 27.60 -1.88
CA LYS A 1347 9.29 26.96 -2.01
C LYS A 1347 9.42 26.23 -3.35
N TYR A 1348 8.81 26.78 -4.40
CA TYR A 1348 8.93 26.25 -5.75
C TYR A 1348 9.89 27.07 -6.60
N GLN A 1349 9.76 28.39 -6.57
CA GLN A 1349 10.72 29.24 -7.27
C GLN A 1349 12.12 29.10 -6.69
N ALA A 1350 12.20 28.89 -5.38
CA ALA A 1350 13.48 28.64 -4.74
C ALA A 1350 14.11 27.34 -5.24
N LEU A 1351 13.29 26.29 -5.42
CA LEU A 1351 13.79 25.05 -5.98
C LEU A 1351 14.24 25.23 -7.41
N LEU A 1352 13.47 25.98 -8.20
CA LEU A 1352 13.79 26.21 -9.62
C LEU A 1352 15.09 26.97 -9.77
N ASN A 1353 15.29 28.03 -8.98
CA ASN A 1353 16.51 28.81 -9.07
C ASN A 1353 17.68 28.11 -8.40
N ARG A 1354 17.38 27.17 -7.50
CA ARG A 1354 18.44 26.45 -6.79
C ARG A 1354 19.26 25.58 -7.73
N MET A 1355 18.60 24.85 -8.61
CA MET A 1355 19.29 23.96 -9.54
C MET A 1355 19.47 24.56 -10.92
N GLY A 1356 19.20 25.86 -11.08
CA GLY A 1356 19.67 26.64 -12.21
C GLY A 1356 19.19 26.26 -13.59
N LEU A 1357 17.88 26.06 -13.76
CA LEU A 1357 17.32 25.88 -15.09
C LEU A 1357 17.40 27.19 -15.86
N PRO A 1358 17.89 27.18 -17.11
CA PRO A 1358 17.93 28.43 -17.87
C PRO A 1358 16.53 28.85 -18.28
N GLU A 1359 16.38 30.16 -18.55
CA GLU A 1359 15.08 30.70 -18.93
C GLU A 1359 14.85 30.58 -20.44
N ASP A 1360 15.07 29.37 -20.95
CA ASP A 1360 14.83 29.06 -22.37
C ASP A 1360 14.25 27.66 -22.53
N TRP A 1361 13.74 27.05 -21.47
CA TRP A 1361 13.46 25.62 -21.47
C TRP A 1361 12.30 25.24 -22.37
N VAL A 1362 11.46 26.20 -22.78
CA VAL A 1362 10.27 25.93 -23.57
C VAL A 1362 10.50 26.21 -25.06
N GLU A 1363 11.17 27.32 -25.38
CA GLU A 1363 11.37 27.68 -26.77
C GLU A 1363 12.40 26.77 -27.43
N GLN A 1364 13.37 26.29 -26.65
CA GLN A 1364 14.37 25.38 -27.19
C GLN A 1364 13.77 24.03 -27.54
N ILE A 1365 12.82 23.55 -26.74
CA ILE A 1365 12.06 22.38 -27.14
C ILE A 1365 11.16 22.71 -28.32
N ASP A 1366 10.63 23.93 -28.38
CA ASP A 1366 9.71 24.29 -29.46
C ASP A 1366 10.39 24.25 -30.82
N GLU A 1367 11.62 24.78 -30.91
CA GLU A 1367 12.31 24.77 -32.21
C GLU A 1367 12.75 23.37 -32.59
N ASN A 1368 13.36 22.64 -31.65
CA ASN A 1368 13.82 21.28 -31.89
C ASN A 1368 13.13 20.37 -30.88
N PRO A 1369 12.09 19.64 -31.28
CA PRO A 1369 11.47 18.67 -30.36
C PRO A 1369 12.23 17.36 -30.30
N GLY A 1370 13.43 17.33 -30.92
CA GLY A 1370 14.22 16.11 -30.95
C GLY A 1370 14.64 15.63 -29.57
N VAL A 1371 14.84 16.55 -28.63
CA VAL A 1371 15.30 16.19 -27.30
C VAL A 1371 14.24 15.51 -26.46
N LEU A 1372 12.98 15.55 -26.88
CA LEU A 1372 11.88 15.07 -26.05
C LEU A 1372 11.55 13.59 -26.27
N TYR A 1373 11.59 13.10 -27.51
CA TYR A 1373 11.18 11.74 -27.80
C TYR A 1373 12.32 10.76 -28.00
N ARG A 1374 13.46 11.17 -28.57
CA ARG A 1374 14.43 10.20 -29.06
C ARG A 1374 15.24 9.60 -27.92
N ARG A 1375 16.09 10.39 -27.28
CA ARG A 1375 17.13 9.88 -26.40
C ARG A 1375 17.90 11.05 -25.80
N ALA A 1376 18.68 10.80 -24.75
CA ALA A 1376 19.64 11.78 -24.24
C ALA A 1376 21.01 11.46 -24.80
N ALA A 1377 21.58 12.43 -25.51
CA ALA A 1377 22.86 12.21 -26.18
C ALA A 1377 23.98 12.92 -25.46
N ASN A 1378 23.80 14.21 -25.18
CA ASN A 1378 24.81 15.01 -24.49
C ASN A 1378 24.15 15.96 -23.50
N LYS A 1379 24.91 16.98 -23.06
CA LYS A 1379 24.51 17.80 -21.93
C LYS A 1379 23.17 18.51 -22.17
N LYS A 1380 23.00 19.08 -23.38
CA LYS A 1380 21.82 19.90 -23.63
C LYS A 1380 20.53 19.07 -23.63
N GLU A 1381 20.57 17.88 -24.23
CA GLU A 1381 19.38 17.02 -24.24
C GLU A 1381 19.00 16.61 -22.82
N LEU A 1382 19.99 16.25 -22.01
CA LEU A 1382 19.75 15.88 -20.62
C LEU A 1382 19.15 17.04 -19.84
N LEU A 1383 19.70 18.25 -20.04
CA LEU A 1383 19.21 19.42 -19.32
C LEU A 1383 17.77 19.74 -19.73
N LEU A 1384 17.47 19.67 -21.03
CA LEU A 1384 16.12 19.97 -21.49
C LEU A 1384 15.12 18.93 -21.03
N LYS A 1385 15.51 17.65 -21.05
CA LYS A 1385 14.61 16.60 -20.59
C LYS A 1385 14.36 16.72 -19.09
N LEU A 1386 15.39 17.07 -18.33
CA LEU A 1386 15.22 17.31 -16.89
C LEU A 1386 14.32 18.50 -16.63
N ALA A 1387 14.47 19.58 -17.41
CA ALA A 1387 13.59 20.74 -17.27
C ALA A 1387 12.15 20.39 -17.58
N GLU A 1388 11.94 19.56 -18.60
CA GLU A 1388 10.59 19.08 -18.89
C GLU A 1388 10.04 18.23 -17.74
N LYS A 1389 10.89 17.39 -17.16
CA LYS A 1389 10.45 16.52 -16.08
C LYS A 1389 10.06 17.31 -14.83
N VAL A 1390 10.82 18.37 -14.53
CA VAL A 1390 10.51 19.20 -13.36
C VAL A 1390 9.15 19.87 -13.53
N HIS A 1391 8.89 20.42 -14.71
CA HIS A 1391 7.63 21.12 -14.98
C HIS A 1391 6.55 20.13 -15.42
N SER A 1392 6.19 19.25 -14.48
CA SER A 1392 5.21 18.20 -14.70
C SER A 1392 4.23 18.18 -13.53
N PRO A 1393 3.01 17.67 -13.71
CA PRO A 1393 2.05 17.65 -12.59
C PRO A 1393 2.46 16.72 -11.46
N GLY A 1394 3.39 15.78 -11.68
CA GLY A 1394 3.75 14.85 -10.64
C GLY A 1394 4.45 15.51 -9.46
N VAL A 1395 5.32 16.49 -9.74
CA VAL A 1395 6.02 17.17 -8.67
C VAL A 1395 5.06 17.98 -7.81
N THR A 1396 3.94 18.45 -8.39
CA THR A 1396 2.96 19.22 -7.62
C THR A 1396 2.33 18.36 -6.53
N SER A 1397 2.02 17.10 -6.85
CA SER A 1397 1.51 16.20 -5.83
C SER A 1397 2.61 15.69 -4.91
N SER A 1398 3.83 15.54 -5.43
CA SER A 1398 4.89 14.93 -4.61
C SER A 1398 5.42 15.90 -3.56
N LEU A 1399 5.65 17.16 -3.93
CA LEU A 1399 6.19 18.15 -3.00
C LEU A 1399 5.03 18.80 -2.26
N SER A 1400 4.72 18.26 -1.08
CA SER A 1400 3.64 18.78 -0.26
C SER A 1400 3.86 18.32 1.17
N LYS A 1401 3.17 18.98 2.10
CA LYS A 1401 3.20 18.57 3.49
C LYS A 1401 2.25 17.39 3.71
N GLY A 1402 2.33 16.80 4.90
CA GLY A 1402 1.58 15.59 5.18
C GLY A 1402 0.14 15.78 5.59
N HIS A 1403 -0.30 17.01 5.84
CA HIS A 1403 -1.67 17.30 6.24
C HIS A 1403 -2.38 17.84 5.01
N VAL A 1404 -3.22 17.01 4.41
CA VAL A 1404 -3.88 17.40 3.16
C VAL A 1404 -5.25 18.00 3.44
N VAL A 1405 -6.07 17.32 4.24
CA VAL A 1405 -7.47 17.73 4.41
C VAL A 1405 -7.61 19.11 5.04
N PRO A 1406 -6.95 19.44 6.16
CA PRO A 1406 -7.08 20.81 6.69
C PRO A 1406 -6.58 21.89 5.73
N ARG A 1407 -5.48 21.64 5.02
CA ARG A 1407 -4.96 22.63 4.08
C ARG A 1407 -5.91 22.84 2.93
N VAL A 1408 -6.50 21.77 2.41
CA VAL A 1408 -7.43 21.89 1.29
C VAL A 1408 -8.72 22.58 1.73
N VAL A 1409 -9.20 22.27 2.93
CA VAL A 1409 -10.47 22.85 3.36
C VAL A 1409 -10.28 24.27 3.87
N ALA A 1410 -9.04 24.66 4.16
CA ALA A 1410 -8.78 26.04 4.54
C ALA A 1410 -8.96 26.98 3.35
N ALA A 1411 -8.59 26.54 2.15
CA ALA A 1411 -8.76 27.37 0.96
C ALA A 1411 -10.20 27.38 0.48
N GLY A 1412 -11.07 26.55 1.06
CA GLY A 1412 -12.44 26.49 0.61
C GLY A 1412 -13.28 27.67 1.07
N VAL A 1413 -12.75 28.45 2.01
CA VAL A 1413 -13.48 29.59 2.57
C VAL A 1413 -13.54 30.72 1.55
N TYR A 1414 -12.62 30.71 0.58
CA TYR A 1414 -12.59 31.76 -0.43
C TYR A 1414 -12.55 31.23 -1.85
N LEU A 1415 -12.95 29.97 -2.07
CA LEU A 1415 -12.80 29.36 -3.39
C LEU A 1415 -13.79 29.94 -4.39
N LEU A 1416 -15.05 30.06 -4.00
CA LEU A 1416 -16.10 30.46 -4.94
C LEU A 1416 -16.07 31.95 -5.26
N SER A 1417 -15.70 32.79 -4.30
CA SER A 1417 -15.83 34.23 -4.48
C SER A 1417 -14.56 34.87 -5.05
N ARG A 1418 -13.43 34.67 -4.39
CA ARG A 1418 -12.21 35.35 -4.79
C ARG A 1418 -11.61 34.72 -6.04
N HIS A 1419 -10.67 35.44 -6.64
CA HIS A 1419 -9.99 34.97 -7.85
C HIS A 1419 -8.93 33.95 -7.45
N CYS A 1420 -9.17 32.70 -7.79
CA CYS A 1420 -8.26 31.62 -7.40
C CYS A 1420 -7.80 30.77 -8.57
N PHE A 1421 -8.66 30.53 -9.56
CA PHE A 1421 -8.37 29.60 -10.64
C PHE A 1421 -7.57 30.27 -11.74
N ARG A 1422 -7.11 29.44 -12.68
CA ARG A 1422 -6.41 29.89 -13.87
C ARG A 1422 -6.94 29.14 -15.08
N PHE A 1423 -6.90 29.80 -16.23
CA PHE A 1423 -7.37 29.19 -17.47
C PHE A 1423 -6.38 28.15 -17.98
N THR A 1433 -2.92 33.20 -17.10
CA THR A 1433 -3.30 34.60 -17.09
C THR A 1433 -4.80 34.77 -16.90
N GLN A 1434 -5.21 35.98 -16.53
CA GLN A 1434 -6.61 36.34 -16.31
C GLN A 1434 -7.27 35.41 -15.30
N LYS A 1435 -6.75 35.41 -14.08
CA LYS A 1435 -7.29 34.57 -13.02
C LYS A 1435 -8.69 35.05 -12.65
N ALA A 1436 -9.58 34.08 -12.43
CA ALA A 1436 -10.98 34.37 -12.13
C ALA A 1436 -11.48 33.40 -11.06
N SER A 1437 -12.76 33.53 -10.73
CA SER A 1437 -13.40 32.75 -9.68
C SER A 1437 -14.29 31.67 -10.28
N LEU A 1438 -14.72 30.73 -9.44
CA LEU A 1438 -15.54 29.61 -9.90
C LEU A 1438 -16.89 30.09 -10.42
N ILE A 1439 -17.46 31.11 -9.78
CA ILE A 1439 -18.73 31.66 -10.22
C ILE A 1439 -18.60 32.24 -11.61
N LYS A 1440 -17.50 32.96 -11.88
CA LYS A 1440 -17.30 33.57 -13.19
C LYS A 1440 -17.17 32.52 -14.29
N LEU A 1441 -16.38 31.46 -14.04
CA LEU A 1441 -16.26 30.39 -15.01
C LEU A 1441 -17.60 29.70 -15.26
N LEU A 1442 -18.36 29.44 -14.20
CA LEU A 1442 -19.64 28.76 -14.37
C LEU A 1442 -20.62 29.64 -15.14
N MET A 1443 -20.57 30.97 -14.92
CA MET A 1443 -21.46 31.86 -15.65
C MET A 1443 -21.06 31.98 -17.12
N MET A 1444 -19.75 32.05 -17.40
CA MET A 1444 -19.34 32.22 -18.79
C MET A 1444 -19.55 30.94 -19.59
N SER A 1445 -19.48 29.78 -18.93
CA SER A 1445 -19.78 28.54 -19.63
C SER A 1445 -21.28 28.40 -19.89
N SER A 1446 -22.09 29.16 -19.15
CA SER A 1446 -23.54 29.00 -19.26
C SER A 1446 -24.09 29.62 -20.54
N ILE A 1447 -23.61 30.81 -20.90
CA ILE A 1447 -24.19 31.55 -22.02
C ILE A 1447 -23.41 31.40 -23.31
N SER A 1448 -22.21 30.81 -23.26
CA SER A 1448 -21.37 30.72 -24.44
C SER A 1448 -21.20 29.25 -24.81
N ALA A 1449 -20.76 28.38 -23.90
CA ALA A 1449 -20.43 27.01 -24.25
C ALA A 1449 -21.64 26.10 -24.30
N MET A 1450 -22.74 26.51 -23.68
CA MET A 1450 -23.91 25.63 -23.59
C MET A 1450 -24.84 25.77 -24.79
N LYS A 1451 -24.88 26.95 -25.42
CA LYS A 1451 -25.86 27.23 -26.48
C LYS A 1451 -25.47 26.47 -27.75
N HIS A 1452 -25.76 25.17 -27.72
CA HIS A 1452 -25.47 24.27 -28.82
C HIS A 1452 -26.47 23.13 -28.81
N GLY A 1453 -26.69 22.53 -29.97
CA GLY A 1453 -27.52 21.35 -30.08
C GLY A 1453 -26.89 20.28 -30.94
N GLY A 1454 -26.64 19.12 -30.37
CA GLY A 1454 -26.01 18.05 -31.13
C GLY A 1454 -25.38 17.04 -30.21
N SER A 1455 -24.51 16.21 -30.81
CA SER A 1455 -23.79 15.19 -30.06
C SER A 1455 -22.43 14.97 -30.71
N LEU A 1456 -21.51 14.41 -29.94
CA LEU A 1456 -20.18 14.11 -30.46
C LEU A 1456 -20.27 13.00 -31.50
N ASN A 1457 -19.75 13.26 -32.69
CA ASN A 1457 -19.85 12.30 -33.78
C ASN A 1457 -18.97 11.07 -33.50
N PRO A 1458 -19.48 9.87 -33.81
CA PRO A 1458 -18.76 8.64 -33.44
C PRO A 1458 -17.49 8.38 -34.26
N ASN A 1459 -16.64 9.40 -34.34
CA ASN A 1459 -15.30 9.22 -34.89
C ASN A 1459 -14.26 9.87 -33.99
N GLN A 1460 -14.67 10.87 -33.20
CA GLN A 1460 -13.81 11.40 -32.15
C GLN A 1460 -14.08 10.63 -30.86
N GLU A 1461 -15.06 9.74 -30.89
CA GLU A 1461 -15.35 8.90 -29.73
C GLU A 1461 -14.17 8.01 -29.37
N ARG A 1462 -13.51 7.45 -30.38
CA ARG A 1462 -12.37 6.54 -30.17
C ARG A 1462 -11.05 7.27 -30.01
N MET A 1463 -11.08 8.55 -29.61
CA MET A 1463 -9.88 9.27 -29.23
C MET A 1463 -9.86 9.55 -27.73
N LEU A 1464 -10.88 10.22 -27.20
CA LEU A 1464 -11.01 10.35 -25.76
C LEU A 1464 -11.26 8.99 -25.12
N PHE A 1465 -12.11 8.17 -25.75
CA PHE A 1465 -12.47 6.85 -25.24
C PHE A 1465 -12.22 5.83 -26.34
N PRO A 1466 -10.96 5.42 -26.52
CA PRO A 1466 -10.66 4.40 -27.54
C PRO A 1466 -11.01 3.00 -27.06
N GLN A 1467 -11.72 2.93 -25.93
CA GLN A 1467 -12.07 1.68 -25.28
C GLN A 1467 -13.58 1.55 -25.13
N ALA A 1468 -14.33 2.00 -26.15
CA ALA A 1468 -15.77 2.22 -25.99
C ALA A 1468 -16.59 1.01 -26.40
N GLN A 1469 -16.02 0.10 -27.18
CA GLN A 1469 -16.76 -1.09 -27.60
C GLN A 1469 -17.10 -1.98 -26.41
N GLU A 1470 -16.10 -2.27 -25.58
CA GLU A 1470 -16.37 -3.06 -24.39
C GLU A 1470 -17.04 -2.24 -23.30
N TYR A 1471 -16.89 -0.91 -23.34
CA TYR A 1471 -17.79 -0.05 -22.57
C TYR A 1471 -19.24 -0.39 -22.88
N ASP A 1472 -19.56 -0.48 -24.18
CA ASP A 1472 -20.94 -0.71 -24.58
C ASP A 1472 -21.39 -2.12 -24.22
N ARG A 1473 -20.54 -3.12 -24.45
CA ARG A 1473 -21.04 -4.48 -24.14
C ARG A 1473 -20.98 -4.81 -22.64
N VAL A 1474 -20.33 -4.00 -21.79
CA VAL A 1474 -20.52 -4.11 -20.34
C VAL A 1474 -21.75 -3.33 -19.89
N CYS A 1475 -21.98 -2.14 -20.45
CA CYS A 1475 -23.16 -1.38 -20.10
C CYS A 1475 -24.44 -2.11 -20.51
N THR A 1476 -24.37 -2.90 -21.59
CA THR A 1476 -25.53 -3.69 -22.01
C THR A 1476 -25.89 -4.74 -20.98
N LEU A 1477 -24.88 -5.44 -20.44
CA LEU A 1477 -25.14 -6.43 -19.39
C LEU A 1477 -25.60 -5.76 -18.11
N LEU A 1478 -25.05 -4.58 -17.80
CA LEU A 1478 -25.54 -3.81 -16.66
C LEU A 1478 -26.98 -3.35 -16.86
N GLU A 1479 -27.41 -3.19 -18.11
CA GLU A 1479 -28.79 -2.81 -18.41
C GLU A 1479 -29.69 -4.04 -18.50
N GLU A 1480 -29.62 -4.89 -17.48
CA GLU A 1480 -30.47 -6.07 -17.41
C GLU A 1480 -31.21 -6.11 -16.08
N VAL A 1481 -30.58 -5.56 -15.04
CA VAL A 1481 -31.19 -5.46 -13.72
C VAL A 1481 -31.56 -4.00 -13.47
N GLU A 1482 -32.85 -3.76 -13.25
CA GLU A 1482 -33.35 -2.42 -12.96
C GLU A 1482 -34.32 -2.39 -11.79
N HIS A 1483 -34.63 -3.53 -11.19
CA HIS A 1483 -35.57 -3.57 -10.07
C HIS A 1483 -34.92 -4.21 -8.86
N LEU A 1484 -35.68 -4.40 -7.79
CA LEU A 1484 -35.20 -5.03 -6.56
C LEU A 1484 -36.05 -6.27 -6.32
N THR A 1485 -35.60 -7.39 -6.86
CA THR A 1485 -36.28 -8.67 -6.69
C THR A 1485 -35.25 -9.74 -6.38
N GLY A 1486 -35.73 -10.88 -5.89
CA GLY A 1486 -34.87 -12.00 -5.62
C GLY A 1486 -35.24 -12.67 -4.31
N LYS A 1487 -34.37 -13.57 -3.88
CA LYS A 1487 -34.61 -14.38 -2.69
C LYS A 1487 -33.35 -14.41 -1.83
N PHE A 1488 -33.55 -14.70 -0.55
CA PHE A 1488 -32.45 -14.78 0.41
C PHE A 1488 -31.95 -16.21 0.44
N VAL A 1489 -30.92 -16.50 -0.35
CA VAL A 1489 -30.35 -17.84 -0.43
C VAL A 1489 -29.39 -18.07 0.72
N VAL A 1490 -28.97 -19.32 0.91
CA VAL A 1490 -28.02 -19.71 1.93
C VAL A 1490 -26.61 -19.56 1.36
N ARG A 1491 -25.68 -19.08 2.19
CA ARG A 1491 -24.33 -18.82 1.73
C ARG A 1491 -23.61 -20.11 1.34
N GLU A 1492 -22.64 -19.97 0.44
CA GLU A 1492 -21.79 -21.07 0.01
C GLU A 1492 -20.40 -20.89 0.60
N ARG A 1493 -19.88 -21.96 1.20
CA ARG A 1493 -18.64 -21.90 1.98
C ARG A 1493 -17.47 -22.29 1.10
N ASN A 1494 -17.19 -21.45 0.08
CA ASN A 1494 -16.02 -21.69 -0.76
C ASN A 1494 -15.34 -20.39 -1.16
N ILE A 1495 -15.32 -19.37 -0.29
CA ILE A 1495 -14.85 -18.03 -0.63
C ILE A 1495 -13.39 -18.06 -1.06
N VAL A 1496 -13.13 -17.71 -2.32
CA VAL A 1496 -11.78 -17.66 -2.86
C VAL A 1496 -11.60 -16.37 -3.64
N ARG A 1497 -10.35 -16.01 -3.89
CA ARG A 1497 -10.02 -14.81 -4.63
C ARG A 1497 -10.08 -15.08 -6.13
N SER A 1498 -10.81 -14.23 -6.86
CA SER A 1498 -11.00 -14.39 -8.29
C SER A 1498 -10.33 -13.23 -9.04
N ARG A 1499 -10.40 -13.30 -10.37
CA ARG A 1499 -9.90 -12.22 -11.22
C ARG A 1499 -10.83 -12.13 -12.42
N ILE A 1500 -11.48 -10.99 -12.60
CA ILE A 1500 -12.41 -10.77 -13.69
C ILE A 1500 -11.72 -9.93 -14.76
N ASP A 1501 -11.73 -10.43 -15.99
CA ASP A 1501 -11.17 -9.73 -17.14
C ASP A 1501 -12.25 -8.77 -17.65
N LEU A 1502 -12.44 -7.67 -16.92
CA LEU A 1502 -13.42 -6.67 -17.33
C LEU A 1502 -13.01 -5.98 -18.63
N PHE A 1503 -11.77 -5.50 -18.70
CA PHE A 1503 -11.27 -4.74 -19.84
C PHE A 1503 -9.92 -5.33 -20.20
N GLN A 1504 -9.92 -6.36 -21.04
CA GLN A 1504 -8.66 -7.01 -21.37
C GLN A 1504 -7.75 -6.07 -22.15
N GLU A 1505 -8.02 -5.89 -23.44
CA GLU A 1505 -7.52 -4.84 -24.31
C GLU A 1505 -8.25 -4.98 -25.63
N PRO A 1506 -8.62 -3.88 -26.30
CA PRO A 1506 -9.11 -4.01 -27.68
C PRO A 1506 -7.94 -4.24 -28.63
N VAL A 1507 -7.98 -5.36 -29.35
CA VAL A 1507 -6.89 -5.72 -30.23
C VAL A 1507 -6.98 -5.01 -31.57
N ASP A 1508 -8.16 -4.48 -31.92
CA ASP A 1508 -8.33 -3.78 -33.19
C ASP A 1508 -7.63 -2.43 -33.23
N LEU A 1509 -7.13 -1.94 -32.09
CA LEU A 1509 -6.48 -0.64 -32.02
C LEU A 1509 -5.05 -0.65 -32.54
N ARG A 1510 -4.44 -1.82 -32.71
CA ARG A 1510 -3.07 -2.03 -33.21
C ARG A 1510 -2.09 -1.06 -32.56
N CYS A 1511 -1.90 -1.28 -31.26
CA CYS A 1511 -1.07 -0.54 -30.30
C CYS A 1511 -1.59 0.90 -30.20
N LYS A 1512 -0.69 1.85 -29.96
CA LYS A 1512 -1.07 3.19 -29.52
C LYS A 1512 -0.80 4.22 -30.62
N ALA A 1513 -0.97 5.49 -30.28
CA ALA A 1513 -0.92 6.59 -31.24
C ALA A 1513 0.30 7.49 -31.07
N GLU A 1514 0.80 7.60 -29.84
CA GLU A 1514 1.97 8.45 -29.60
C GLU A 1514 3.20 7.92 -30.33
N ASP A 1515 3.40 6.60 -30.31
CA ASP A 1515 4.49 6.01 -31.07
C ASP A 1515 4.31 6.21 -32.57
N LEU A 1516 3.06 6.21 -33.03
CA LEU A 1516 2.79 6.51 -34.44
C LEU A 1516 3.15 7.95 -34.78
N VAL A 1517 2.84 8.89 -33.88
CA VAL A 1517 3.19 10.29 -34.11
C VAL A 1517 4.70 10.45 -34.17
N SER A 1518 5.42 9.80 -33.24
CA SER A 1518 6.87 9.84 -33.28
C SER A 1518 7.41 9.19 -34.56
N GLU A 1519 6.74 8.13 -35.02
CA GLU A 1519 7.11 7.48 -36.26
C GLU A 1519 7.04 8.43 -37.45
N VAL A 1520 5.89 9.08 -37.61
CA VAL A 1520 5.67 9.90 -38.80
C VAL A 1520 6.38 11.24 -38.68
N TRP A 1521 6.79 11.60 -37.46
CA TRP A 1521 7.43 12.90 -37.28
C TRP A 1521 8.95 12.81 -37.32
N PHE A 1522 9.54 11.91 -36.54
CA PHE A 1522 10.95 12.00 -36.19
C PHE A 1522 11.86 11.13 -37.05
N GLY A 1523 11.29 10.35 -37.97
CA GLY A 1523 12.12 9.41 -38.73
C GLY A 1523 12.72 8.32 -37.86
N LEU A 1524 11.98 7.88 -36.84
CA LEU A 1524 12.41 6.84 -35.93
C LEU A 1524 11.40 5.70 -35.99
N LYS A 1525 11.89 4.47 -35.98
CA LYS A 1525 11.01 3.31 -35.94
C LYS A 1525 10.56 3.09 -34.50
N ARG A 1526 9.24 3.19 -34.27
CA ARG A 1526 8.68 3.08 -32.93
C ARG A 1526 7.48 2.16 -32.85
N THR A 1527 6.78 1.91 -33.96
CA THR A 1527 5.66 1.00 -34.00
C THR A 1527 6.10 -0.32 -34.62
N LYS A 1528 5.44 -1.41 -34.21
CA LYS A 1528 5.78 -2.72 -34.73
C LYS A 1528 4.98 -3.02 -36.00
N LEU A 1529 5.03 -2.12 -36.97
CA LEU A 1529 4.35 -2.28 -38.25
C LEU A 1529 5.32 -1.96 -39.36
N GLY A 1530 5.40 -2.83 -40.37
CA GLY A 1530 6.40 -2.71 -41.40
C GLY A 1530 6.05 -1.69 -42.46
N PRO A 1531 6.71 -1.80 -43.62
CA PRO A 1531 6.42 -0.92 -44.75
C PRO A 1531 4.94 -0.83 -45.12
N ARG A 1532 4.41 0.39 -45.04
CA ARG A 1532 3.03 0.79 -45.37
C ARG A 1532 2.02 0.20 -44.37
N LEU A 1533 2.44 -0.67 -43.46
CA LEU A 1533 1.54 -1.11 -42.39
C LEU A 1533 1.42 -0.03 -41.31
N LEU A 1534 2.40 0.87 -41.25
CA LEU A 1534 2.32 2.02 -40.35
C LEU A 1534 1.20 2.96 -40.80
N LYS A 1535 0.89 2.96 -42.09
CA LYS A 1535 -0.20 3.76 -42.62
C LYS A 1535 -1.52 3.01 -42.35
N GLU A 1536 -2.63 3.59 -42.84
CA GLU A 1536 -4.01 3.16 -42.61
C GLU A 1536 -4.44 3.51 -41.19
N GLU A 1537 -3.59 4.23 -40.47
CA GLU A 1537 -3.92 4.80 -39.18
C GLU A 1537 -3.67 6.30 -39.08
N TRP A 1538 -2.78 6.85 -39.91
CA TRP A 1538 -2.60 8.31 -39.93
C TRP A 1538 -3.88 9.01 -40.37
N ASP A 1539 -4.54 8.50 -41.40
CA ASP A 1539 -5.81 9.08 -41.85
C ASP A 1539 -6.90 8.94 -40.79
N LYS A 1540 -6.92 7.79 -40.10
CA LYS A 1540 -7.89 7.57 -39.04
C LYS A 1540 -7.68 8.56 -37.90
N LEU A 1541 -6.42 8.78 -37.52
CA LEU A 1541 -6.13 9.74 -36.45
C LEU A 1541 -6.40 11.17 -36.88
N ARG A 1542 -6.15 11.48 -38.15
CA ARG A 1542 -6.45 12.82 -38.66
C ARG A 1542 -7.95 13.07 -38.68
N ALA A 1543 -8.74 12.05 -39.00
CA ALA A 1543 -10.18 12.16 -38.88
C ALA A 1543 -10.60 12.29 -37.42
N SER A 1544 -9.93 11.57 -36.53
CA SER A 1544 -10.25 11.67 -35.10
C SER A 1544 -9.87 13.03 -34.54
N PHE A 1545 -8.65 13.49 -34.80
CA PHE A 1545 -8.16 14.77 -34.31
C PHE A 1545 -7.81 15.66 -35.48
N ALA A 1546 -8.46 16.82 -35.57
CA ALA A 1546 -8.25 17.72 -36.68
C ALA A 1546 -6.90 18.43 -36.55
N TRP A 1547 -6.52 19.15 -37.60
CA TRP A 1547 -5.36 20.02 -37.75
C TRP A 1547 -4.02 19.34 -37.47
N LEU A 1548 -3.97 18.02 -37.33
CA LEU A 1548 -2.71 17.32 -37.25
C LEU A 1548 -2.02 17.31 -38.61
N SER A 1549 -0.70 17.16 -38.59
CA SER A 1549 0.09 17.13 -39.81
C SER A 1549 1.30 16.23 -39.63
N THR A 1550 1.77 15.67 -40.74
CA THR A 1550 2.96 14.83 -40.71
C THR A 1550 4.20 15.65 -40.35
N ASP A 1551 4.29 16.87 -40.89
CA ASP A 1551 5.40 17.75 -40.54
C ASP A 1551 5.21 18.29 -39.13
N PRO A 1552 6.25 18.29 -38.30
CA PRO A 1552 6.10 18.82 -36.93
C PRO A 1552 5.73 20.28 -36.87
N SER A 1553 6.19 21.09 -37.84
CA SER A 1553 5.99 22.53 -37.76
C SER A 1553 4.54 22.91 -38.05
N GLU A 1554 3.89 22.21 -38.97
CA GLU A 1554 2.51 22.55 -39.32
C GLU A 1554 1.55 22.28 -38.17
N THR A 1555 1.76 21.17 -37.45
CA THR A 1555 0.91 20.85 -36.31
C THR A 1555 1.06 21.89 -35.20
N LEU A 1556 2.24 22.50 -35.10
CA LEU A 1556 2.44 23.57 -34.14
C LEU A 1556 1.59 24.79 -34.47
N ARG A 1557 1.60 25.22 -35.73
CA ARG A 1557 0.93 26.46 -36.10
C ARG A 1557 -0.59 26.29 -36.16
N ASP A 1558 -1.05 25.07 -36.45
CA ASP A 1558 -2.47 24.87 -36.77
C ASP A 1558 -3.35 24.97 -35.53
N GLY A 1559 -2.96 24.32 -34.44
CA GLY A 1559 -3.87 24.10 -33.33
C GLY A 1559 -3.63 24.96 -32.10
N PRO A 1560 -4.51 24.81 -31.11
CA PRO A 1560 -4.33 25.56 -29.85
C PRO A 1560 -3.07 25.18 -29.11
N PHE A 1561 -2.57 23.97 -29.31
CA PHE A 1561 -1.35 23.49 -28.65
C PHE A 1561 -0.15 24.15 -29.31
N LEU A 1562 0.10 25.40 -28.93
CA LEU A 1562 1.19 26.16 -29.51
C LEU A 1562 2.50 25.88 -28.79
N SER A 1563 2.84 24.59 -28.65
CA SER A 1563 4.08 24.13 -28.06
C SER A 1563 4.21 22.65 -28.38
N HIS A 1564 5.37 22.09 -28.05
CA HIS A 1564 5.59 20.64 -28.12
C HIS A 1564 5.70 20.01 -26.75
N VAL A 1565 5.35 20.74 -25.70
CA VAL A 1565 5.40 20.21 -24.34
C VAL A 1565 4.04 19.71 -23.89
N GLN A 1566 3.00 20.55 -24.05
CA GLN A 1566 1.66 20.15 -23.62
C GLN A 1566 1.08 19.05 -24.51
N PHE A 1567 1.46 19.01 -25.78
CA PHE A 1567 0.90 18.03 -26.70
C PHE A 1567 1.30 16.61 -26.33
N ARG A 1568 2.50 16.42 -25.79
CA ARG A 1568 2.94 15.09 -25.38
C ARG A 1568 2.05 14.56 -24.27
N ASN A 1569 1.81 15.37 -23.24
CA ASN A 1569 0.92 14.96 -22.15
C ASN A 1569 -0.50 14.76 -22.65
N PHE A 1570 -0.95 15.62 -23.56
CA PHE A 1570 -2.31 15.50 -24.07
C PHE A 1570 -2.50 14.19 -24.83
N ILE A 1571 -1.54 13.81 -25.67
CA ILE A 1571 -1.69 12.60 -26.46
C ILE A 1571 -1.45 11.37 -25.60
N ALA A 1572 -0.64 11.51 -24.54
CA ALA A 1572 -0.28 10.34 -23.75
C ALA A 1572 -1.32 10.02 -22.67
N HIS A 1573 -1.90 11.03 -22.04
CA HIS A 1573 -2.73 10.79 -20.87
C HIS A 1573 -4.05 10.12 -21.24
N VAL A 1574 -4.62 10.46 -22.39
CA VAL A 1574 -5.82 9.79 -22.87
C VAL A 1574 -5.43 8.70 -23.87
N ASP A 1575 -5.52 7.45 -23.43
CA ASP A 1575 -5.20 6.30 -24.28
C ASP A 1575 -5.79 5.05 -23.65
N ALA A 1576 -5.95 3.99 -24.44
CA ALA A 1576 -6.55 2.76 -23.95
C ALA A 1576 -5.60 2.05 -22.99
N LYS A 1577 -6.10 1.70 -21.81
CA LYS A 1577 -5.33 0.98 -20.81
C LYS A 1577 -6.16 -0.18 -20.27
N SER A 1578 -5.47 -1.24 -19.85
CA SER A 1578 -6.16 -2.42 -19.35
C SER A 1578 -6.71 -2.19 -17.95
N ARG A 1579 -7.88 -2.76 -17.69
CA ARG A 1579 -8.56 -2.64 -16.40
C ARG A 1579 -8.97 -4.02 -15.93
N SER A 1580 -8.66 -4.34 -14.67
CA SER A 1580 -9.00 -5.62 -14.09
C SER A 1580 -9.40 -5.42 -12.62
N VAL A 1581 -10.12 -6.40 -12.09
CA VAL A 1581 -10.55 -6.39 -10.70
C VAL A 1581 -10.26 -7.77 -10.11
N ARG A 1582 -10.12 -7.80 -8.79
CA ARG A 1582 -9.72 -9.00 -8.04
C ARG A 1582 -10.75 -9.32 -6.97
N LEU A 1583 -12.02 -9.41 -7.38
CA LEU A 1583 -13.12 -9.58 -6.44
C LEU A 1583 -13.01 -10.89 -5.66
N LEU A 1584 -13.49 -10.86 -4.43
CA LEU A 1584 -13.39 -11.96 -3.49
C LEU A 1584 -14.77 -12.57 -3.28
N GLY A 1585 -14.88 -13.88 -3.53
CA GLY A 1585 -16.17 -14.54 -3.39
C GLY A 1585 -16.18 -15.99 -3.81
N ALA A 1586 -17.32 -16.47 -4.30
CA ALA A 1586 -17.43 -17.84 -4.74
C ALA A 1586 -16.61 -18.07 -6.01
N PRO A 1587 -16.06 -19.27 -6.19
CA PRO A 1587 -15.25 -19.54 -7.40
C PRO A 1587 -16.10 -19.60 -8.66
N VAL A 1588 -15.48 -19.21 -9.77
CA VAL A 1588 -16.07 -19.34 -11.09
C VAL A 1588 -15.01 -19.89 -12.03
N LYS A 1589 -15.33 -20.99 -12.71
CA LYS A 1589 -14.39 -21.63 -13.62
C LYS A 1589 -14.55 -21.12 -15.05
N LYS A 1590 -15.75 -21.28 -15.61
CA LYS A 1590 -16.03 -20.81 -16.96
C LYS A 1590 -17.53 -20.57 -17.14
N VAL A 1594 -18.88 -14.26 -20.82
CA VAL A 1594 -19.49 -13.02 -20.36
C VAL A 1594 -20.48 -13.33 -19.24
N THR A 1595 -20.79 -14.63 -19.07
CA THR A 1595 -21.71 -15.04 -18.02
C THR A 1595 -21.10 -14.89 -16.63
N THR A 1596 -19.77 -14.82 -16.53
CA THR A 1596 -19.13 -14.68 -15.22
C THR A 1596 -19.44 -13.31 -14.61
N ILE A 1597 -19.56 -12.27 -15.43
CA ILE A 1597 -19.86 -10.94 -14.92
C ILE A 1597 -21.29 -10.89 -14.38
N SER A 1598 -22.24 -11.48 -15.12
CA SER A 1598 -23.61 -11.55 -14.65
C SER A 1598 -23.71 -12.40 -13.39
N GLN A 1599 -22.96 -13.50 -13.33
CA GLN A 1599 -22.90 -14.31 -12.13
C GLN A 1599 -22.42 -13.51 -10.93
N VAL A 1600 -21.36 -12.71 -11.12
CA VAL A 1600 -20.80 -11.92 -10.03
C VAL A 1600 -21.79 -10.86 -9.58
N VAL A 1601 -22.44 -10.16 -10.53
CA VAL A 1601 -23.42 -9.14 -10.17
C VAL A 1601 -24.60 -9.77 -9.43
N ARG A 1602 -25.00 -10.98 -9.85
CA ARG A 1602 -26.14 -11.64 -9.24
C ARG A 1602 -25.83 -12.28 -7.90
N MET A 1603 -24.57 -12.55 -7.59
CA MET A 1603 -24.16 -13.07 -6.29
C MET A 1603 -23.59 -12.04 -5.33
N ASN A 1604 -22.80 -11.08 -5.80
CA ASN A 1604 -22.04 -10.21 -4.93
C ASN A 1604 -22.74 -8.90 -4.61
N PHE A 1605 -24.02 -8.76 -5.00
CA PHE A 1605 -24.75 -7.54 -4.65
C PHE A 1605 -24.94 -7.43 -3.14
N PHE A 1606 -25.24 -8.54 -2.47
CA PHE A 1606 -25.38 -8.59 -1.03
C PHE A 1606 -25.14 -10.02 -0.60
N PRO A 1607 -24.39 -10.26 0.49
CA PRO A 1607 -24.13 -11.64 0.92
C PRO A 1607 -25.41 -12.33 1.37
N GLY A 1608 -25.67 -13.50 0.79
CA GLY A 1608 -26.89 -14.22 1.06
C GLY A 1608 -28.08 -13.78 0.25
N PHE A 1609 -27.91 -12.91 -0.73
CA PHE A 1609 -28.99 -12.41 -1.55
C PHE A 1609 -28.63 -12.58 -3.02
N SER A 1610 -29.64 -12.93 -3.82
CA SER A 1610 -29.47 -13.09 -5.26
C SER A 1610 -30.52 -12.25 -5.97
N LEU A 1611 -30.07 -11.40 -6.90
CA LEU A 1611 -30.98 -10.53 -7.61
C LEU A 1611 -31.88 -11.31 -8.58
N GLU A 1612 -31.31 -12.31 -9.25
CA GLU A 1612 -32.02 -13.17 -10.19
C GLU A 1612 -32.73 -12.38 -11.28
N ALA A 1613 -33.95 -12.76 -11.61
CA ALA A 1613 -34.70 -12.09 -12.67
C ALA A 1613 -36.19 -12.06 -12.32
#